data_4B09
#
_entry.id   4B09
#
_cell.length_a   236.602
_cell.length_b   130.401
_cell.length_c   198.213
_cell.angle_alpha   90.00
_cell.angle_beta   90.40
_cell.angle_gamma   90.00
#
_symmetry.space_group_name_H-M   'C 1 2 1'
#
loop_
_entity.id
_entity.type
_entity.pdbx_description
1 polymer 'TRANSCRIPTIONAL REGULATORY PROTEIN BAER'
2 non-polymer 'HEXATANTALUM DODECABROMIDE'
#
_entity_poly.entity_id   1
_entity_poly.type   'polypeptide(L)'
_entity_poly.pdbx_seq_one_letter_code
;MTELPIDENTPRILIVEDEPKLGQLLIDYLRAASYAPTLISHGDQVLPYVRQTPPDLILLDLMLPGTDGLML(CAS)REI
RRFSDIPIVMVTAKIEEIDRLLGLEIGADDYI(CAS)KPYSPREVVARVKTILRRCKPQRELQQQDAESPLIIDEGRFQA
SWRGKMLDLTPAEFRLLKTLSHEPGKVFSREQLLNHLYDDYRVVTDRTIDSHIKNLRRKLESLDAEQSFIRAVYGVGYRW
EADACRIV
;
_entity_poly.pdbx_strand_id   A,B,C,D,E,F,G,H,I,J,K,L
#
# COMPACT_ATOMS: atom_id res chain seq x y z
N ASN A 9 -45.37 -14.21 -14.63
CA ASN A 9 -45.62 -13.17 -13.64
C ASN A 9 -45.79 -11.80 -14.28
N THR A 10 -46.88 -11.63 -15.02
CA THR A 10 -47.18 -10.38 -15.70
C THR A 10 -48.55 -9.88 -15.23
N PRO A 11 -48.79 -8.56 -15.31
CA PRO A 11 -50.07 -7.99 -14.90
C PRO A 11 -51.27 -8.64 -15.60
N ARG A 12 -52.22 -9.14 -14.81
CA ARG A 12 -53.41 -9.77 -15.35
C ARG A 12 -54.57 -8.78 -15.40
N ILE A 13 -55.33 -8.82 -16.49
CA ILE A 13 -56.41 -7.87 -16.70
C ILE A 13 -57.74 -8.57 -16.96
N LEU A 14 -58.75 -8.24 -16.17
CA LEU A 14 -60.08 -8.80 -16.35
C LEU A 14 -60.92 -7.93 -17.28
N ILE A 15 -61.25 -8.48 -18.45
CA ILE A 15 -62.10 -7.77 -19.40
C ILE A 15 -63.55 -8.22 -19.23
N VAL A 16 -64.39 -7.33 -18.73
CA VAL A 16 -65.81 -7.62 -18.62
C VAL A 16 -66.54 -7.13 -19.85
N GLU A 17 -66.72 -8.03 -20.82
CA GLU A 17 -67.32 -7.68 -22.09
C GLU A 17 -68.27 -8.78 -22.57
N ASP A 18 -69.44 -8.39 -23.07
CA ASP A 18 -70.42 -9.34 -23.56
C ASP A 18 -70.23 -9.68 -25.03
N GLU A 19 -69.95 -8.67 -25.86
CA GLU A 19 -69.76 -8.88 -27.28
C GLU A 19 -68.48 -9.69 -27.53
N PRO A 20 -68.63 -10.90 -28.10
CA PRO A 20 -67.54 -11.85 -28.28
C PRO A 20 -66.43 -11.37 -29.21
N LYS A 21 -66.79 -10.71 -30.30
CA LYS A 21 -65.79 -10.22 -31.26
C LYS A 21 -64.86 -9.20 -30.61
N LEU A 22 -65.43 -8.17 -30.01
CA LEU A 22 -64.65 -7.14 -29.34
C LEU A 22 -63.92 -7.72 -28.13
N GLY A 23 -64.55 -8.67 -27.46
CA GLY A 23 -63.95 -9.34 -26.32
C GLY A 23 -62.64 -10.01 -26.69
N GLN A 24 -62.65 -10.76 -27.80
CA GLN A 24 -61.46 -11.42 -28.29
C GLN A 24 -60.43 -10.40 -28.79
N LEU A 25 -60.93 -9.32 -29.41
CA LEU A 25 -60.07 -8.28 -29.94
C LEU A 25 -59.27 -7.62 -28.83
N LEU A 26 -59.92 -7.34 -27.72
CA LEU A 26 -59.26 -6.76 -26.55
C LEU A 26 -58.27 -7.75 -25.94
N ILE A 27 -58.58 -9.03 -26.03
CA ILE A 27 -57.67 -10.07 -25.56
C ILE A 27 -56.41 -10.10 -26.42
N ASP A 28 -56.59 -10.05 -27.74
CA ASP A 28 -55.48 -10.04 -28.68
C ASP A 28 -54.55 -8.85 -28.45
N TYR A 29 -55.13 -7.67 -28.29
CA TYR A 29 -54.36 -6.46 -28.06
C TYR A 29 -53.62 -6.48 -26.74
N LEU A 30 -54.30 -6.90 -25.68
CA LEU A 30 -53.71 -6.90 -24.34
C LEU A 30 -52.65 -7.98 -24.16
N ARG A 31 -52.90 -9.16 -24.74
CA ARG A 31 -51.93 -10.26 -24.64
C ARG A 31 -50.67 -9.90 -25.42
N ALA A 32 -50.83 -9.15 -26.49
CA ALA A 32 -49.69 -8.72 -27.30
C ALA A 32 -48.89 -7.63 -26.58
N ALA A 33 -49.53 -6.99 -25.61
CA ALA A 33 -48.86 -5.98 -24.79
C ALA A 33 -48.28 -6.60 -23.53
N SER A 34 -48.02 -7.91 -23.59
CA SER A 34 -47.44 -8.67 -22.48
C SER A 34 -48.29 -8.60 -21.21
N TYR A 35 -49.60 -8.73 -21.36
CA TYR A 35 -50.52 -8.80 -20.23
C TYR A 35 -51.19 -10.17 -20.20
N ALA A 36 -51.99 -10.40 -19.16
CA ALA A 36 -52.72 -11.66 -19.04
C ALA A 36 -54.23 -11.41 -19.04
N PRO A 37 -54.81 -11.30 -20.23
CA PRO A 37 -56.24 -10.96 -20.40
C PRO A 37 -57.16 -12.11 -20.01
N THR A 38 -58.31 -11.76 -19.43
CA THR A 38 -59.34 -12.75 -19.11
C THR A 38 -60.71 -12.15 -19.38
N LEU A 39 -61.55 -12.88 -20.12
CA LEU A 39 -62.84 -12.36 -20.54
C LEU A 39 -64.00 -12.93 -19.72
N ILE A 40 -64.95 -12.07 -19.37
CA ILE A 40 -66.12 -12.48 -18.60
C ILE A 40 -67.41 -11.96 -19.22
N SER A 41 -68.41 -12.83 -19.33
CA SER A 41 -69.69 -12.48 -19.92
C SER A 41 -70.62 -11.76 -18.94
N HIS A 42 -70.09 -10.77 -18.23
CA HIS A 42 -70.85 -9.98 -17.27
C HIS A 42 -71.52 -10.87 -16.23
N GLY A 43 -72.69 -10.46 -15.77
CA GLY A 43 -73.51 -11.28 -14.89
C GLY A 43 -72.96 -11.50 -13.49
N ASP A 44 -73.38 -12.61 -12.89
CA ASP A 44 -73.02 -12.93 -11.51
C ASP A 44 -71.55 -13.34 -11.38
N GLN A 45 -70.99 -13.88 -12.45
CA GLN A 45 -69.66 -14.47 -12.44
C GLN A 45 -68.55 -13.50 -12.01
N VAL A 46 -68.76 -12.21 -12.27
CA VAL A 46 -67.73 -11.20 -12.06
C VAL A 46 -67.27 -11.09 -10.61
N LEU A 47 -68.20 -10.80 -9.71
CA LEU A 47 -67.88 -10.54 -8.30
C LEU A 47 -67.05 -11.61 -7.57
N PRO A 48 -67.47 -12.89 -7.64
CA PRO A 48 -66.66 -13.89 -6.93
C PRO A 48 -65.29 -14.07 -7.57
N TYR A 49 -65.17 -13.75 -8.85
CA TYR A 49 -63.89 -13.85 -9.55
C TYR A 49 -62.93 -12.79 -9.03
N VAL A 50 -63.45 -11.60 -8.75
CA VAL A 50 -62.63 -10.50 -8.24
C VAL A 50 -62.18 -10.77 -6.81
N ARG A 51 -63.02 -11.47 -6.04
CA ARG A 51 -62.70 -11.81 -4.66
C ARG A 51 -61.64 -12.92 -4.59
N GLN A 52 -61.83 -13.95 -5.40
CA GLN A 52 -60.95 -15.12 -5.35
C GLN A 52 -59.71 -14.95 -6.21
N THR A 53 -59.89 -14.45 -7.43
CA THR A 53 -58.76 -14.20 -8.33
C THR A 53 -58.70 -12.73 -8.72
N PRO A 54 -58.17 -11.89 -7.82
CA PRO A 54 -58.10 -10.45 -8.07
C PRO A 54 -57.15 -10.11 -9.21
N PRO A 55 -57.62 -9.30 -10.17
CA PRO A 55 -56.77 -8.83 -11.27
C PRO A 55 -55.98 -7.61 -10.85
N ASP A 56 -55.10 -7.13 -11.73
CA ASP A 56 -54.35 -5.91 -11.47
C ASP A 56 -55.09 -4.71 -12.03
N LEU A 57 -56.06 -4.98 -12.90
CA LEU A 57 -56.88 -3.94 -13.50
C LEU A 57 -58.15 -4.55 -14.07
N ILE A 58 -59.26 -3.81 -14.00
CA ILE A 58 -60.53 -4.28 -14.54
C ILE A 58 -61.00 -3.39 -15.69
N LEU A 59 -61.05 -3.97 -16.88
CA LEU A 59 -61.58 -3.26 -18.06
C LEU A 59 -63.06 -3.55 -18.17
N LEU A 60 -63.89 -2.57 -17.80
CA LEU A 60 -65.33 -2.77 -17.72
C LEU A 60 -66.11 -2.00 -18.78
N ASP A 61 -66.96 -2.74 -19.50
CA ASP A 61 -67.83 -2.14 -20.50
C ASP A 61 -69.16 -1.78 -19.85
N LEU A 62 -69.37 -0.48 -19.60
CA LEU A 62 -70.66 0.00 -19.16
C LEU A 62 -71.62 0.03 -20.34
N MET A 63 -72.48 -0.98 -20.44
CA MET A 63 -73.42 -1.04 -21.53
C MET A 63 -74.46 0.08 -21.43
N LEU A 64 -74.01 1.31 -21.65
CA LEU A 64 -74.87 2.48 -21.58
C LEU A 64 -75.91 2.48 -22.70
N PRO A 65 -77.15 2.92 -22.40
CA PRO A 65 -77.67 3.42 -21.12
C PRO A 65 -77.67 2.38 -20.00
N GLY A 66 -78.31 1.24 -20.22
CA GLY A 66 -78.26 0.09 -19.33
C GLY A 66 -78.26 0.30 -17.83
N THR A 67 -77.21 0.94 -17.32
CA THR A 67 -76.98 1.15 -15.88
C THR A 67 -76.61 -0.12 -15.11
N ASP A 68 -76.61 -1.25 -15.81
CA ASP A 68 -76.20 -2.52 -15.19
C ASP A 68 -74.69 -2.59 -15.08
N GLY A 69 -74.00 -1.83 -15.93
CA GLY A 69 -72.56 -1.74 -15.88
C GLY A 69 -72.11 -0.92 -14.68
N LEU A 70 -72.75 0.23 -14.48
CA LEU A 70 -72.44 1.10 -13.36
C LEU A 70 -72.76 0.45 -12.02
N MET A 71 -73.82 -0.35 -12.00
CA MET A 71 -74.22 -1.05 -10.78
C MET A 71 -73.21 -2.12 -10.39
N LEU A 72 -72.70 -2.85 -11.38
CA LEU A 72 -71.65 -3.82 -11.15
C LEU A 72 -70.35 -3.09 -10.79
N ARG A 74 -70.06 -0.23 -9.28
CA ARG A 74 -70.18 0.27 -7.91
C ARG A 74 -70.03 -0.87 -6.90
N GLU A 75 -70.48 -2.06 -7.29
CA GLU A 75 -70.42 -3.23 -6.42
C GLU A 75 -68.97 -3.65 -6.16
N ILE A 76 -68.17 -3.69 -7.23
CA ILE A 76 -66.76 -4.06 -7.13
C ILE A 76 -65.98 -3.08 -6.29
N ARG A 77 -66.25 -1.79 -6.51
CA ARG A 77 -65.55 -0.71 -5.81
C ARG A 77 -65.77 -0.75 -4.30
N ARG A 78 -66.87 -1.38 -3.89
CA ARG A 78 -67.24 -1.42 -2.48
C ARG A 78 -66.24 -2.19 -1.61
N PHE A 79 -65.69 -3.27 -2.15
CA PHE A 79 -64.79 -4.10 -1.35
C PHE A 79 -63.34 -4.14 -1.84
N SER A 80 -63.06 -3.52 -2.98
CA SER A 80 -61.70 -3.50 -3.51
C SER A 80 -61.34 -2.17 -4.15
N ASP A 81 -60.04 -1.83 -4.12
CA ASP A 81 -59.55 -0.60 -4.72
C ASP A 81 -58.81 -0.89 -6.03
N ILE A 82 -59.15 -2.00 -6.66
CA ILE A 82 -58.58 -2.36 -7.95
C ILE A 82 -59.03 -1.35 -9.00
N PRO A 83 -58.07 -0.82 -9.78
CA PRO A 83 -58.39 0.18 -10.81
C PRO A 83 -59.37 -0.35 -11.85
N ILE A 84 -60.39 0.45 -12.16
CA ILE A 84 -61.40 0.07 -13.14
C ILE A 84 -61.46 1.07 -14.29
N VAL A 85 -61.28 0.57 -15.50
CA VAL A 85 -61.43 1.41 -16.69
C VAL A 85 -62.83 1.29 -17.25
N MET A 86 -63.63 2.33 -17.02
CA MET A 86 -65.02 2.33 -17.44
C MET A 86 -65.17 2.73 -18.90
N VAL A 87 -65.40 1.75 -19.76
CA VAL A 87 -65.58 2.00 -21.18
C VAL A 87 -66.98 2.56 -21.45
N THR A 88 -67.03 3.74 -22.07
CA THR A 88 -68.29 4.44 -22.30
C THR A 88 -68.94 4.12 -23.65
N ALA A 89 -68.17 4.21 -24.72
CA ALA A 89 -68.69 3.97 -26.07
C ALA A 89 -68.17 2.68 -26.66
N LYS A 90 -68.48 2.44 -27.94
CA LYS A 90 -68.00 1.25 -28.62
C LYS A 90 -66.58 1.42 -29.13
N ILE A 91 -65.68 0.57 -28.65
CA ILE A 91 -64.28 0.62 -29.07
C ILE A 91 -64.11 0.03 -30.46
N GLU A 92 -63.55 0.82 -31.38
CA GLU A 92 -63.34 0.36 -32.74
C GLU A 92 -61.91 0.66 -33.21
N GLU A 93 -61.38 -0.22 -34.06
CA GLU A 93 -60.08 0.00 -34.67
C GLU A 93 -60.21 0.99 -35.81
N ILE A 94 -59.11 1.68 -36.11
CA ILE A 94 -59.03 2.51 -37.31
C ILE A 94 -57.77 2.18 -38.09
N ASP A 95 -57.84 1.15 -38.92
CA ASP A 95 -56.69 0.70 -39.71
C ASP A 95 -56.40 1.67 -40.85
N ARG A 96 -57.33 2.58 -41.10
CA ARG A 96 -57.16 3.62 -42.11
C ARG A 96 -56.01 4.55 -41.72
N LEU A 97 -55.79 4.69 -40.42
CA LEU A 97 -54.76 5.58 -39.90
C LEU A 97 -53.36 4.99 -39.99
N LEU A 98 -53.27 3.66 -40.03
CA LEU A 98 -51.98 2.98 -40.08
C LEU A 98 -51.23 3.31 -41.36
N GLY A 99 -49.97 3.72 -41.21
CA GLY A 99 -49.13 4.04 -42.35
C GLY A 99 -49.23 5.50 -42.78
N LEU A 100 -50.20 6.21 -42.22
CA LEU A 100 -50.39 7.62 -42.54
C LEU A 100 -49.21 8.46 -42.06
N GLU A 101 -48.64 9.25 -42.96
CA GLU A 101 -47.48 10.07 -42.63
C GLU A 101 -47.91 11.37 -41.98
N ILE A 102 -47.38 11.65 -40.80
CA ILE A 102 -47.73 12.84 -40.04
C ILE A 102 -46.70 13.95 -40.22
N GLY A 103 -47.14 15.08 -40.77
CA GLY A 103 -46.26 16.23 -40.97
C GLY A 103 -46.17 17.08 -39.72
N ALA A 104 -45.67 18.31 -39.89
CA ALA A 104 -45.51 19.23 -38.77
C ALA A 104 -46.77 20.06 -38.57
N ASP A 105 -47.70 19.96 -39.52
CA ASP A 105 -48.96 20.69 -39.44
C ASP A 105 -50.13 19.71 -39.42
N ASP A 106 -49.83 18.44 -39.19
CA ASP A 106 -50.85 17.39 -39.16
C ASP A 106 -51.08 16.94 -37.73
N TYR A 107 -52.21 17.33 -37.16
CA TYR A 107 -52.55 16.97 -35.79
C TYR A 107 -53.70 15.98 -35.78
N ILE A 108 -53.42 14.76 -35.34
CA ILE A 108 -54.43 13.70 -35.32
C ILE A 108 -54.90 13.41 -33.90
N LYS A 110 -56.41 11.49 -30.98
CA LYS A 110 -56.37 10.06 -30.70
C LYS A 110 -57.73 9.40 -30.83
N PRO A 111 -57.79 8.26 -31.53
CA PRO A 111 -59.03 7.54 -31.81
C PRO A 111 -59.49 6.71 -30.61
N TYR A 112 -60.66 6.09 -30.76
CA TYR A 112 -61.21 5.22 -29.72
C TYR A 112 -60.77 3.80 -29.98
N SER A 113 -59.47 3.64 -30.28
CA SER A 113 -58.90 2.38 -30.73
C SER A 113 -58.62 1.45 -29.54
N PRO A 114 -58.63 0.13 -29.79
CA PRO A 114 -58.19 -0.83 -28.77
C PRO A 114 -56.72 -0.60 -28.43
N ARG A 115 -55.99 -0.02 -29.38
CA ARG A 115 -54.60 0.39 -29.17
C ARG A 115 -54.53 1.40 -28.02
N GLU A 116 -55.44 2.37 -28.07
CA GLU A 116 -55.47 3.43 -27.06
C GLU A 116 -55.97 2.88 -25.72
N VAL A 117 -56.76 1.81 -25.77
CA VAL A 117 -57.20 1.14 -24.55
C VAL A 117 -55.99 0.52 -23.87
N VAL A 118 -55.18 -0.18 -24.65
CA VAL A 118 -53.91 -0.73 -24.18
C VAL A 118 -53.03 0.39 -23.65
N ALA A 119 -53.03 1.52 -24.36
CA ALA A 119 -52.22 2.67 -23.99
C ALA A 119 -52.54 3.19 -22.60
N ARG A 120 -53.83 3.40 -22.33
CA ARG A 120 -54.26 3.90 -21.03
C ARG A 120 -53.98 2.90 -19.92
N VAL A 121 -54.11 1.61 -20.22
CA VAL A 121 -53.82 0.55 -19.26
C VAL A 121 -52.35 0.58 -18.84
N LYS A 122 -51.47 0.81 -19.81
CA LYS A 122 -50.04 0.96 -19.51
C LYS A 122 -49.78 2.11 -18.55
N THR A 123 -50.49 3.22 -18.76
CA THR A 123 -50.34 4.40 -17.93
C THR A 123 -50.74 4.12 -16.48
N ILE A 124 -51.87 3.43 -16.33
CA ILE A 124 -52.41 3.11 -15.01
C ILE A 124 -51.49 2.15 -14.25
N LEU A 125 -50.88 1.23 -14.98
CA LEU A 125 -49.98 0.24 -14.39
C LEU A 125 -48.51 0.66 -14.54
N ARG A 126 -48.05 1.47 -13.59
CA ARG A 126 -46.67 1.95 -13.62
C ARG A 126 -46.01 1.77 -12.26
N SER A 141 -24.19 9.05 4.37
CA SER A 141 -24.01 10.10 3.39
C SER A 141 -25.11 11.15 3.47
N PRO A 142 -24.95 12.13 4.38
CA PRO A 142 -25.93 13.20 4.58
C PRO A 142 -26.00 14.16 3.40
N LEU A 143 -25.01 14.11 2.52
CA LEU A 143 -24.98 14.98 1.35
C LEU A 143 -25.37 14.22 0.08
N ILE A 144 -26.52 14.59 -0.47
CA ILE A 144 -27.03 13.97 -1.68
C ILE A 144 -27.07 14.97 -2.83
N ILE A 145 -26.42 14.64 -3.94
CA ILE A 145 -26.40 15.50 -5.11
C ILE A 145 -27.00 14.82 -6.33
N ASP A 146 -27.93 15.50 -6.99
CA ASP A 146 -28.54 15.00 -8.21
C ASP A 146 -28.19 15.91 -9.38
N GLU A 147 -27.33 15.43 -10.28
CA GLU A 147 -26.85 16.25 -11.39
C GLU A 147 -27.82 16.23 -12.57
N GLY A 148 -28.88 15.43 -12.45
CA GLY A 148 -29.91 15.39 -13.46
C GLY A 148 -30.82 16.61 -13.37
N ARG A 149 -31.04 17.07 -12.14
CA ARG A 149 -31.87 18.24 -11.90
C ARG A 149 -31.08 19.36 -11.24
N PHE A 150 -29.80 19.08 -10.97
CA PHE A 150 -28.87 20.07 -10.39
C PHE A 150 -29.34 20.59 -9.04
N GLN A 151 -29.56 19.69 -8.10
CA GLN A 151 -29.98 20.09 -6.76
C GLN A 151 -29.24 19.29 -5.69
N ALA A 152 -28.97 19.92 -4.55
CA ALA A 152 -28.25 19.27 -3.47
C ALA A 152 -29.01 19.39 -2.16
N SER A 153 -28.68 18.52 -1.21
CA SER A 153 -29.34 18.52 0.10
C SER A 153 -28.39 18.04 1.19
N TRP A 154 -28.35 18.78 2.29
CA TRP A 154 -27.56 18.38 3.45
C TRP A 154 -28.48 17.86 4.57
N ARG A 155 -28.30 16.60 4.91
CA ARG A 155 -29.14 15.90 5.89
C ARG A 155 -30.63 15.89 5.51
N GLY A 156 -30.91 16.08 4.22
CA GLY A 156 -32.28 16.07 3.75
C GLY A 156 -32.82 17.46 3.44
N LYS A 157 -32.22 18.47 4.06
CA LYS A 157 -32.63 19.86 3.84
C LYS A 157 -32.09 20.38 2.51
N MET A 158 -32.98 20.88 1.66
CA MET A 158 -32.59 21.36 0.34
C MET A 158 -31.71 22.61 0.41
N LEU A 159 -30.84 22.75 -0.58
CA LEU A 159 -29.94 23.91 -0.67
C LEU A 159 -30.30 24.77 -1.88
N ASP A 160 -30.46 26.08 -1.64
CA ASP A 160 -30.73 27.01 -2.72
C ASP A 160 -29.40 27.59 -3.23
N LEU A 161 -28.86 26.96 -4.26
CA LEU A 161 -27.54 27.33 -4.75
C LEU A 161 -27.58 27.92 -6.16
N THR A 162 -26.63 28.79 -6.45
CA THR A 162 -26.43 29.27 -7.81
C THR A 162 -25.65 28.18 -8.52
N PRO A 163 -25.71 28.15 -9.86
CA PRO A 163 -25.03 27.11 -10.63
C PRO A 163 -23.52 27.01 -10.34
N ALA A 164 -22.89 28.11 -9.97
CA ALA A 164 -21.47 28.08 -9.63
C ALA A 164 -21.24 27.41 -8.28
N GLU A 165 -22.06 27.77 -7.30
CA GLU A 165 -21.98 27.19 -5.97
C GLU A 165 -22.28 25.69 -6.01
N PHE A 166 -23.12 25.29 -6.95
CA PHE A 166 -23.42 23.88 -7.15
C PHE A 166 -22.21 23.13 -7.70
N ARG A 167 -21.62 23.67 -8.75
CA ARG A 167 -20.48 23.02 -9.40
C ARG A 167 -19.30 22.90 -8.44
N LEU A 168 -19.11 23.90 -7.60
CA LEU A 168 -18.05 23.86 -6.61
C LEU A 168 -18.35 22.86 -5.50
N LEU A 169 -19.62 22.77 -5.12
CA LEU A 169 -20.05 21.82 -4.10
C LEU A 169 -19.79 20.39 -4.55
N LYS A 170 -20.21 20.07 -5.77
CA LYS A 170 -20.02 18.73 -6.31
C LYS A 170 -18.55 18.41 -6.51
N THR A 171 -17.79 19.42 -6.93
CA THR A 171 -16.36 19.26 -7.17
C THR A 171 -15.61 18.88 -5.90
N LEU A 172 -15.81 19.66 -4.85
CA LEU A 172 -15.12 19.44 -3.58
C LEU A 172 -15.59 18.16 -2.89
N SER A 173 -16.90 17.99 -2.82
CA SER A 173 -17.49 16.87 -2.08
C SER A 173 -17.27 15.51 -2.74
N HIS A 174 -17.01 15.50 -4.04
CA HIS A 174 -16.79 14.24 -4.75
C HIS A 174 -15.46 13.64 -4.35
N GLU A 175 -14.45 14.50 -4.20
CA GLU A 175 -13.13 14.06 -3.73
C GLU A 175 -12.80 14.78 -2.43
N PRO A 176 -13.35 14.27 -1.31
CA PRO A 176 -13.12 14.89 0.00
C PRO A 176 -11.69 14.66 0.47
N GLY A 177 -11.13 15.64 1.16
CA GLY A 177 -9.76 15.55 1.63
C GLY A 177 -8.77 15.90 0.54
N LYS A 178 -9.29 16.35 -0.61
CA LYS A 178 -8.44 16.75 -1.72
C LYS A 178 -8.42 18.27 -1.86
N VAL A 179 -7.22 18.84 -1.83
CA VAL A 179 -7.07 20.28 -1.99
C VAL A 179 -7.19 20.68 -3.46
N PHE A 180 -8.15 21.53 -3.75
CA PHE A 180 -8.31 22.09 -5.09
C PHE A 180 -7.80 23.52 -5.09
N SER A 181 -6.82 23.81 -5.96
CA SER A 181 -6.31 25.17 -6.08
C SER A 181 -7.37 26.08 -6.67
N ARG A 182 -7.16 27.39 -6.54
CA ARG A 182 -8.12 28.37 -7.04
C ARG A 182 -8.25 28.32 -8.55
N GLU A 183 -7.17 27.89 -9.22
CA GLU A 183 -7.16 27.78 -10.67
C GLU A 183 -7.91 26.53 -11.13
N GLN A 184 -7.80 25.45 -10.36
CA GLN A 184 -8.47 24.19 -10.68
C GLN A 184 -9.98 24.35 -10.65
N LEU A 185 -10.49 25.01 -9.61
CA LEU A 185 -11.92 25.23 -9.47
C LEU A 185 -12.45 26.10 -10.59
N LEU A 186 -11.63 27.04 -11.04
CA LEU A 186 -12.00 27.90 -12.17
C LEU A 186 -12.19 27.08 -13.44
N ASN A 187 -11.32 26.08 -13.63
CA ASN A 187 -11.40 25.21 -14.80
C ASN A 187 -12.58 24.26 -14.74
N HIS A 188 -13.06 23.98 -13.53
CA HIS A 188 -14.29 23.21 -13.37
C HIS A 188 -15.50 24.09 -13.68
N LEU A 189 -15.37 25.39 -13.43
CA LEU A 189 -16.43 26.34 -13.72
C LEU A 189 -16.47 26.70 -15.20
N TYR A 190 -15.29 26.70 -15.83
CA TYR A 190 -15.20 26.94 -17.27
C TYR A 190 -15.83 25.81 -18.07
N ASP A 191 -15.53 24.58 -17.66
CA ASP A 191 -16.03 23.41 -18.36
C ASP A 191 -17.54 23.27 -18.22
N ASP A 192 -18.08 23.88 -17.17
CA ASP A 192 -19.52 23.81 -16.92
C ASP A 192 -20.24 25.04 -17.47
N TYR A 193 -20.71 24.92 -18.71
CA TYR A 193 -21.61 25.93 -19.26
C TYR A 193 -22.92 25.72 -18.51
N ARG A 194 -23.71 26.79 -18.38
CA ARG A 194 -24.77 27.00 -17.36
C ARG A 194 -24.13 27.61 -16.12
N VAL A 195 -22.82 27.88 -16.21
CA VAL A 195 -22.08 28.69 -15.21
C VAL A 195 -21.35 29.91 -15.80
N VAL A 196 -21.94 31.08 -15.59
CA VAL A 196 -21.35 32.35 -15.99
C VAL A 196 -21.17 33.23 -14.77
N THR A 197 -19.94 33.66 -14.52
CA THR A 197 -19.59 34.23 -13.24
C THR A 197 -18.72 35.48 -13.38
N ASP A 198 -19.05 36.50 -12.59
CA ASP A 198 -18.24 37.71 -12.51
C ASP A 198 -17.63 37.80 -11.13
N ARG A 199 -17.96 36.83 -10.27
CA ARG A 199 -17.42 36.74 -8.93
C ARG A 199 -16.08 36.03 -8.91
N THR A 200 -15.43 36.01 -7.75
CA THR A 200 -14.19 35.26 -7.58
C THR A 200 -14.48 33.93 -6.89
N ILE A 201 -13.51 33.02 -6.90
CA ILE A 201 -13.66 31.72 -6.26
C ILE A 201 -13.85 31.87 -4.75
N ASP A 202 -13.13 32.82 -4.15
CA ASP A 202 -13.22 33.06 -2.72
C ASP A 202 -14.63 33.48 -2.31
N SER A 203 -15.29 34.24 -3.17
CA SER A 203 -16.66 34.66 -2.91
C SER A 203 -17.61 33.48 -2.83
N HIS A 204 -17.56 32.62 -3.84
CA HIS A 204 -18.43 31.44 -3.91
C HIS A 204 -18.24 30.51 -2.73
N ILE A 205 -16.99 30.16 -2.46
CA ILE A 205 -16.65 29.25 -1.37
C ILE A 205 -17.25 29.72 -0.04
N LYS A 206 -17.15 31.02 0.23
CA LYS A 206 -17.75 31.59 1.42
C LYS A 206 -19.27 31.50 1.37
N ASN A 207 -19.85 31.79 0.21
CA ASN A 207 -21.29 31.74 0.04
C ASN A 207 -21.85 30.32 0.19
N LEU A 208 -21.18 29.37 -0.44
CA LEU A 208 -21.55 27.97 -0.33
C LEU A 208 -21.44 27.49 1.11
N ARG A 209 -20.36 27.90 1.77
CA ARG A 209 -20.13 27.53 3.16
C ARG A 209 -21.17 28.18 4.07
N ARG A 210 -21.55 29.41 3.73
CA ARG A 210 -22.55 30.14 4.50
C ARG A 210 -23.90 29.43 4.46
N LYS A 211 -24.24 28.88 3.29
CA LYS A 211 -25.50 28.17 3.12
C LYS A 211 -25.44 26.78 3.75
N LEU A 212 -24.24 26.20 3.80
CA LEU A 212 -24.05 24.90 4.43
C LEU A 212 -24.06 25.02 5.95
N GLU A 213 -23.45 26.09 6.46
CA GLU A 213 -23.42 26.34 7.89
C GLU A 213 -24.79 26.77 8.41
N SER A 214 -25.67 27.15 7.49
CA SER A 214 -27.04 27.51 7.83
C SER A 214 -27.80 26.27 8.30
N LEU A 215 -27.48 25.12 7.70
CA LEU A 215 -28.19 23.88 7.99
C LEU A 215 -27.55 23.12 9.15
N ASP A 216 -26.27 23.35 9.39
CA ASP A 216 -25.54 22.57 10.39
C ASP A 216 -24.88 23.42 11.47
N ALA A 217 -23.85 24.18 11.08
CA ALA A 217 -23.04 25.00 12.00
C ALA A 217 -22.24 24.17 13.01
N GLU A 218 -22.38 22.85 12.93
CA GLU A 218 -21.64 21.93 13.79
C GLU A 218 -20.69 21.10 12.93
N GLN A 219 -20.66 21.39 11.64
CA GLN A 219 -19.86 20.62 10.70
C GLN A 219 -18.81 21.48 10.01
N SER A 220 -17.61 20.93 9.86
CA SER A 220 -16.54 21.58 9.12
C SER A 220 -16.65 21.20 7.65
N PHE A 221 -17.20 22.10 6.84
CA PHE A 221 -17.49 21.80 5.44
C PHE A 221 -16.30 22.07 4.51
N ILE A 222 -15.93 23.34 4.37
CA ILE A 222 -14.87 23.72 3.44
C ILE A 222 -13.74 24.47 4.14
N ARG A 223 -12.54 23.94 4.06
CA ARG A 223 -11.36 24.60 4.61
C ARG A 223 -10.62 25.38 3.53
N ALA A 224 -10.22 26.60 3.85
CA ALA A 224 -9.52 27.44 2.88
C ALA A 224 -8.14 27.84 3.37
N VAL A 225 -7.12 27.35 2.68
CA VAL A 225 -5.74 27.73 2.97
C VAL A 225 -5.21 28.58 1.82
N TYR A 226 -4.93 29.85 2.10
CA TYR A 226 -4.55 30.82 1.07
C TYR A 226 -3.31 30.40 0.31
N GLY A 227 -3.40 30.43 -1.01
CA GLY A 227 -2.26 30.10 -1.87
C GLY A 227 -2.04 28.61 -2.01
N VAL A 228 -2.84 27.83 -1.30
CA VAL A 228 -2.76 26.37 -1.37
C VAL A 228 -4.01 25.80 -2.03
N GLY A 229 -5.17 26.18 -1.52
CA GLY A 229 -6.42 25.76 -2.12
C GLY A 229 -7.53 25.46 -1.12
N TYR A 230 -8.65 24.98 -1.65
CA TYR A 230 -9.81 24.65 -0.84
C TYR A 230 -9.97 23.14 -0.70
N ARG A 231 -10.49 22.71 0.45
CA ARG A 231 -10.61 21.28 0.74
C ARG A 231 -11.92 20.95 1.44
N TRP A 232 -12.61 19.94 0.94
CA TRP A 232 -13.87 19.48 1.53
C TRP A 232 -13.58 18.57 2.71
N GLU A 233 -13.97 19.02 3.91
CA GLU A 233 -13.68 18.29 5.14
C GLU A 233 -14.90 17.58 5.72
N ALA A 234 -15.91 17.34 4.88
CA ALA A 234 -17.09 16.61 5.33
C ALA A 234 -17.20 15.27 4.60
N ASP A 235 -18.39 14.67 4.66
CA ASP A 235 -18.61 13.37 4.05
C ASP A 235 -18.63 13.45 2.53
N ALA A 236 -18.37 12.33 1.88
CA ALA A 236 -18.42 12.25 0.42
C ALA A 236 -19.85 12.35 -0.07
N CYS A 237 -20.08 13.17 -1.08
CA CYS A 237 -21.42 13.37 -1.62
C CYS A 237 -21.94 12.09 -2.29
N ARG A 238 -23.21 11.79 -2.06
CA ARG A 238 -23.85 10.66 -2.70
C ARG A 238 -24.58 11.12 -3.95
N ILE A 239 -24.14 10.64 -5.11
CA ILE A 239 -24.68 11.09 -6.39
C ILE A 239 -25.89 10.27 -6.83
N VAL A 240 -26.98 10.96 -7.14
CA VAL A 240 -28.21 10.32 -7.59
C VAL A 240 -28.55 10.71 -9.03
N ASN B 9 -60.45 41.19 -36.30
CA ASN B 9 -59.32 40.35 -36.70
C ASN B 9 -59.10 39.19 -35.74
N THR B 10 -59.84 38.11 -35.95
CA THR B 10 -59.75 36.91 -35.12
C THR B 10 -59.52 35.67 -35.98
N PRO B 11 -58.88 34.63 -35.41
CA PRO B 11 -58.58 33.39 -36.12
C PRO B 11 -59.81 32.75 -36.77
N ARG B 12 -59.74 32.50 -38.07
CA ARG B 12 -60.81 31.83 -38.79
C ARG B 12 -60.59 30.33 -38.80
N ILE B 13 -61.61 29.58 -38.39
CA ILE B 13 -61.51 28.12 -38.32
C ILE B 13 -62.59 27.45 -39.17
N LEU B 14 -62.16 26.58 -40.08
CA LEU B 14 -63.09 25.83 -40.91
C LEU B 14 -63.44 24.50 -40.25
N ILE B 15 -64.74 24.27 -40.05
CA ILE B 15 -65.22 23.02 -39.49
C ILE B 15 -65.83 22.16 -40.58
N VAL B 16 -65.29 20.97 -40.77
CA VAL B 16 -65.85 20.03 -41.74
C VAL B 16 -66.56 18.89 -41.02
N GLU B 17 -67.86 19.05 -40.82
CA GLU B 17 -68.66 18.08 -40.10
C GLU B 17 -70.00 17.86 -40.80
N ASP B 18 -70.38 16.60 -40.99
CA ASP B 18 -71.61 16.28 -41.69
C ASP B 18 -72.81 16.24 -40.73
N GLU B 19 -72.54 15.88 -39.48
CA GLU B 19 -73.59 15.81 -38.48
C GLU B 19 -73.95 17.20 -37.98
N PRO B 20 -75.23 17.60 -38.16
CA PRO B 20 -75.72 18.95 -37.88
C PRO B 20 -75.60 19.36 -36.41
N LYS B 21 -76.03 18.49 -35.49
CA LYS B 21 -76.00 18.81 -34.06
C LYS B 21 -74.59 19.09 -33.56
N LEU B 22 -73.68 18.15 -33.82
CA LEU B 22 -72.28 18.31 -33.44
C LEU B 22 -71.66 19.49 -34.18
N GLY B 23 -72.07 19.69 -35.43
CA GLY B 23 -71.58 20.80 -36.23
C GLY B 23 -71.90 22.14 -35.60
N GLN B 24 -73.18 22.36 -35.32
CA GLN B 24 -73.64 23.59 -34.67
C GLN B 24 -73.01 23.73 -33.28
N LEU B 25 -72.79 22.59 -32.63
CA LEU B 25 -72.20 22.57 -31.30
C LEU B 25 -70.76 23.08 -31.33
N LEU B 26 -70.01 22.63 -32.33
CA LEU B 26 -68.63 23.06 -32.51
C LEU B 26 -68.55 24.55 -32.85
N ILE B 27 -69.55 25.03 -33.58
CA ILE B 27 -69.64 26.44 -33.94
C ILE B 27 -69.78 27.30 -32.68
N ASP B 28 -70.71 26.91 -31.81
CA ASP B 28 -70.98 27.65 -30.58
C ASP B 28 -69.78 27.70 -29.66
N TYR B 29 -69.15 26.55 -29.43
CA TYR B 29 -67.99 26.46 -28.55
C TYR B 29 -66.80 27.27 -29.07
N LEU B 30 -66.56 27.20 -30.38
CA LEU B 30 -65.44 27.91 -30.99
C LEU B 30 -65.66 29.41 -31.02
N ARG B 31 -66.89 29.83 -31.31
CA ARG B 31 -67.21 31.26 -31.34
C ARG B 31 -67.10 31.85 -29.94
N ALA B 32 -67.43 31.05 -28.93
CA ALA B 32 -67.32 31.47 -27.54
C ALA B 32 -65.87 31.65 -27.14
N ALA B 33 -64.97 30.97 -27.84
CA ALA B 33 -63.53 31.07 -27.58
C ALA B 33 -62.91 32.19 -28.41
N SER B 34 -63.73 33.14 -28.82
CA SER B 34 -63.29 34.30 -29.61
C SER B 34 -62.66 33.91 -30.94
N TYR B 35 -63.26 32.93 -31.62
CA TYR B 35 -62.79 32.51 -32.94
C TYR B 35 -63.84 32.82 -34.00
N ALA B 36 -63.49 32.56 -35.25
CA ALA B 36 -64.41 32.79 -36.37
C ALA B 36 -64.73 31.48 -37.09
N PRO B 37 -65.73 30.74 -36.60
CA PRO B 37 -66.09 29.42 -37.11
C PRO B 37 -66.88 29.46 -38.42
N THR B 38 -66.59 28.51 -39.30
CA THR B 38 -67.35 28.33 -40.54
C THR B 38 -67.58 26.84 -40.76
N LEU B 39 -68.84 26.47 -40.98
CA LEU B 39 -69.21 25.06 -41.08
C LEU B 39 -69.49 24.63 -42.52
N ILE B 40 -68.85 23.53 -42.92
CA ILE B 40 -69.11 22.92 -44.23
C ILE B 40 -69.52 21.46 -44.03
N SER B 41 -70.60 21.05 -44.69
CA SER B 41 -71.16 19.72 -44.49
C SER B 41 -70.76 18.73 -45.58
N HIS B 42 -70.31 19.23 -46.71
CA HIS B 42 -70.00 18.37 -47.85
C HIS B 42 -68.53 18.42 -48.26
N GLY B 43 -68.01 17.28 -48.72
CA GLY B 43 -66.61 17.16 -49.05
C GLY B 43 -66.18 17.83 -50.34
N ASP B 44 -67.14 18.07 -51.23
CA ASP B 44 -66.83 18.73 -52.49
C ASP B 44 -66.76 20.25 -52.33
N GLN B 45 -67.25 20.74 -51.19
CA GLN B 45 -67.29 22.18 -50.92
C GLN B 45 -66.01 22.70 -50.26
N VAL B 46 -65.36 21.88 -49.45
CA VAL B 46 -64.22 22.32 -48.65
C VAL B 46 -63.00 22.72 -49.47
N LEU B 47 -62.61 21.89 -50.42
CA LEU B 47 -61.43 22.15 -51.23
C LEU B 47 -61.41 23.52 -51.94
N PRO B 48 -62.50 23.87 -52.66
CA PRO B 48 -62.46 25.21 -53.26
C PRO B 48 -62.58 26.32 -52.22
N TYR B 49 -63.11 26.00 -51.04
CA TYR B 49 -63.21 26.98 -49.96
C TYR B 49 -61.86 27.26 -49.34
N VAL B 50 -61.04 26.22 -49.20
CA VAL B 50 -59.70 26.36 -48.65
C VAL B 50 -58.85 27.26 -49.55
N ARG B 51 -59.11 27.18 -50.84
CA ARG B 51 -58.42 28.04 -51.80
C ARG B 51 -58.91 29.47 -51.67
N GLN B 52 -60.15 29.71 -52.08
CA GLN B 52 -60.70 31.06 -52.12
C GLN B 52 -60.72 31.78 -50.77
N THR B 53 -61.18 31.07 -49.73
CA THR B 53 -61.22 31.66 -48.39
C THR B 53 -60.46 30.78 -47.40
N PRO B 54 -59.11 30.88 -47.41
CA PRO B 54 -58.26 30.05 -46.56
C PRO B 54 -58.45 30.35 -45.07
N PRO B 55 -58.65 29.32 -44.26
CA PRO B 55 -58.79 29.48 -42.81
C PRO B 55 -57.44 29.40 -42.12
N ASP B 56 -57.41 29.67 -40.81
CA ASP B 56 -56.18 29.58 -40.05
C ASP B 56 -55.97 28.17 -39.52
N LEU B 57 -57.06 27.42 -39.42
CA LEU B 57 -57.00 26.03 -39.00
C LEU B 57 -58.21 25.27 -39.54
N ILE B 58 -57.99 24.01 -39.91
CA ILE B 58 -59.06 23.18 -40.43
C ILE B 58 -59.43 22.05 -39.47
N LEU B 59 -60.63 22.12 -38.91
CA LEU B 59 -61.14 21.06 -38.05
C LEU B 59 -61.86 20.04 -38.93
N LEU B 60 -61.20 18.90 -39.16
CA LEU B 60 -61.68 17.92 -40.13
C LEU B 60 -62.06 16.58 -39.50
N ASP B 61 -63.35 16.27 -39.49
CA ASP B 61 -63.85 15.00 -38.97
C ASP B 61 -63.45 13.87 -39.92
N LEU B 62 -62.76 12.87 -39.38
CA LEU B 62 -62.24 11.77 -40.18
C LEU B 62 -63.35 10.94 -40.82
N MET B 63 -64.50 10.87 -40.18
CA MET B 63 -65.58 10.03 -40.65
C MET B 63 -66.79 10.80 -41.14
N LEU B 64 -66.80 11.12 -42.43
CA LEU B 64 -67.95 11.74 -43.07
C LEU B 64 -68.21 11.07 -44.42
N PRO B 65 -69.48 10.74 -44.69
CA PRO B 65 -69.86 9.98 -45.88
C PRO B 65 -69.57 10.70 -47.20
N GLY B 66 -69.70 9.98 -48.31
CA GLY B 66 -69.41 10.53 -49.61
C GLY B 66 -67.95 10.40 -49.99
N THR B 67 -67.10 11.07 -49.22
CA THR B 67 -65.65 11.00 -49.43
C THR B 67 -64.93 10.99 -48.08
N ASP B 68 -64.03 10.03 -47.89
CA ASP B 68 -63.31 9.92 -46.63
C ASP B 68 -62.39 11.12 -46.43
N GLY B 69 -62.21 11.51 -45.17
CA GLY B 69 -61.47 12.70 -44.83
C GLY B 69 -59.97 12.62 -45.10
N LEU B 70 -59.45 11.41 -45.26
CA LEU B 70 -58.02 11.21 -45.46
C LEU B 70 -57.58 11.55 -46.89
N MET B 71 -58.37 11.12 -47.87
CA MET B 71 -58.12 11.51 -49.25
C MET B 71 -58.47 12.98 -49.43
N LEU B 72 -59.30 13.50 -48.53
CA LEU B 72 -59.67 14.90 -48.54
C LEU B 72 -58.53 15.74 -47.94
N ARG B 74 -55.27 14.77 -47.67
CA ARG B 74 -54.12 14.63 -48.55
C ARG B 74 -54.19 15.63 -49.70
N GLU B 75 -55.41 15.99 -50.07
CA GLU B 75 -55.64 16.95 -51.16
C GLU B 75 -55.34 18.37 -50.72
N ILE B 76 -55.85 18.76 -49.55
CA ILE B 76 -55.62 20.08 -48.99
C ILE B 76 -54.12 20.28 -48.73
N ARG B 77 -53.50 19.24 -48.18
CA ARG B 77 -52.08 19.28 -47.80
C ARG B 77 -51.17 19.48 -49.01
N ARG B 78 -51.73 19.28 -50.21
CA ARG B 78 -50.96 19.35 -51.44
C ARG B 78 -50.65 20.80 -51.86
N PHE B 79 -51.57 21.72 -51.55
CA PHE B 79 -51.36 23.12 -51.93
C PHE B 79 -51.44 24.12 -50.78
N SER B 80 -51.42 23.63 -49.54
CA SER B 80 -51.39 24.51 -48.38
C SER B 80 -50.86 23.80 -47.14
N ASP B 81 -50.18 24.55 -46.28
CA ASP B 81 -49.64 24.01 -45.05
C ASP B 81 -50.41 24.51 -43.83
N ILE B 82 -51.68 24.82 -44.05
CA ILE B 82 -52.60 25.18 -42.98
C ILE B 82 -52.72 23.99 -42.04
N PRO B 83 -52.66 24.24 -40.72
CA PRO B 83 -52.76 23.13 -39.77
C PRO B 83 -54.13 22.45 -39.83
N ILE B 84 -54.12 21.13 -39.90
CA ILE B 84 -55.36 20.35 -39.98
C ILE B 84 -55.51 19.42 -38.79
N VAL B 85 -56.64 19.50 -38.10
CA VAL B 85 -56.92 18.61 -36.99
C VAL B 85 -57.83 17.47 -37.41
N MET B 86 -57.35 16.24 -37.23
CA MET B 86 -58.13 15.07 -37.62
C MET B 86 -59.00 14.58 -36.48
N VAL B 87 -60.32 14.78 -36.64
CA VAL B 87 -61.26 14.47 -35.58
C VAL B 87 -61.95 13.13 -35.79
N THR B 88 -61.98 12.32 -34.74
CA THR B 88 -62.65 11.02 -34.75
C THR B 88 -63.60 10.92 -33.57
N ALA B 89 -64.16 12.06 -33.18
CA ALA B 89 -64.84 12.17 -31.89
C ALA B 89 -66.34 12.50 -31.98
N LYS B 90 -67.04 12.25 -30.88
CA LYS B 90 -68.48 12.44 -30.81
C LYS B 90 -68.91 13.33 -29.64
N ILE B 91 -70.20 13.27 -29.34
CA ILE B 91 -70.80 14.04 -28.25
C ILE B 91 -70.32 13.52 -26.90
N GLU B 92 -70.52 14.30 -25.85
CA GLU B 92 -70.10 13.92 -24.50
C GLU B 92 -71.24 13.22 -23.76
N GLU B 93 -70.88 12.32 -22.85
CA GLU B 93 -71.89 11.53 -22.13
C GLU B 93 -72.23 12.11 -20.74
N ILE B 94 -73.07 13.15 -20.75
CA ILE B 94 -73.53 13.75 -19.51
C ILE B 94 -74.68 12.92 -18.96
N ASP B 95 -75.19 13.29 -17.79
CA ASP B 95 -76.36 12.65 -17.19
C ASP B 95 -76.15 11.18 -16.83
N ARG B 96 -75.62 10.39 -17.76
CA ARG B 96 -75.30 9.00 -17.50
C ARG B 96 -74.25 8.87 -16.40
N LEU B 97 -73.25 9.73 -16.45
CA LEU B 97 -72.14 9.67 -15.50
C LEU B 97 -72.11 10.90 -14.59
N LEU B 98 -73.04 11.83 -14.82
CA LEU B 98 -73.11 13.05 -14.03
C LEU B 98 -73.35 12.76 -12.54
N GLY B 99 -72.43 13.21 -11.70
CA GLY B 99 -72.56 13.04 -10.26
C GLY B 99 -71.68 11.94 -9.70
N LEU B 100 -71.19 11.07 -10.58
CA LEU B 100 -70.37 9.93 -10.19
C LEU B 100 -69.05 10.39 -9.58
N GLU B 101 -68.69 9.81 -8.44
CA GLU B 101 -67.42 10.13 -7.80
C GLU B 101 -66.28 9.35 -8.44
N ILE B 102 -65.34 10.08 -9.03
CA ILE B 102 -64.20 9.47 -9.71
C ILE B 102 -63.00 9.35 -8.78
N GLY B 103 -62.78 8.14 -8.27
CA GLY B 103 -61.67 7.88 -7.36
C GLY B 103 -60.34 7.88 -8.07
N ALA B 104 -59.27 7.64 -7.31
CA ALA B 104 -57.92 7.58 -7.86
C ALA B 104 -57.71 6.28 -8.62
N ASP B 105 -58.61 5.33 -8.42
CA ASP B 105 -58.54 4.04 -9.09
C ASP B 105 -59.71 3.89 -10.07
N ASP B 106 -60.41 4.98 -10.32
CA ASP B 106 -61.51 4.99 -11.28
C ASP B 106 -61.12 5.74 -12.54
N TYR B 107 -60.96 5.02 -13.63
CA TYR B 107 -60.55 5.62 -14.89
C TYR B 107 -61.63 5.53 -15.94
N ILE B 108 -62.10 6.69 -16.43
CA ILE B 108 -63.15 6.72 -17.43
C ILE B 108 -62.60 6.69 -18.86
N LYS B 110 -63.62 7.20 -22.48
CA LYS B 110 -64.67 7.83 -23.27
C LYS B 110 -64.08 8.54 -24.48
N PRO B 111 -64.86 8.69 -25.55
CA PRO B 111 -64.39 9.44 -26.72
C PRO B 111 -64.22 10.92 -26.41
N TYR B 112 -63.43 11.62 -27.21
CA TYR B 112 -63.25 13.06 -27.07
C TYR B 112 -64.60 13.77 -27.06
N SER B 113 -64.70 14.84 -26.30
CA SER B 113 -65.90 15.67 -26.28
C SER B 113 -65.65 16.92 -27.11
N PRO B 114 -66.72 17.56 -27.60
CA PRO B 114 -66.58 18.82 -28.35
C PRO B 114 -65.91 19.92 -27.53
N ARG B 115 -65.97 19.81 -26.20
CA ARG B 115 -65.25 20.74 -25.34
C ARG B 115 -63.75 20.49 -25.41
N GLU B 116 -63.36 19.23 -25.58
CA GLU B 116 -61.96 18.85 -25.58
C GLU B 116 -61.23 19.24 -26.86
N VAL B 117 -61.91 19.16 -27.99
CA VAL B 117 -61.30 19.54 -29.27
C VAL B 117 -61.06 21.05 -29.34
N VAL B 118 -62.01 21.83 -28.85
CA VAL B 118 -61.86 23.28 -28.78
C VAL B 118 -60.68 23.63 -27.90
N ALA B 119 -60.49 22.83 -26.85
CA ALA B 119 -59.34 22.99 -25.97
C ALA B 119 -58.04 22.71 -26.73
N ARG B 120 -58.04 21.63 -27.50
CA ARG B 120 -56.87 21.25 -28.29
C ARG B 120 -56.60 22.27 -29.41
N VAL B 121 -57.67 22.82 -29.96
CA VAL B 121 -57.56 23.85 -30.99
C VAL B 121 -56.86 25.08 -30.44
N LYS B 122 -57.26 25.51 -29.25
CA LYS B 122 -56.67 26.68 -28.60
C LYS B 122 -55.16 26.52 -28.40
N THR B 123 -54.74 25.31 -28.06
CA THR B 123 -53.33 25.03 -27.84
C THR B 123 -52.52 25.23 -29.12
N ILE B 124 -53.11 24.84 -30.25
CA ILE B 124 -52.45 24.97 -31.55
C ILE B 124 -52.38 26.45 -31.95
N LEU B 125 -53.30 27.25 -31.42
CA LEU B 125 -53.32 28.68 -31.70
C LEU B 125 -52.85 29.50 -30.49
N PRO B 142 -45.03 51.50 -25.04
CA PRO B 142 -44.35 50.40 -25.74
C PRO B 142 -43.86 49.32 -24.77
N LEU B 143 -43.61 49.71 -23.52
CA LEU B 143 -43.13 48.77 -22.52
C LEU B 143 -44.21 48.39 -21.52
N ILE B 144 -44.57 47.11 -21.50
CA ILE B 144 -45.59 46.61 -20.60
C ILE B 144 -45.02 45.56 -19.64
N ILE B 145 -45.30 45.72 -18.35
CA ILE B 145 -44.79 44.81 -17.34
C ILE B 145 -45.89 44.19 -16.50
N ASP B 146 -46.10 42.89 -16.66
CA ASP B 146 -47.04 42.16 -15.82
C ASP B 146 -46.31 41.56 -14.63
N GLU B 147 -46.37 42.24 -13.49
CA GLU B 147 -45.63 41.82 -12.29
C GLU B 147 -46.22 40.57 -11.65
N GLY B 148 -47.37 40.13 -12.15
CA GLY B 148 -48.00 38.91 -11.67
C GLY B 148 -47.23 37.68 -12.13
N ARG B 149 -47.23 37.44 -13.43
CA ARG B 149 -46.52 36.30 -14.00
C ARG B 149 -45.08 36.66 -14.38
N PHE B 150 -44.63 37.83 -13.91
CA PHE B 150 -43.24 38.27 -14.04
C PHE B 150 -42.70 38.27 -15.47
N GLN B 151 -43.42 38.91 -16.39
CA GLN B 151 -42.95 39.02 -17.77
C GLN B 151 -42.91 40.48 -18.22
N ALA B 152 -42.25 40.71 -19.35
CA ALA B 152 -42.17 42.05 -19.93
C ALA B 152 -42.27 41.96 -21.44
N SER B 153 -42.53 43.10 -22.08
CA SER B 153 -42.65 43.15 -23.53
C SER B 153 -42.40 44.57 -24.06
N TRP B 154 -41.64 44.67 -25.14
CA TRP B 154 -41.42 45.96 -25.78
C TRP B 154 -41.90 45.92 -27.23
N ARG B 155 -42.83 46.84 -27.53
CA ARG B 155 -43.48 46.89 -28.84
C ARG B 155 -44.13 45.57 -29.23
N GLY B 156 -44.80 44.94 -28.27
CA GLY B 156 -45.53 43.71 -28.52
C GLY B 156 -44.73 42.45 -28.26
N LYS B 157 -43.47 42.45 -28.67
CA LYS B 157 -42.62 41.28 -28.56
C LYS B 157 -42.24 41.00 -27.10
N MET B 158 -42.44 39.76 -26.67
CA MET B 158 -42.10 39.36 -25.31
C MET B 158 -40.60 39.40 -25.08
N LEU B 159 -40.21 39.53 -23.81
CA LEU B 159 -38.79 39.59 -23.44
C LEU B 159 -38.39 38.40 -22.59
N ASP B 160 -37.32 37.73 -22.99
CA ASP B 160 -36.78 36.62 -22.22
C ASP B 160 -35.77 37.16 -21.21
N LEU B 161 -36.25 37.45 -20.01
CA LEU B 161 -35.41 38.07 -18.99
C LEU B 161 -35.20 37.20 -17.76
N THR B 162 -33.97 37.19 -17.27
CA THR B 162 -33.65 36.54 -15.99
C THR B 162 -34.23 37.41 -14.88
N PRO B 163 -34.54 36.79 -13.73
CA PRO B 163 -35.14 37.49 -12.58
C PRO B 163 -34.41 38.79 -12.20
N ALA B 164 -33.10 38.83 -12.42
CA ALA B 164 -32.33 40.04 -12.13
C ALA B 164 -32.58 41.11 -13.18
N GLU B 165 -32.62 40.69 -14.44
CA GLU B 165 -32.88 41.59 -15.56
C GLU B 165 -34.28 42.19 -15.46
N PHE B 166 -35.24 41.37 -15.03
CA PHE B 166 -36.61 41.82 -14.87
C PHE B 166 -36.73 42.85 -13.74
N ARG B 167 -36.16 42.52 -12.59
CA ARG B 167 -36.16 43.42 -11.44
C ARG B 167 -35.47 44.74 -11.77
N LEU B 168 -34.40 44.67 -12.54
CA LEU B 168 -33.68 45.87 -12.95
C LEU B 168 -34.45 46.68 -13.98
N LEU B 169 -35.16 45.99 -14.87
CA LEU B 169 -35.96 46.66 -15.88
C LEU B 169 -37.12 47.43 -15.27
N LYS B 170 -37.80 46.81 -14.32
CA LYS B 170 -38.92 47.44 -13.64
C LYS B 170 -38.46 48.63 -12.80
N THR B 171 -37.35 48.45 -12.08
CA THR B 171 -36.81 49.48 -11.21
C THR B 171 -36.44 50.73 -12.01
N LEU B 172 -35.74 50.53 -13.12
CA LEU B 172 -35.30 51.64 -13.96
C LEU B 172 -36.45 52.32 -14.70
N SER B 173 -37.30 51.53 -15.32
CA SER B 173 -38.35 52.06 -16.21
C SER B 173 -39.56 52.62 -15.48
N HIS B 174 -39.70 52.31 -14.19
CA HIS B 174 -40.80 52.83 -13.40
C HIS B 174 -40.61 54.34 -13.19
N GLU B 175 -39.36 54.76 -13.18
CA GLU B 175 -39.01 56.16 -12.98
C GLU B 175 -37.96 56.62 -14.00
N PRO B 176 -38.38 56.89 -15.24
CA PRO B 176 -37.45 57.33 -16.28
C PRO B 176 -36.86 58.70 -15.98
N GLY B 177 -35.54 58.82 -16.10
CA GLY B 177 -34.86 60.07 -15.80
C GLY B 177 -34.18 60.02 -14.45
N LYS B 178 -34.70 59.16 -13.57
CA LYS B 178 -34.12 59.01 -12.23
C LYS B 178 -32.86 58.16 -12.28
N VAL B 179 -31.82 58.61 -11.58
CA VAL B 179 -30.54 57.91 -11.56
C VAL B 179 -30.42 57.00 -10.35
N PHE B 180 -30.17 55.71 -10.61
CA PHE B 180 -29.88 54.76 -9.54
C PHE B 180 -28.40 54.39 -9.59
N SER B 181 -27.73 54.48 -8.46
CA SER B 181 -26.35 54.01 -8.36
C SER B 181 -26.34 52.50 -8.43
N ARG B 182 -25.18 51.91 -8.65
CA ARG B 182 -25.08 50.46 -8.68
C ARG B 182 -25.27 49.89 -7.27
N GLU B 183 -24.97 50.72 -6.27
CA GLU B 183 -25.19 50.35 -4.88
C GLU B 183 -26.68 50.18 -4.61
N GLN B 184 -27.48 51.04 -5.24
CA GLN B 184 -28.93 51.00 -5.05
C GLN B 184 -29.57 49.86 -5.83
N LEU B 185 -29.11 49.64 -7.06
CA LEU B 185 -29.63 48.54 -7.88
C LEU B 185 -29.25 47.19 -7.28
N LEU B 186 -28.23 47.18 -6.44
CA LEU B 186 -27.85 45.96 -5.73
C LEU B 186 -28.82 45.70 -4.59
N ASN B 187 -29.27 46.77 -3.93
CA ASN B 187 -30.26 46.67 -2.87
C ASN B 187 -31.57 46.08 -3.38
N HIS B 188 -31.92 46.39 -4.62
CA HIS B 188 -33.13 45.87 -5.23
C HIS B 188 -33.00 44.38 -5.55
N LEU B 189 -31.88 44.00 -6.15
CA LEU B 189 -31.61 42.60 -6.48
C LEU B 189 -31.52 41.75 -5.22
N TYR B 190 -31.14 42.39 -4.11
CA TYR B 190 -31.03 41.71 -2.83
C TYR B 190 -32.40 41.52 -2.19
N ASP B 191 -33.30 42.48 -2.43
CA ASP B 191 -34.64 42.43 -1.86
C ASP B 191 -35.58 41.60 -2.74
N ASP B 192 -35.09 41.21 -3.91
CA ASP B 192 -35.85 40.32 -4.79
C ASP B 192 -35.42 38.89 -4.50
N TYR B 193 -36.37 38.05 -4.09
CA TYR B 193 -36.07 36.68 -3.73
C TYR B 193 -36.07 35.72 -4.92
N ARG B 194 -36.51 36.21 -6.07
CA ARG B 194 -36.46 35.41 -7.29
C ARG B 194 -35.06 35.46 -7.89
N VAL B 195 -34.25 36.39 -7.39
CA VAL B 195 -32.93 36.64 -7.96
C VAL B 195 -31.82 35.88 -7.23
N VAL B 196 -31.18 34.97 -7.97
CA VAL B 196 -30.00 34.27 -7.47
C VAL B 196 -29.00 34.07 -8.62
N THR B 197 -28.01 34.95 -8.69
CA THR B 197 -27.06 34.93 -9.79
C THR B 197 -25.60 34.96 -9.33
N ASP B 198 -24.70 34.72 -10.29
CA ASP B 198 -23.26 34.81 -10.04
C ASP B 198 -22.70 36.00 -10.79
N ARG B 199 -23.58 36.85 -11.31
CA ARG B 199 -23.16 38.01 -12.08
C ARG B 199 -23.35 39.33 -11.33
N THR B 200 -22.62 40.34 -11.77
CA THR B 200 -22.68 41.67 -11.17
C THR B 200 -23.75 42.53 -11.83
N ILE B 201 -23.90 43.75 -11.32
CA ILE B 201 -24.88 44.70 -11.87
C ILE B 201 -24.52 45.10 -13.29
N ASP B 202 -23.23 45.34 -13.51
CA ASP B 202 -22.74 45.80 -14.81
C ASP B 202 -23.04 44.81 -15.93
N SER B 203 -23.07 43.52 -15.58
CA SER B 203 -23.35 42.48 -16.56
C SER B 203 -24.83 42.40 -16.88
N HIS B 204 -25.67 42.47 -15.85
CA HIS B 204 -27.12 42.43 -16.01
C HIS B 204 -27.60 43.60 -16.86
N ILE B 205 -27.02 44.78 -16.63
CA ILE B 205 -27.38 45.96 -17.40
C ILE B 205 -26.92 45.83 -18.85
N LYS B 206 -25.71 45.33 -19.05
CA LYS B 206 -25.20 45.05 -20.39
C LYS B 206 -26.07 44.03 -21.09
N ASN B 207 -26.55 43.05 -20.32
CA ASN B 207 -27.44 42.03 -20.86
C ASN B 207 -28.83 42.57 -21.20
N LEU B 208 -29.44 43.23 -20.23
CA LEU B 208 -30.77 43.79 -20.37
C LEU B 208 -30.87 44.74 -21.56
N ARG B 209 -29.81 45.49 -21.80
CA ARG B 209 -29.75 46.42 -22.91
C ARG B 209 -29.52 45.67 -24.22
N ARG B 210 -28.76 44.59 -24.15
CA ARG B 210 -28.45 43.77 -25.32
C ARG B 210 -29.70 43.10 -25.87
N LYS B 211 -30.58 42.67 -24.98
CA LYS B 211 -31.81 42.01 -25.38
C LYS B 211 -32.84 43.03 -25.89
N LEU B 212 -32.77 44.25 -25.37
CA LEU B 212 -33.66 45.32 -25.81
C LEU B 212 -33.25 45.86 -27.17
N GLU B 213 -31.94 45.97 -27.38
CA GLU B 213 -31.41 46.44 -28.65
C GLU B 213 -31.52 45.37 -29.73
N SER B 214 -31.73 44.13 -29.30
CA SER B 214 -31.95 43.03 -30.22
C SER B 214 -33.31 43.15 -30.90
N LEU B 215 -34.25 43.79 -30.20
CA LEU B 215 -35.57 44.04 -30.75
C LEU B 215 -35.52 45.19 -31.75
N ASP B 216 -35.58 46.42 -31.23
CA ASP B 216 -35.47 47.60 -32.07
C ASP B 216 -34.21 48.39 -31.69
N ALA B 217 -33.34 48.60 -32.66
CA ALA B 217 -32.11 49.33 -32.42
C ALA B 217 -32.34 50.84 -32.48
N GLU B 218 -31.26 51.59 -32.26
CA GLU B 218 -31.27 53.06 -32.32
C GLU B 218 -32.14 53.73 -31.25
N GLN B 219 -32.83 52.93 -30.44
CA GLN B 219 -33.57 53.45 -29.30
C GLN B 219 -32.71 53.32 -28.06
N SER B 220 -32.37 54.45 -27.45
CA SER B 220 -31.53 54.44 -26.25
C SER B 220 -32.33 54.00 -25.03
N PHE B 221 -31.99 52.84 -24.49
CA PHE B 221 -32.68 52.30 -23.33
C PHE B 221 -32.02 52.71 -22.02
N ILE B 222 -30.88 52.08 -21.72
CA ILE B 222 -30.16 52.37 -20.47
C ILE B 222 -28.85 53.09 -20.74
N ARG B 223 -28.59 54.14 -19.97
CA ARG B 223 -27.32 54.84 -20.01
C ARG B 223 -26.55 54.54 -18.73
N ALA B 224 -25.29 54.16 -18.87
CA ALA B 224 -24.46 53.80 -17.72
C ALA B 224 -23.27 54.74 -17.59
N VAL B 225 -23.18 55.43 -16.46
CA VAL B 225 -22.07 56.34 -16.20
C VAL B 225 -21.37 55.96 -14.90
N TYR B 226 -20.08 55.65 -15.00
CA TYR B 226 -19.31 55.12 -13.88
C TYR B 226 -19.25 56.12 -12.71
N GLY B 227 -19.46 55.59 -11.51
CA GLY B 227 -19.40 56.40 -10.30
C GLY B 227 -20.63 57.27 -10.10
N VAL B 228 -21.52 57.25 -11.08
CA VAL B 228 -22.74 58.04 -11.02
C VAL B 228 -23.97 57.14 -10.92
N GLY B 229 -24.10 56.21 -11.85
CA GLY B 229 -25.18 55.24 -11.80
C GLY B 229 -25.77 54.86 -13.14
N TYR B 230 -27.02 54.41 -13.13
CA TYR B 230 -27.72 53.99 -14.32
C TYR B 230 -29.01 54.78 -14.48
N ARG B 231 -29.43 55.00 -15.73
CA ARG B 231 -30.63 55.80 -15.99
C ARG B 231 -31.42 55.30 -17.19
N TRP B 232 -32.69 54.98 -16.96
CA TRP B 232 -33.59 54.58 -18.03
C TRP B 232 -33.94 55.80 -18.88
N GLU B 233 -33.73 55.69 -20.19
CA GLU B 233 -33.87 56.84 -21.08
C GLU B 233 -35.04 56.73 -22.05
N ALA B 234 -35.91 55.75 -21.85
CA ALA B 234 -37.08 55.59 -22.70
C ALA B 234 -38.36 55.96 -21.98
N ASP B 235 -39.49 55.53 -22.55
CA ASP B 235 -40.79 55.82 -21.97
C ASP B 235 -41.02 54.95 -20.72
N ALA B 236 -41.93 55.40 -19.85
CA ALA B 236 -42.22 54.69 -18.63
C ALA B 236 -42.92 53.35 -18.89
N CYS B 237 -42.89 52.47 -17.90
CA CYS B 237 -43.49 51.15 -18.04
C CYS B 237 -44.99 51.17 -17.78
N ARG B 238 -45.73 50.34 -18.53
CA ARG B 238 -47.16 50.17 -18.31
C ARG B 238 -47.39 48.89 -17.51
N ILE B 239 -47.69 49.04 -16.24
CA ILE B 239 -47.77 47.91 -15.32
C ILE B 239 -49.07 47.10 -15.48
N VAL B 240 -48.92 45.78 -15.50
CA VAL B 240 -50.05 44.86 -15.64
C VAL B 240 -50.86 45.14 -16.90
N ASN C 9 19.69 20.38 -19.49
CA ASN C 9 20.67 19.52 -18.82
C ASN C 9 20.34 19.33 -17.34
N THR C 10 19.26 18.62 -17.08
CA THR C 10 18.82 18.34 -15.72
C THR C 10 18.72 16.83 -15.53
N PRO C 11 18.83 16.36 -14.28
CA PRO C 11 18.75 14.92 -13.99
C PRO C 11 17.48 14.28 -14.53
N ARG C 12 17.63 13.24 -15.33
CA ARG C 12 16.48 12.53 -15.89
C ARG C 12 16.14 11.30 -15.05
N ILE C 13 14.85 11.07 -14.85
CA ILE C 13 14.38 9.98 -13.99
C ILE C 13 13.42 9.06 -14.72
N LEU C 14 13.74 7.77 -14.75
CA LEU C 14 12.86 6.78 -15.36
C LEU C 14 11.87 6.21 -14.36
N ILE C 15 10.59 6.51 -14.55
CA ILE C 15 9.55 5.97 -13.69
C ILE C 15 8.96 4.73 -14.32
N VAL C 16 9.21 3.57 -13.70
CA VAL C 16 8.62 2.33 -14.17
C VAL C 16 7.32 2.07 -13.41
N GLU C 17 6.21 2.49 -13.99
CA GLU C 17 4.90 2.39 -13.34
C GLU C 17 3.82 1.99 -14.34
N ASP C 18 2.96 1.05 -13.93
CA ASP C 18 1.88 0.58 -14.79
C ASP C 18 0.62 1.42 -14.67
N GLU C 19 0.26 1.77 -13.43
CA GLU C 19 -0.95 2.56 -13.19
C GLU C 19 -0.77 3.97 -13.74
N PRO C 20 -1.60 4.33 -14.74
CA PRO C 20 -1.48 5.59 -15.49
C PRO C 20 -1.68 6.84 -14.63
N LYS C 21 -2.65 6.81 -13.72
CA LYS C 21 -2.93 7.97 -12.86
C LYS C 21 -1.72 8.32 -12.00
N LEU C 22 -1.23 7.34 -11.25
CA LEU C 22 -0.06 7.53 -10.39
C LEU C 22 1.18 7.84 -11.22
N GLY C 23 1.26 7.22 -12.40
CA GLY C 23 2.37 7.44 -13.31
C GLY C 23 2.48 8.91 -13.70
N GLN C 24 1.35 9.50 -14.07
CA GLN C 24 1.31 10.91 -14.43
C GLN C 24 1.55 11.79 -13.21
N LEU C 25 1.04 11.36 -12.06
CA LEU C 25 1.20 12.10 -10.82
C LEU C 25 2.66 12.23 -10.43
N LEU C 26 3.40 11.14 -10.57
CA LEU C 26 4.84 11.13 -10.30
C LEU C 26 5.59 11.99 -11.31
N ILE C 27 5.08 12.03 -12.55
CA ILE C 27 5.66 12.88 -13.58
C ILE C 27 5.47 14.36 -13.22
N ASP C 28 4.26 14.71 -12.80
CA ASP C 28 3.94 16.08 -12.40
C ASP C 28 4.82 16.54 -11.24
N TYR C 29 4.96 15.70 -10.23
CA TYR C 29 5.77 16.03 -9.06
C TYR C 29 7.25 16.17 -9.40
N LEU C 30 7.76 15.23 -10.19
CA LEU C 30 9.19 15.22 -10.52
C LEU C 30 9.58 16.32 -11.50
N ARG C 31 8.71 16.60 -12.46
CA ARG C 31 8.97 17.66 -13.43
C ARG C 31 8.95 19.03 -12.74
N ALA C 32 8.10 19.15 -11.72
CA ALA C 32 8.01 20.39 -10.94
C ALA C 32 9.24 20.56 -10.05
N ALA C 33 9.94 19.47 -9.79
CA ALA C 33 11.16 19.51 -9.01
C ALA C 33 12.38 19.65 -9.92
N SER C 34 12.16 20.21 -11.11
CA SER C 34 13.20 20.43 -12.11
C SER C 34 13.94 19.17 -12.52
N TYR C 35 13.19 18.09 -12.73
CA TYR C 35 13.76 16.85 -13.22
C TYR C 35 13.18 16.53 -14.59
N ALA C 36 13.67 15.45 -15.21
CA ALA C 36 13.17 15.03 -16.51
C ALA C 36 12.56 13.64 -16.43
N PRO C 37 11.28 13.57 -16.03
CA PRO C 37 10.58 12.29 -15.81
C PRO C 37 10.25 11.58 -17.11
N THR C 38 10.32 10.25 -17.08
CA THR C 38 9.92 9.42 -18.22
C THR C 38 9.20 8.18 -17.70
N LEU C 39 8.04 7.89 -18.27
CA LEU C 39 7.20 6.79 -17.78
C LEU C 39 7.28 5.56 -18.68
N ILE C 40 7.35 4.39 -18.07
CA ILE C 40 7.41 3.13 -18.81
C ILE C 40 6.41 2.11 -18.26
N SER C 41 5.68 1.46 -19.16
CA SER C 41 4.66 0.48 -18.79
C SER C 41 5.26 -0.89 -18.49
N HIS C 42 6.34 -0.92 -17.71
CA HIS C 42 7.01 -2.16 -17.32
C HIS C 42 7.41 -2.97 -18.54
N GLY C 43 7.39 -4.30 -18.41
CA GLY C 43 7.60 -5.19 -19.53
C GLY C 43 9.00 -5.21 -20.10
N ASP C 44 9.09 -5.58 -21.38
CA ASP C 44 10.37 -5.74 -22.06
C ASP C 44 11.05 -4.41 -22.33
N GLN C 45 10.24 -3.35 -22.47
CA GLN C 45 10.73 -2.04 -22.89
C GLN C 45 11.81 -1.44 -21.98
N VAL C 46 11.77 -1.82 -20.71
CA VAL C 46 12.64 -1.20 -19.70
C VAL C 46 14.13 -1.40 -19.98
N LEU C 47 14.56 -2.65 -20.07
CA LEU C 47 15.98 -2.99 -20.21
C LEU C 47 16.74 -2.30 -21.36
N PRO C 48 16.22 -2.36 -22.59
CA PRO C 48 16.97 -1.70 -23.67
C PRO C 48 16.98 -0.18 -23.51
N TYR C 49 15.99 0.36 -22.82
CA TYR C 49 15.94 1.80 -22.56
C TYR C 49 17.06 2.21 -21.61
N VAL C 50 17.32 1.37 -20.62
CA VAL C 50 18.38 1.65 -19.65
C VAL C 50 19.76 1.54 -20.28
N ARG C 51 19.90 0.64 -21.26
CA ARG C 51 21.15 0.46 -21.96
C ARG C 51 21.44 1.60 -22.93
N GLN C 52 20.43 2.00 -23.69
CA GLN C 52 20.60 3.01 -24.72
C GLN C 52 20.44 4.43 -24.17
N THR C 53 19.42 4.64 -23.35
CA THR C 53 19.19 5.95 -22.75
C THR C 53 19.21 5.83 -21.22
N PRO C 54 20.42 5.75 -20.63
CA PRO C 54 20.56 5.60 -19.19
C PRO C 54 20.06 6.82 -18.42
N PRO C 55 19.21 6.61 -17.41
CA PRO C 55 18.73 7.70 -16.56
C PRO C 55 19.73 7.97 -15.44
N ASP C 56 19.45 8.99 -14.63
CA ASP C 56 20.29 9.29 -13.48
C ASP C 56 19.74 8.58 -12.25
N LEU C 57 18.50 8.13 -12.35
CA LEU C 57 17.84 7.41 -11.27
C LEU C 57 16.65 6.64 -11.82
N ILE C 58 16.38 5.47 -11.24
CA ILE C 58 15.24 4.66 -11.64
C ILE C 58 14.23 4.50 -10.52
N LEU C 59 13.05 5.06 -10.71
CA LEU C 59 11.96 4.90 -9.76
C LEU C 59 11.13 3.68 -10.14
N LEU C 60 11.30 2.58 -9.41
CA LEU C 60 10.69 1.32 -9.78
C LEU C 60 9.59 0.87 -8.82
N ASP C 61 8.42 0.58 -9.37
CA ASP C 61 7.31 0.06 -8.60
C ASP C 61 7.35 -1.45 -8.59
N LEU C 62 7.76 -2.03 -7.46
CA LEU C 62 7.69 -3.46 -7.28
C LEU C 62 6.24 -3.84 -6.99
N MET C 63 5.55 -4.35 -8.00
CA MET C 63 4.15 -4.75 -7.83
C MET C 63 4.03 -5.95 -6.91
N LEU C 64 4.33 -5.73 -5.63
CA LEU C 64 4.26 -6.79 -4.63
C LEU C 64 2.82 -7.26 -4.40
N PRO C 65 2.63 -8.57 -4.20
CA PRO C 65 3.62 -9.67 -4.16
C PRO C 65 4.37 -9.89 -5.49
N GLY C 66 3.63 -10.11 -6.57
CA GLY C 66 4.17 -10.17 -7.92
C GLY C 66 5.52 -10.83 -8.16
N THR C 67 6.58 -10.23 -7.60
CA THR C 67 7.97 -10.64 -7.80
C THR C 67 8.51 -10.35 -9.20
N ASP C 68 7.66 -9.82 -10.07
CA ASP C 68 8.08 -9.41 -11.41
C ASP C 68 8.85 -8.09 -11.35
N GLY C 69 8.58 -7.32 -10.30
CA GLY C 69 9.30 -6.07 -10.09
C GLY C 69 10.72 -6.34 -9.63
N LEU C 70 10.86 -7.23 -8.66
CA LEU C 70 12.17 -7.60 -8.12
C LEU C 70 13.04 -8.28 -9.17
N MET C 71 12.41 -9.05 -10.06
CA MET C 71 13.13 -9.74 -11.12
C MET C 71 13.67 -8.76 -12.15
N LEU C 72 12.87 -7.75 -12.49
CA LEU C 72 13.34 -6.68 -13.37
C LEU C 72 14.38 -5.84 -12.65
N ARG C 74 16.47 -6.83 -10.36
CA ARG C 74 17.71 -7.59 -10.31
C ARG C 74 18.40 -7.60 -11.67
N GLU C 75 17.60 -7.58 -12.73
CA GLU C 75 18.12 -7.61 -14.09
C GLU C 75 18.89 -6.33 -14.42
N ILE C 76 18.31 -5.19 -14.06
CA ILE C 76 18.93 -3.90 -14.29
C ILE C 76 20.24 -3.76 -13.52
N ARG C 77 20.22 -4.19 -12.27
CA ARG C 77 21.37 -4.08 -11.38
C ARG C 77 22.57 -4.89 -11.89
N ARG C 78 22.30 -5.89 -12.72
CA ARG C 78 23.36 -6.77 -13.21
C ARG C 78 24.38 -6.06 -14.10
N PHE C 79 23.92 -5.11 -14.91
CA PHE C 79 24.82 -4.44 -15.85
C PHE C 79 25.04 -2.94 -15.58
N SER C 80 24.31 -2.38 -14.63
CA SER C 80 24.47 -0.96 -14.32
C SER C 80 24.37 -0.68 -12.82
N ASP C 81 25.03 0.39 -12.38
CA ASP C 81 25.02 0.79 -10.99
C ASP C 81 24.15 2.04 -10.79
N ILE C 82 23.20 2.22 -11.70
CA ILE C 82 22.25 3.32 -11.59
C ILE C 82 21.36 3.12 -10.37
N PRO C 83 21.24 4.17 -9.53
CA PRO C 83 20.42 4.09 -8.31
C PRO C 83 18.97 3.74 -8.61
N ILE C 84 18.42 2.78 -7.86
CA ILE C 84 17.04 2.35 -8.04
C ILE C 84 16.24 2.53 -6.76
N VAL C 85 15.15 3.30 -6.84
CA VAL C 85 14.25 3.46 -5.71
C VAL C 85 13.11 2.45 -5.81
N MET C 86 13.19 1.41 -4.97
CA MET C 86 12.21 0.34 -4.98
C MET C 86 10.96 0.71 -4.18
N VAL C 87 9.89 1.08 -4.88
CA VAL C 87 8.63 1.42 -4.23
C VAL C 87 7.90 0.16 -3.77
N THR C 88 7.60 0.10 -2.48
CA THR C 88 7.00 -1.10 -1.88
C THR C 88 5.48 -1.06 -1.85
N ALA C 89 4.91 0.04 -1.36
CA ALA C 89 3.45 0.16 -1.24
C ALA C 89 2.88 1.16 -2.24
N LYS C 90 1.59 1.44 -2.11
CA LYS C 90 0.94 2.41 -3.00
C LYS C 90 1.16 3.83 -2.52
N ILE C 91 1.80 4.64 -3.37
CA ILE C 91 2.07 6.04 -3.08
C ILE C 91 0.80 6.88 -3.20
N GLU C 92 0.43 7.56 -2.12
CA GLU C 92 -0.76 8.40 -2.12
C GLU C 92 -0.47 9.78 -1.56
N GLU C 93 -1.16 10.79 -2.08
CA GLU C 93 -1.06 12.14 -1.56
C GLU C 93 -1.88 12.27 -0.29
N ILE C 94 -1.51 13.22 0.56
CA ILE C 94 -2.32 13.57 1.72
C ILE C 94 -2.50 15.09 1.77
N ASP C 95 -3.49 15.58 1.03
CA ASP C 95 -3.77 17.01 0.96
C ASP C 95 -4.41 17.52 2.24
N ARG C 96 -4.82 16.59 3.09
CA ARG C 96 -5.39 16.92 4.38
C ARG C 96 -4.35 17.57 5.27
N LEU C 97 -3.09 17.22 5.05
CA LEU C 97 -1.98 17.73 5.85
C LEU C 97 -1.57 19.15 5.46
N LEU C 98 -1.85 19.53 4.22
CA LEU C 98 -1.48 20.85 3.71
C LEU C 98 -2.17 21.95 4.49
N GLY C 99 -1.40 22.92 4.97
CA GLY C 99 -1.94 24.06 5.70
C GLY C 99 -2.03 23.82 7.19
N LEU C 100 -1.82 22.57 7.60
CA LEU C 100 -1.88 22.22 9.02
C LEU C 100 -0.74 22.89 9.79
N GLU C 101 -1.09 23.59 10.86
CA GLU C 101 -0.11 24.30 11.66
C GLU C 101 0.56 23.38 12.67
N ILE C 102 1.88 23.31 12.62
CA ILE C 102 2.65 22.43 13.50
C ILE C 102 3.19 23.17 14.72
N GLY C 103 2.78 22.76 15.91
CA GLY C 103 3.26 23.36 17.14
C GLY C 103 4.56 22.75 17.60
N ALA C 104 4.92 22.99 18.85
CA ALA C 104 6.16 22.47 19.41
C ALA C 104 5.96 21.09 20.02
N ASP C 105 4.71 20.66 20.10
CA ASP C 105 4.38 19.35 20.64
C ASP C 105 3.65 18.52 19.59
N ASP C 106 3.69 18.99 18.35
CA ASP C 106 3.05 18.29 17.24
C ASP C 106 4.08 17.62 16.35
N TYR C 107 4.15 16.29 16.45
CA TYR C 107 5.12 15.53 15.66
C TYR C 107 4.38 14.72 14.59
N ILE C 108 4.63 15.07 13.34
CA ILE C 108 3.95 14.39 12.22
C ILE C 108 4.91 13.47 11.47
N LYS C 110 6.35 11.38 8.63
CA LYS C 110 6.29 11.63 7.19
C LYS C 110 5.42 10.60 6.47
N PRO C 111 4.53 11.10 5.58
CA PRO C 111 3.57 10.27 4.85
C PRO C 111 4.22 9.56 3.66
N TYR C 112 3.44 8.72 2.99
CA TYR C 112 3.90 8.00 1.81
C TYR C 112 3.55 8.83 0.57
N SER C 113 3.83 10.13 0.66
CA SER C 113 3.43 11.09 -0.36
C SER C 113 4.36 11.08 -1.56
N PRO C 114 3.84 11.45 -2.74
CA PRO C 114 4.70 11.66 -3.91
C PRO C 114 5.71 12.77 -3.63
N ARG C 115 5.34 13.68 -2.74
CA ARG C 115 6.24 14.73 -2.27
C ARG C 115 7.48 14.11 -1.63
N GLU C 116 7.26 13.11 -0.78
CA GLU C 116 8.36 12.44 -0.11
C GLU C 116 9.18 11.58 -1.06
N VAL C 117 8.55 11.15 -2.15
CA VAL C 117 9.26 10.42 -3.19
C VAL C 117 10.25 11.36 -3.86
N VAL C 118 9.77 12.55 -4.20
CA VAL C 118 10.62 13.61 -4.74
C VAL C 118 11.72 13.93 -3.74
N ALA C 119 11.36 13.97 -2.46
CA ALA C 119 12.30 14.28 -1.38
C ALA C 119 13.48 13.32 -1.34
N ARG C 120 13.19 12.02 -1.36
CA ARG C 120 14.23 11.00 -1.31
C ARG C 120 15.10 11.04 -2.57
N VAL C 121 14.48 11.33 -3.71
CA VAL C 121 15.21 11.44 -4.97
C VAL C 121 16.24 12.57 -4.92
N LYS C 122 15.85 13.70 -4.32
CA LYS C 122 16.76 14.82 -4.12
C LYS C 122 17.97 14.41 -3.28
N THR C 123 17.73 13.61 -2.25
CA THR C 123 18.78 13.14 -1.35
C THR C 123 19.79 12.28 -2.10
N ILE C 124 19.27 11.36 -2.91
CA ILE C 124 20.10 10.42 -3.67
C ILE C 124 20.95 11.15 -4.71
N LEU C 125 20.38 12.20 -5.30
CA LEU C 125 21.08 12.98 -6.32
C LEU C 125 21.70 14.24 -5.73
N ARG C 126 22.90 14.11 -5.19
CA ARG C 126 23.60 15.23 -4.59
C ARG C 126 25.04 15.32 -5.08
N SER C 141 51.03 25.13 -0.35
CA SER C 141 50.45 25.68 0.88
C SER C 141 50.19 24.58 1.91
N PRO C 142 51.18 24.33 2.77
CA PRO C 142 51.13 23.27 3.79
C PRO C 142 50.10 23.54 4.89
N LEU C 143 49.93 24.81 5.26
CA LEU C 143 49.05 25.15 6.38
C LEU C 143 47.63 25.47 5.95
N ILE C 144 46.69 24.62 6.37
CA ILE C 144 45.27 24.85 6.09
C ILE C 144 44.51 25.16 7.37
N ILE C 145 43.85 26.31 7.40
CA ILE C 145 43.04 26.68 8.56
C ILE C 145 41.58 26.86 8.20
N ASP C 146 40.74 25.95 8.70
CA ASP C 146 39.31 26.03 8.49
C ASP C 146 38.65 26.74 9.67
N GLU C 147 38.32 28.01 9.48
CA GLU C 147 37.74 28.82 10.55
C GLU C 147 36.25 28.50 10.74
N GLY C 148 35.70 27.72 9.82
CA GLY C 148 34.32 27.27 9.94
C GLY C 148 34.16 26.28 11.08
N ARG C 149 35.02 25.27 11.12
CA ARG C 149 34.96 24.27 12.18
C ARG C 149 36.18 24.32 13.10
N PHE C 150 36.86 25.47 13.11
CA PHE C 150 37.93 25.78 14.05
C PHE C 150 39.03 24.72 14.11
N GLN C 151 39.53 24.31 12.96
CA GLN C 151 40.59 23.31 12.90
C GLN C 151 41.72 23.74 11.97
N ALA C 152 42.92 23.23 12.24
CA ALA C 152 44.09 23.56 11.44
C ALA C 152 44.92 22.31 11.14
N SER C 153 45.62 22.34 10.02
CA SER C 153 46.46 21.22 9.62
C SER C 153 47.75 21.68 8.96
N TRP C 154 48.85 20.98 9.26
CA TRP C 154 50.13 21.25 8.62
C TRP C 154 50.57 20.03 7.83
N ARG C 155 50.72 20.20 6.52
CA ARG C 155 51.07 19.12 5.60
C ARG C 155 50.08 17.96 5.64
N GLY C 156 48.81 18.27 5.88
CA GLY C 156 47.77 17.26 5.90
C GLY C 156 47.62 16.56 7.23
N LYS C 157 48.38 17.00 8.22
CA LYS C 157 48.31 16.44 9.57
C LYS C 157 47.56 17.39 10.50
N MET C 158 46.54 16.88 11.17
CA MET C 158 45.71 17.71 12.05
C MET C 158 46.47 18.25 13.25
N LEU C 159 45.93 19.33 13.84
CA LEU C 159 46.51 19.94 15.03
C LEU C 159 45.49 19.94 16.18
N ASP C 160 45.91 19.45 17.34
CA ASP C 160 45.05 19.46 18.52
C ASP C 160 45.29 20.73 19.32
N LEU C 161 44.58 21.79 18.95
CA LEU C 161 44.84 23.11 19.52
C LEU C 161 43.72 23.59 20.44
N THR C 162 44.12 24.30 21.50
CA THR C 162 43.18 25.02 22.35
C THR C 162 42.74 26.25 21.58
N PRO C 163 41.57 26.82 21.92
CA PRO C 163 41.04 27.98 21.19
C PRO C 163 42.00 29.18 21.14
N ALA C 164 42.90 29.30 22.10
CA ALA C 164 43.87 30.38 22.12
C ALA C 164 45.04 30.11 21.18
N GLU C 165 45.58 28.90 21.24
CA GLU C 165 46.66 28.48 20.35
C GLU C 165 46.22 28.59 18.90
N PHE C 166 44.95 28.27 18.65
CA PHE C 166 44.37 28.37 17.32
C PHE C 166 44.32 29.82 16.85
N ARG C 167 43.82 30.70 17.71
CA ARG C 167 43.66 32.11 17.37
C ARG C 167 45.02 32.76 17.09
N LEU C 168 46.03 32.37 17.87
CA LEU C 168 47.38 32.87 17.66
C LEU C 168 47.96 32.32 16.37
N LEU C 169 47.70 31.05 16.09
CA LEU C 169 48.18 30.40 14.88
C LEU C 169 47.67 31.10 13.63
N LYS C 170 46.37 31.41 13.62
CA LYS C 170 45.78 32.06 12.46
C LYS C 170 46.23 33.51 12.34
N THR C 171 46.30 34.21 13.47
CA THR C 171 46.74 35.60 13.48
C THR C 171 48.15 35.77 12.93
N LEU C 172 49.07 34.93 13.40
CA LEU C 172 50.46 35.01 12.96
C LEU C 172 50.64 34.58 11.51
N SER C 173 49.99 33.48 11.13
CA SER C 173 50.19 32.90 9.80
C SER C 173 49.45 33.65 8.69
N HIS C 174 48.40 34.38 9.06
CA HIS C 174 47.64 35.15 8.07
C HIS C 174 48.49 36.27 7.50
N GLU C 175 49.41 36.77 8.31
CA GLU C 175 50.37 37.77 7.89
C GLU C 175 51.78 37.27 8.20
N PRO C 176 52.28 36.34 7.37
CA PRO C 176 53.56 35.68 7.63
C PRO C 176 54.75 36.62 7.37
N GLY C 177 55.68 36.66 8.32
CA GLY C 177 56.84 37.54 8.22
C GLY C 177 56.59 38.87 8.92
N LYS C 178 55.38 39.04 9.44
CA LYS C 178 55.00 40.24 10.16
C LYS C 178 55.13 40.05 11.67
N VAL C 179 55.79 41.00 12.33
CA VAL C 179 55.99 40.92 13.77
C VAL C 179 54.78 41.46 14.54
N PHE C 180 54.24 40.62 15.41
CA PHE C 180 53.16 41.02 16.31
C PHE C 180 53.69 41.15 17.72
N SER C 181 53.37 42.26 18.38
CA SER C 181 53.79 42.45 19.77
C SER C 181 52.92 41.61 20.70
N ARG C 182 53.37 41.45 21.94
CA ARG C 182 52.65 40.70 22.95
C ARG C 182 51.31 41.34 23.25
N GLU C 183 51.26 42.66 23.18
CA GLU C 183 50.04 43.40 23.47
C GLU C 183 49.06 43.34 22.31
N GLN C 184 49.56 43.08 21.12
CA GLN C 184 48.71 42.95 19.93
C GLN C 184 48.07 41.57 19.86
N LEU C 185 48.85 40.54 20.18
CA LEU C 185 48.33 39.18 20.18
C LEU C 185 47.28 39.01 21.27
N LEU C 186 47.49 39.68 22.40
CA LEU C 186 46.53 39.67 23.49
C LEU C 186 45.21 40.32 23.07
N ASN C 187 45.32 41.36 22.26
CA ASN C 187 44.15 42.06 21.75
C ASN C 187 43.32 41.22 20.80
N HIS C 188 43.96 40.27 20.13
CA HIS C 188 43.26 39.32 19.28
C HIS C 188 42.48 38.31 20.13
N LEU C 189 43.06 37.92 21.27
CA LEU C 189 42.43 36.96 22.15
C LEU C 189 41.20 37.55 22.85
N TYR C 190 41.25 38.86 23.08
CA TYR C 190 40.14 39.57 23.71
C TYR C 190 38.93 39.63 22.77
N ASP C 191 39.21 39.70 21.46
CA ASP C 191 38.16 39.84 20.46
C ASP C 191 37.49 38.51 20.14
N ASP C 192 38.26 37.43 20.22
CA ASP C 192 37.73 36.11 19.90
C ASP C 192 36.91 35.54 21.03
N TYR C 193 35.66 35.20 20.74
CA TYR C 193 34.82 34.48 21.68
C TYR C 193 35.43 33.10 21.88
N ARG C 194 34.89 32.33 22.82
CA ARG C 194 35.34 30.96 23.10
C ARG C 194 36.79 30.86 23.61
N VAL C 195 37.47 32.00 23.71
CA VAL C 195 38.84 32.02 24.22
C VAL C 195 38.94 32.70 25.58
N VAL C 196 39.18 31.89 26.61
CA VAL C 196 39.46 32.40 27.95
C VAL C 196 40.79 31.85 28.45
N THR C 197 41.72 32.75 28.76
CA THR C 197 43.10 32.36 29.04
C THR C 197 43.63 32.91 30.36
N ASP C 198 44.21 32.02 31.16
CA ASP C 198 44.89 32.42 32.40
C ASP C 198 46.40 32.41 32.18
N ARG C 199 46.84 31.69 31.14
CA ARG C 199 48.25 31.58 30.82
C ARG C 199 48.77 32.84 30.13
N THR C 200 50.06 32.85 29.83
CA THR C 200 50.68 34.01 29.17
C THR C 200 50.93 33.72 27.70
N ILE C 201 51.17 34.76 26.92
CA ILE C 201 51.39 34.63 25.48
C ILE C 201 52.62 33.77 25.17
N ASP C 202 53.66 33.92 25.99
CA ASP C 202 54.89 33.16 25.80
C ASP C 202 54.67 31.67 26.03
N SER C 203 53.72 31.34 26.90
CA SER C 203 53.36 29.95 27.12
C SER C 203 52.62 29.39 25.91
N HIS C 204 51.68 30.17 25.39
CA HIS C 204 50.90 29.79 24.22
C HIS C 204 51.77 29.59 22.99
N ILE C 205 52.67 30.54 22.75
CA ILE C 205 53.54 30.50 21.58
C ILE C 205 54.45 29.27 21.59
N LYS C 206 54.98 28.94 22.77
CA LYS C 206 55.81 27.75 22.90
C LYS C 206 55.01 26.47 22.66
N ASN C 207 53.83 26.39 23.29
CA ASN C 207 52.96 25.23 23.11
C ASN C 207 52.52 25.04 21.67
N LEU C 208 52.15 26.14 21.01
CA LEU C 208 51.77 26.10 19.61
C LEU C 208 52.94 25.66 18.74
N ARG C 209 54.13 26.12 19.09
CA ARG C 209 55.35 25.77 18.36
C ARG C 209 55.73 24.31 18.60
N ARG C 210 55.57 23.87 19.83
CA ARG C 210 55.89 22.50 20.22
C ARG C 210 55.05 21.50 19.42
N LYS C 211 53.79 21.83 19.19
CA LYS C 211 52.90 20.98 18.42
C LYS C 211 53.24 20.99 16.94
N LEU C 212 53.65 22.15 16.44
CA LEU C 212 54.03 22.29 15.04
C LEU C 212 55.34 21.59 14.73
N GLU C 213 56.31 21.73 15.64
CA GLU C 213 57.60 21.07 15.48
C GLU C 213 57.47 19.56 15.60
N SER C 214 56.38 19.11 16.21
CA SER C 214 56.12 17.68 16.33
C SER C 214 55.81 17.06 14.97
N LEU C 215 55.31 17.88 14.05
CA LEU C 215 54.89 17.41 12.74
C LEU C 215 55.93 17.65 11.65
N ASP C 216 56.93 18.47 11.96
CA ASP C 216 57.95 18.81 10.97
C ASP C 216 59.37 18.74 11.53
N ALA C 217 59.63 19.53 12.57
CA ALA C 217 60.94 19.60 13.24
C ALA C 217 62.08 20.11 12.36
N GLU C 218 61.79 20.29 11.06
CA GLU C 218 62.77 20.83 10.12
C GLU C 218 62.34 22.23 9.72
N GLN C 219 61.14 22.62 10.15
CA GLN C 219 60.55 23.89 9.77
C GLN C 219 60.59 24.91 10.89
N SER C 220 60.95 26.14 10.55
CA SER C 220 60.92 27.24 11.50
C SER C 220 59.55 27.90 11.46
N PHE C 221 58.77 27.70 12.52
CA PHE C 221 57.38 28.17 12.56
C PHE C 221 57.23 29.55 13.18
N ILE C 222 57.57 29.68 14.46
CA ILE C 222 57.42 30.96 15.15
C ILE C 222 58.76 31.47 15.69
N ARG C 223 58.98 32.77 15.59
CA ARG C 223 60.19 33.40 16.10
C ARG C 223 59.84 34.41 17.18
N ALA C 224 60.57 34.37 18.29
CA ALA C 224 60.28 35.27 19.40
C ALA C 224 61.44 36.22 19.70
N VAL C 225 61.17 37.51 19.66
CA VAL C 225 62.14 38.53 20.02
C VAL C 225 61.64 39.32 21.22
N TYR C 226 62.30 39.15 22.36
CA TYR C 226 61.85 39.73 23.61
C TYR C 226 61.75 41.25 23.56
N GLY C 227 60.56 41.77 23.85
CA GLY C 227 60.34 43.21 23.85
C GLY C 227 60.04 43.73 22.46
N VAL C 228 60.12 42.86 21.47
CA VAL C 228 59.86 43.24 20.08
C VAL C 228 58.59 42.58 19.55
N GLY C 229 58.55 41.26 19.58
CA GLY C 229 57.34 40.55 19.19
C GLY C 229 57.53 39.16 18.64
N TYR C 230 56.44 38.58 18.14
CA TYR C 230 56.45 37.25 17.55
C TYR C 230 56.23 37.33 16.03
N ARG C 231 56.85 36.41 15.30
CA ARG C 231 56.77 36.43 13.85
C ARG C 231 56.63 35.02 13.26
N TRP C 232 55.67 34.87 12.36
CA TRP C 232 55.48 33.60 11.65
C TRP C 232 56.55 33.45 10.58
N GLU C 233 57.29 32.35 10.65
CA GLU C 233 58.42 32.14 9.75
C GLU C 233 58.17 31.03 8.73
N ALA C 234 56.92 30.60 8.62
CA ALA C 234 56.56 29.54 7.68
C ALA C 234 55.70 30.06 6.54
N ASP C 235 55.07 29.13 5.81
CA ASP C 235 54.19 29.49 4.72
C ASP C 235 52.91 30.14 5.24
N ALA C 236 52.28 30.95 4.40
CA ALA C 236 51.01 31.57 4.77
C ALA C 236 49.92 30.52 4.89
N CYS C 237 48.94 30.78 5.74
CA CYS C 237 47.86 29.82 5.95
C CYS C 237 46.83 29.90 4.83
N ARG C 238 46.28 28.75 4.47
CA ARG C 238 45.20 28.71 3.49
C ARG C 238 43.87 28.57 4.22
N ILE C 239 43.00 29.56 4.05
CA ILE C 239 41.72 29.58 4.74
C ILE C 239 40.64 28.87 3.93
N VAL C 240 39.98 27.90 4.56
CA VAL C 240 38.94 27.12 3.90
C VAL C 240 37.61 27.22 4.65
N ASN D 9 6.59 3.29 37.94
CA ASN D 9 6.56 4.63 37.38
C ASN D 9 7.23 4.69 36.02
N THR D 10 6.47 4.38 34.98
CA THR D 10 6.97 4.38 33.61
C THR D 10 6.05 5.22 32.71
N PRO D 11 6.60 5.79 31.63
CA PRO D 11 5.83 6.62 30.70
C PRO D 11 4.58 5.92 30.14
N ARG D 12 3.43 6.57 30.31
CA ARG D 12 2.18 6.06 29.77
C ARG D 12 1.94 6.61 28.37
N ILE D 13 1.67 5.70 27.43
CA ILE D 13 1.43 6.09 26.04
C ILE D 13 0.07 5.63 25.55
N LEU D 14 -0.71 6.57 25.05
CA LEU D 14 -2.01 6.26 24.47
C LEU D 14 -1.90 5.96 22.98
N ILE D 15 -2.37 4.79 22.58
CA ILE D 15 -2.38 4.42 21.16
C ILE D 15 -3.79 4.51 20.62
N VAL D 16 -3.98 5.34 19.59
CA VAL D 16 -5.27 5.45 18.94
C VAL D 16 -5.21 4.79 17.57
N GLU D 17 -5.60 3.51 17.53
CA GLU D 17 -5.56 2.73 16.30
C GLU D 17 -6.81 1.87 16.17
N ASP D 18 -7.43 1.90 15.00
CA ASP D 18 -8.67 1.15 14.77
C ASP D 18 -8.39 -0.28 14.32
N GLU D 19 -7.26 -0.48 13.63
CA GLU D 19 -6.89 -1.81 13.15
C GLU D 19 -6.31 -2.63 14.29
N PRO D 20 -6.95 -3.78 14.59
CA PRO D 20 -6.62 -4.63 15.74
C PRO D 20 -5.21 -5.21 15.70
N LYS D 21 -4.80 -5.76 14.56
CA LYS D 21 -3.49 -6.39 14.44
C LYS D 21 -2.36 -5.40 14.69
N LEU D 22 -2.37 -4.28 13.98
CA LEU D 22 -1.38 -3.23 14.17
C LEU D 22 -1.48 -2.65 15.57
N GLY D 23 -2.70 -2.54 16.08
CA GLY D 23 -2.92 -2.04 17.42
C GLY D 23 -2.22 -2.88 18.48
N GLN D 24 -2.52 -4.18 18.48
CA GLN D 24 -1.88 -5.12 19.39
C GLN D 24 -0.37 -5.16 19.17
N LEU D 25 0.05 -4.97 17.93
CA LEU D 25 1.46 -4.98 17.58
C LEU D 25 2.19 -3.81 18.22
N LEU D 26 1.56 -2.63 18.16
CA LEU D 26 2.13 -1.44 18.77
C LEU D 26 2.20 -1.57 20.29
N ILE D 27 1.22 -2.26 20.86
CA ILE D 27 1.20 -2.51 22.30
C ILE D 27 2.41 -3.34 22.73
N ASP D 28 2.65 -4.42 22.00
CA ASP D 28 3.75 -5.33 22.31
C ASP D 28 5.12 -4.65 22.20
N TYR D 29 5.33 -3.93 21.10
CA TYR D 29 6.58 -3.24 20.88
C TYR D 29 6.85 -2.16 21.93
N LEU D 30 5.82 -1.40 22.27
CA LEU D 30 5.96 -0.32 23.24
C LEU D 30 6.17 -0.83 24.66
N ARG D 31 5.46 -1.90 25.01
CA ARG D 31 5.60 -2.49 26.33
C ARG D 31 7.00 -3.10 26.50
N ALA D 32 7.54 -3.61 25.41
CA ALA D 32 8.88 -4.18 25.40
C ALA D 32 9.93 -3.09 25.61
N ALA D 33 9.58 -1.86 25.26
CA ALA D 33 10.46 -0.71 25.43
C ALA D 33 10.28 -0.07 26.79
N SER D 34 9.77 -0.85 27.74
CA SER D 34 9.55 -0.41 29.12
C SER D 34 8.59 0.79 29.21
N TYR D 35 7.52 0.75 28.42
CA TYR D 35 6.50 1.78 28.46
C TYR D 35 5.17 1.22 28.96
N ALA D 36 4.18 2.09 29.13
CA ALA D 36 2.86 1.67 29.59
C ALA D 36 1.80 1.99 28.53
N PRO D 37 1.61 1.06 27.58
CA PRO D 37 0.72 1.26 26.43
C PRO D 37 -0.76 1.08 26.78
N THR D 38 -1.61 1.90 26.18
CA THR D 38 -3.05 1.76 26.31
C THR D 38 -3.69 1.98 24.93
N LEU D 39 -4.53 1.03 24.52
CA LEU D 39 -5.10 1.07 23.17
C LEU D 39 -6.56 1.51 23.16
N ILE D 40 -6.88 2.48 22.31
CA ILE D 40 -8.25 2.91 22.08
C ILE D 40 -8.59 2.79 20.60
N SER D 41 -9.74 2.19 20.29
CA SER D 41 -10.11 1.91 18.91
C SER D 41 -11.09 2.94 18.34
N HIS D 42 -11.76 3.68 19.20
CA HIS D 42 -12.79 4.61 18.77
C HIS D 42 -12.48 6.07 19.09
N GLY D 43 -12.89 6.97 18.19
CA GLY D 43 -12.56 8.38 18.32
C GLY D 43 -13.34 9.12 19.39
N ASP D 44 -14.48 8.59 19.78
CA ASP D 44 -15.29 9.21 20.82
C ASP D 44 -14.78 8.87 22.22
N GLN D 45 -13.91 7.87 22.30
CA GLN D 45 -13.38 7.41 23.57
C GLN D 45 -12.11 8.15 24.01
N VAL D 46 -11.31 8.57 23.04
CA VAL D 46 -10.00 9.16 23.34
C VAL D 46 -10.07 10.49 24.10
N LEU D 47 -10.89 11.42 23.62
CA LEU D 47 -11.01 12.74 24.24
C LEU D 47 -11.31 12.72 25.75
N PRO D 48 -12.34 11.97 26.19
CA PRO D 48 -12.55 11.95 27.64
C PRO D 48 -11.45 11.17 28.38
N TYR D 49 -10.74 10.31 27.66
CA TYR D 49 -9.64 9.56 28.26
C TYR D 49 -8.42 10.44 28.48
N VAL D 50 -8.17 11.34 27.53
CA VAL D 50 -7.05 12.27 27.64
C VAL D 50 -7.24 13.19 28.85
N ARG D 51 -8.50 13.51 29.14
CA ARG D 51 -8.83 14.31 30.31
C ARG D 51 -8.61 13.50 31.58
N GLN D 52 -9.47 12.51 31.80
CA GLN D 52 -9.46 11.73 33.03
C GLN D 52 -8.14 11.00 33.31
N THR D 53 -7.60 10.34 32.29
CA THR D 53 -6.33 9.64 32.43
C THR D 53 -5.33 10.11 31.39
N PRO D 54 -4.71 11.28 31.62
CA PRO D 54 -3.77 11.88 30.66
C PRO D 54 -2.51 11.04 30.49
N PRO D 55 -2.14 10.76 29.24
CA PRO D 55 -0.91 10.02 28.95
C PRO D 55 0.28 10.95 28.81
N ASP D 56 1.48 10.39 28.68
CA ASP D 56 2.68 11.19 28.50
C ASP D 56 2.92 11.47 27.02
N LEU D 57 2.34 10.64 26.16
CA LEU D 57 2.43 10.82 24.72
C LEU D 57 1.25 10.15 24.04
N ILE D 58 0.75 10.78 22.98
CA ILE D 58 -0.39 10.22 22.24
C ILE D 58 0.03 9.76 20.84
N LEU D 59 -0.01 8.45 20.62
CA LEU D 59 0.27 7.89 19.30
C LEU D 59 -1.04 7.84 18.51
N LEU D 60 -1.20 8.77 17.58
CA LEU D 60 -2.47 8.96 16.89
C LEU D 60 -2.39 8.67 15.39
N ASP D 61 -3.05 7.59 14.96
CA ASP D 61 -3.10 7.23 13.55
C ASP D 61 -3.98 8.21 12.80
N LEU D 62 -3.43 8.83 11.76
CA LEU D 62 -4.14 9.87 11.01
C LEU D 62 -5.38 9.34 10.30
N MET D 63 -5.34 8.06 9.92
CA MET D 63 -6.44 7.48 9.14
C MET D 63 -7.23 6.43 9.91
N LEU D 64 -8.28 6.87 10.59
CA LEU D 64 -9.21 5.97 11.25
C LEU D 64 -10.64 6.44 10.99
N PRO D 65 -11.53 5.50 10.62
CA PRO D 65 -12.91 5.83 10.22
C PRO D 65 -13.75 6.44 11.33
N GLY D 66 -14.92 6.95 10.97
CA GLY D 66 -15.81 7.60 11.92
C GLY D 66 -15.50 9.08 12.05
N THR D 67 -14.30 9.38 12.54
CA THR D 67 -13.84 10.76 12.70
C THR D 67 -12.36 10.85 12.35
N ASP D 68 -12.00 11.79 11.48
CA ASP D 68 -10.61 11.95 11.07
C ASP D 68 -9.75 12.41 12.24
N GLY D 69 -8.50 11.97 12.25
CA GLY D 69 -7.60 12.23 13.36
C GLY D 69 -7.17 13.67 13.51
N LEU D 70 -7.35 14.47 12.47
CA LEU D 70 -6.92 15.87 12.49
C LEU D 70 -7.88 16.76 13.28
N MET D 71 -9.18 16.55 13.09
CA MET D 71 -10.18 17.25 13.91
C MET D 71 -10.17 16.68 15.32
N LEU D 72 -9.65 15.46 15.44
CA LEU D 72 -9.50 14.83 16.75
C LEU D 72 -8.29 15.40 17.48
N ARG D 74 -6.81 18.39 16.82
CA ARG D 74 -7.07 19.81 17.07
C ARG D 74 -7.87 19.98 18.35
N GLU D 75 -8.66 18.97 18.69
CA GLU D 75 -9.49 19.00 19.88
C GLU D 75 -8.66 18.77 21.13
N ILE D 76 -7.79 17.76 21.09
CA ILE D 76 -6.91 17.45 22.21
C ILE D 76 -5.96 18.61 22.47
N ARG D 77 -5.44 19.18 21.39
CA ARG D 77 -4.47 20.27 21.46
C ARG D 77 -5.07 21.52 22.10
N ARG D 78 -6.39 21.55 22.22
CA ARG D 78 -7.08 22.72 22.74
C ARG D 78 -7.00 22.84 24.26
N PHE D 79 -6.93 21.70 24.96
CA PHE D 79 -6.86 21.72 26.42
C PHE D 79 -5.67 20.97 27.02
N SER D 80 -4.70 20.59 26.19
CA SER D 80 -3.48 19.94 26.67
C SER D 80 -2.33 20.07 25.68
N ASP D 81 -1.11 20.17 26.21
CA ASP D 81 0.07 20.26 25.38
C ASP D 81 0.86 18.95 25.39
N ILE D 82 0.16 17.86 25.67
CA ILE D 82 0.74 16.52 25.58
C ILE D 82 1.19 16.31 24.15
N PRO D 83 2.40 15.78 23.96
CA PRO D 83 2.91 15.56 22.60
C PRO D 83 2.03 14.59 21.81
N ILE D 84 1.76 14.93 20.55
CA ILE D 84 0.96 14.07 19.70
C ILE D 84 1.72 13.66 18.44
N VAL D 85 1.83 12.36 18.24
CA VAL D 85 2.53 11.83 17.07
C VAL D 85 1.54 11.39 16.00
N MET D 86 1.61 12.03 14.83
CA MET D 86 0.67 11.74 13.75
C MET D 86 1.17 10.62 12.85
N VAL D 87 0.56 9.44 13.01
CA VAL D 87 0.96 8.26 12.28
C VAL D 87 0.17 8.12 10.98
N THR D 88 0.86 7.71 9.92
CA THR D 88 0.24 7.45 8.63
C THR D 88 0.80 6.17 8.04
N ALA D 89 1.08 5.21 8.90
CA ALA D 89 1.90 4.06 8.51
C ALA D 89 1.28 2.70 8.79
N LYS D 90 1.85 1.68 8.15
CA LYS D 90 1.30 0.33 8.22
C LYS D 90 2.34 -0.71 8.68
N ILE D 91 2.04 -1.97 8.39
CA ILE D 91 2.88 -3.10 8.77
C ILE D 91 4.17 -3.11 7.95
N GLU D 92 5.14 -3.91 8.37
CA GLU D 92 6.43 -3.99 7.68
C GLU D 92 6.46 -5.09 6.64
N GLU D 93 7.14 -4.84 5.52
CA GLU D 93 7.18 -5.78 4.41
C GLU D 93 8.32 -6.79 4.54
N ILE D 94 8.07 -7.84 5.32
CA ILE D 94 9.06 -8.90 5.50
C ILE D 94 8.85 -9.98 4.44
N ASP D 95 9.70 -11.00 4.43
CA ASP D 95 9.57 -12.16 3.56
C ASP D 95 9.66 -11.84 2.06
N ARG D 96 8.85 -10.88 1.60
CA ARG D 96 8.92 -10.40 0.23
C ARG D 96 10.32 -9.91 -0.11
N LEU D 97 10.89 -9.11 0.80
CA LEU D 97 12.19 -8.49 0.56
C LEU D 97 13.28 -9.10 1.44
N LEU D 98 12.90 -10.00 2.33
CA LEU D 98 13.84 -10.65 3.24
C LEU D 98 14.95 -11.40 2.49
N GLY D 99 16.19 -11.06 2.81
CA GLY D 99 17.34 -11.70 2.19
C GLY D 99 17.97 -10.90 1.08
N LEU D 100 17.24 -9.91 0.57
CA LEU D 100 17.71 -9.08 -0.54
C LEU D 100 18.93 -8.25 -0.15
N GLU D 101 19.95 -8.26 -1.00
CA GLU D 101 21.14 -7.47 -0.75
C GLU D 101 20.93 -6.02 -1.19
N ILE D 102 21.01 -5.12 -0.22
CA ILE D 102 20.80 -3.69 -0.48
C ILE D 102 22.12 -2.98 -0.75
N GLY D 103 22.39 -2.72 -2.02
CA GLY D 103 23.61 -2.05 -2.42
C GLY D 103 23.60 -0.57 -2.07
N ALA D 104 24.68 0.11 -2.42
CA ALA D 104 24.81 1.54 -2.17
C ALA D 104 23.95 2.33 -3.16
N ASP D 105 23.51 1.66 -4.21
CA ASP D 105 22.66 2.28 -5.22
C ASP D 105 21.27 1.68 -5.20
N ASP D 106 20.98 0.91 -4.16
CA ASP D 106 19.66 0.33 -3.99
C ASP D 106 18.91 1.01 -2.85
N TYR D 107 17.87 1.76 -3.19
CA TYR D 107 17.11 2.51 -2.19
C TYR D 107 15.68 1.98 -2.08
N ILE D 108 15.32 1.51 -0.90
CA ILE D 108 13.98 0.98 -0.67
C ILE D 108 12.99 2.04 -0.22
N LYS D 110 9.52 2.50 1.25
CA LYS D 110 8.50 1.74 1.98
C LYS D 110 7.89 2.60 3.07
N PRO D 111 6.63 2.30 3.45
CA PRO D 111 6.00 3.04 4.55
C PRO D 111 6.68 2.72 5.88
N TYR D 112 6.50 3.59 6.87
CA TYR D 112 7.03 3.37 8.21
C TYR D 112 6.58 2.01 8.74
N SER D 113 7.44 1.37 9.53
CA SER D 113 7.09 0.11 10.18
C SER D 113 6.77 0.39 11.64
N PRO D 114 6.00 -0.51 12.28
CA PRO D 114 5.70 -0.35 13.71
C PRO D 114 6.96 -0.34 14.59
N ARG D 115 8.05 -0.90 14.08
CA ARG D 115 9.32 -0.83 14.77
C ARG D 115 9.89 0.60 14.72
N GLU D 116 9.64 1.28 13.61
CA GLU D 116 10.19 2.62 13.40
C GLU D 116 9.49 3.70 14.22
N VAL D 117 8.19 3.56 14.42
CA VAL D 117 7.46 4.54 15.22
C VAL D 117 7.83 4.44 16.70
N VAL D 118 8.00 3.21 17.19
CA VAL D 118 8.44 3.00 18.57
C VAL D 118 9.82 3.62 18.75
N ALA D 119 10.63 3.54 17.71
CA ALA D 119 11.95 4.17 17.70
C ALA D 119 11.82 5.68 17.80
N ARG D 120 10.91 6.25 17.01
CA ARG D 120 10.68 7.69 17.01
C ARG D 120 10.06 8.15 18.33
N VAL D 121 9.22 7.29 18.91
CA VAL D 121 8.61 7.58 20.21
C VAL D 121 9.67 7.71 21.30
N LYS D 122 10.62 6.77 21.30
CA LYS D 122 11.71 6.77 22.27
C LYS D 122 12.53 8.06 22.23
N THR D 123 12.74 8.57 21.02
CA THR D 123 13.51 9.80 20.82
C THR D 123 12.81 10.98 21.48
N ILE D 124 11.48 11.01 21.38
CA ILE D 124 10.68 12.08 21.97
C ILE D 124 10.70 11.98 23.50
N LEU D 125 10.92 10.77 24.01
CA LEU D 125 10.99 10.55 25.45
C LEU D 125 12.42 10.30 25.90
N PRO D 142 23.76 12.36 47.30
CA PRO D 142 23.10 13.28 46.36
C PRO D 142 23.97 13.53 45.14
N LEU D 143 25.25 13.16 45.21
CA LEU D 143 26.17 13.35 44.10
C LEU D 143 26.36 12.06 43.31
N ILE D 144 26.07 12.13 42.02
CA ILE D 144 26.20 10.96 41.14
C ILE D 144 27.07 11.31 39.93
N ILE D 145 28.02 10.42 39.62
CA ILE D 145 28.90 10.62 38.47
C ILE D 145 28.97 9.36 37.61
N ASP D 146 28.55 9.49 36.35
CA ASP D 146 28.65 8.39 35.40
C ASP D 146 29.87 8.58 34.51
N GLU D 147 30.92 7.83 34.79
CA GLU D 147 32.18 7.97 34.07
C GLU D 147 32.13 7.36 32.66
N GLY D 148 30.97 6.85 32.28
CA GLY D 148 30.79 6.31 30.94
C GLY D 148 30.45 7.40 29.95
N ARG D 149 29.38 8.15 30.23
CA ARG D 149 28.97 9.24 29.36
C ARG D 149 29.68 10.54 29.75
N PHE D 150 30.51 10.45 30.79
CA PHE D 150 31.25 11.60 31.31
C PHE D 150 30.35 12.76 31.71
N GLN D 151 29.29 12.45 32.46
CA GLN D 151 28.39 13.47 32.98
C GLN D 151 28.19 13.29 34.48
N ALA D 152 27.80 14.36 35.16
CA ALA D 152 27.58 14.32 36.60
C ALA D 152 26.29 15.03 36.98
N SER D 153 25.82 14.77 38.19
CA SER D 153 24.59 15.39 38.67
C SER D 153 24.52 15.43 40.18
N TRP D 154 24.08 16.56 40.72
CA TRP D 154 23.80 16.67 42.14
C TRP D 154 22.29 16.62 42.33
N ARG D 155 21.84 15.76 43.25
CA ARG D 155 20.43 15.48 43.49
C ARG D 155 19.56 15.35 42.23
N GLY D 156 20.06 14.62 41.24
CA GLY D 156 19.33 14.39 40.01
C GLY D 156 19.46 15.50 38.98
N LYS D 157 19.84 16.69 39.45
CA LYS D 157 20.00 17.83 38.56
C LYS D 157 21.34 17.76 37.84
N MET D 158 21.28 17.70 36.50
CA MET D 158 22.47 17.56 35.68
C MET D 158 23.36 18.80 35.74
N LEU D 159 24.65 18.61 35.50
CA LEU D 159 25.62 19.69 35.49
C LEU D 159 26.18 19.90 34.08
N ASP D 160 26.43 21.15 33.73
CA ASP D 160 27.09 21.47 32.47
C ASP D 160 28.57 21.68 32.73
N LEU D 161 29.34 20.60 32.69
CA LEU D 161 30.74 20.65 33.08
C LEU D 161 31.70 20.60 31.91
N THR D 162 32.81 21.33 32.04
CA THR D 162 33.93 21.21 31.12
C THR D 162 34.67 19.94 31.51
N PRO D 163 35.42 19.35 30.56
CA PRO D 163 36.21 18.14 30.85
C PRO D 163 37.13 18.32 32.05
N ALA D 164 37.69 19.52 32.21
CA ALA D 164 38.57 19.83 33.32
C ALA D 164 37.81 19.87 34.64
N GLU D 165 36.68 20.58 34.65
CA GLU D 165 35.85 20.70 35.84
C GLU D 165 35.33 19.34 36.29
N PHE D 166 35.06 18.47 35.33
CA PHE D 166 34.58 17.12 35.62
C PHE D 166 35.65 16.30 36.36
N ARG D 167 36.82 16.21 35.76
CA ARG D 167 37.94 15.46 36.33
C ARG D 167 38.29 15.95 37.74
N LEU D 168 38.17 17.26 37.96
CA LEU D 168 38.40 17.83 39.28
C LEU D 168 37.31 17.39 40.26
N LEU D 169 36.06 17.40 39.81
CA LEU D 169 34.94 17.03 40.66
C LEU D 169 34.99 15.56 41.06
N LYS D 170 35.35 14.72 40.11
CA LYS D 170 35.45 13.28 40.36
C LYS D 170 36.63 12.95 41.28
N THR D 171 37.76 13.62 41.04
CA THR D 171 38.97 13.37 41.82
C THR D 171 38.79 13.83 43.26
N LEU D 172 38.17 14.99 43.45
CA LEU D 172 37.97 15.55 44.78
C LEU D 172 36.95 14.76 45.60
N SER D 173 35.79 14.48 45.00
CA SER D 173 34.69 13.87 45.72
C SER D 173 34.73 12.35 45.76
N HIS D 174 35.80 11.77 45.25
CA HIS D 174 36.00 10.32 45.36
C HIS D 174 36.56 10.02 46.74
N GLU D 175 37.35 10.94 47.26
CA GLU D 175 37.93 10.82 48.59
C GLU D 175 37.70 12.10 49.38
N PRO D 176 36.47 12.30 49.87
CA PRO D 176 36.10 13.53 50.60
C PRO D 176 36.92 13.73 51.86
N GLY D 177 37.25 14.97 52.18
CA GLY D 177 38.02 15.28 53.37
C GLY D 177 39.51 15.29 53.11
N LYS D 178 39.94 14.62 52.04
CA LYS D 178 41.36 14.58 51.69
C LYS D 178 41.75 15.83 50.91
N VAL D 179 42.87 16.43 51.32
CA VAL D 179 43.36 17.65 50.67
C VAL D 179 44.23 17.32 49.46
N PHE D 180 43.93 17.96 48.34
CA PHE D 180 44.74 17.82 47.13
C PHE D 180 45.45 19.14 46.83
N SER D 181 46.77 19.12 46.84
CA SER D 181 47.55 20.29 46.43
C SER D 181 47.32 20.53 44.95
N ARG D 182 47.44 21.76 44.50
CA ARG D 182 47.21 22.09 43.10
C ARG D 182 48.26 21.42 42.20
N GLU D 183 49.41 21.11 42.79
CA GLU D 183 50.47 20.41 42.06
C GLU D 183 50.02 18.99 41.73
N GLN D 184 49.10 18.46 42.53
CA GLN D 184 48.56 17.12 42.30
C GLN D 184 47.40 17.15 41.32
N LEU D 185 46.51 18.14 41.47
CA LEU D 185 45.35 18.27 40.60
C LEU D 185 45.77 18.58 39.16
N LEU D 186 46.94 19.19 39.00
CA LEU D 186 47.48 19.49 37.69
C LEU D 186 47.89 18.21 36.98
N ASN D 187 48.39 17.26 37.75
CA ASN D 187 48.80 15.96 37.22
C ASN D 187 47.61 15.15 36.73
N HIS D 188 46.48 15.28 37.42
CA HIS D 188 45.26 14.58 37.01
C HIS D 188 44.71 15.14 35.70
N LEU D 189 44.79 16.46 35.55
CA LEU D 189 44.35 17.11 34.32
C LEU D 189 45.32 16.81 33.18
N TYR D 190 46.52 16.39 33.54
CA TYR D 190 47.56 16.08 32.55
C TYR D 190 47.41 14.66 32.03
N ASP D 191 46.90 13.77 32.88
CA ASP D 191 46.73 12.37 32.50
C ASP D 191 45.39 12.12 31.81
N ASP D 192 44.44 13.03 32.00
CA ASP D 192 43.15 12.93 31.35
C ASP D 192 43.21 13.59 29.98
N TYR D 193 42.91 12.82 28.94
CA TYR D 193 43.06 13.30 27.57
C TYR D 193 41.77 13.87 26.99
N ARG D 194 40.81 14.17 27.85
CA ARG D 194 39.61 14.88 27.42
C ARG D 194 39.77 16.35 27.75
N VAL D 195 40.76 16.65 28.58
CA VAL D 195 40.98 18.00 29.09
C VAL D 195 41.97 18.79 28.24
N VAL D 196 41.49 19.90 27.67
CA VAL D 196 42.34 20.83 26.94
C VAL D 196 41.85 22.27 27.12
N THR D 197 42.44 22.97 28.09
CA THR D 197 42.00 24.32 28.40
C THR D 197 43.14 25.33 28.41
N ASP D 198 42.78 26.61 28.39
CA ASP D 198 43.73 27.69 28.55
C ASP D 198 43.56 28.24 29.96
N ARG D 199 42.94 27.44 30.82
CA ARG D 199 42.59 27.85 32.17
C ARG D 199 43.43 27.15 33.23
N THR D 200 43.75 27.87 34.29
CA THR D 200 44.48 27.30 35.42
C THR D 200 43.50 26.67 36.40
N ILE D 201 44.05 25.96 37.39
CA ILE D 201 43.23 25.22 38.35
C ILE D 201 42.33 26.12 39.20
N ASP D 202 42.86 27.28 39.58
CA ASP D 202 42.10 28.24 40.39
C ASP D 202 40.82 28.68 39.68
N SER D 203 40.90 28.80 38.36
CA SER D 203 39.74 29.22 37.56
C SER D 203 38.67 28.14 37.51
N HIS D 204 39.09 26.90 37.30
CA HIS D 204 38.17 25.77 37.23
C HIS D 204 37.44 25.57 38.56
N ILE D 205 38.21 25.54 39.65
CA ILE D 205 37.66 25.36 40.98
C ILE D 205 36.63 26.43 41.31
N LYS D 206 36.92 27.67 40.92
CA LYS D 206 35.98 28.77 41.11
C LYS D 206 34.71 28.57 40.27
N ASN D 207 34.87 28.05 39.06
CA ASN D 207 33.74 27.79 38.18
C ASN D 207 32.91 26.59 38.61
N LEU D 208 33.59 25.49 38.92
CA LEU D 208 32.94 24.27 39.36
C LEU D 208 32.11 24.51 40.61
N ARG D 209 32.65 25.31 41.53
CA ARG D 209 31.96 25.67 42.76
C ARG D 209 30.80 26.61 42.47
N ARG D 210 30.97 27.47 41.47
CA ARG D 210 29.95 28.44 41.10
C ARG D 210 28.72 27.75 40.53
N LYS D 211 28.95 26.72 39.72
CA LYS D 211 27.84 25.97 39.10
C LYS D 211 27.15 25.07 40.11
N LEU D 212 27.89 24.63 41.12
CA LEU D 212 27.32 23.81 42.18
C LEU D 212 26.49 24.66 43.14
N GLU D 213 26.94 25.89 43.37
CA GLU D 213 26.21 26.84 44.21
C GLU D 213 25.06 27.46 43.43
N SER D 214 25.05 27.23 42.12
CA SER D 214 23.96 27.69 41.27
C SER D 214 22.70 26.86 41.54
N LEU D 215 22.90 25.56 41.77
CA LEU D 215 21.79 24.67 42.07
C LEU D 215 21.29 24.90 43.49
N ASP D 216 22.13 24.60 44.47
CA ASP D 216 21.76 24.75 45.87
C ASP D 216 22.82 25.54 46.64
N ALA D 217 22.45 26.72 47.10
CA ALA D 217 23.36 27.58 47.86
C ALA D 217 23.49 27.11 49.30
N GLU D 218 24.28 27.84 50.08
CA GLU D 218 24.52 27.54 51.49
C GLU D 218 25.25 26.21 51.75
N GLN D 219 25.52 25.47 50.68
CA GLN D 219 26.25 24.22 50.79
C GLN D 219 27.73 24.45 50.55
N SER D 220 28.57 23.95 51.47
CA SER D 220 30.01 24.06 51.31
C SER D 220 30.53 22.88 50.49
N PHE D 221 30.89 23.15 49.24
CA PHE D 221 31.38 22.12 48.33
C PHE D 221 32.90 21.98 48.41
N ILE D 222 33.59 22.97 47.86
CA ILE D 222 35.05 22.93 47.80
C ILE D 222 35.66 24.06 48.61
N ARG D 223 36.68 23.72 49.40
CA ARG D 223 37.44 24.74 50.13
C ARG D 223 38.81 24.92 49.48
N ALA D 224 39.20 26.17 49.30
CA ALA D 224 40.49 26.47 48.67
C ALA D 224 41.45 27.13 49.64
N VAL D 225 42.51 26.41 50.00
CA VAL D 225 43.53 26.94 50.90
C VAL D 225 44.87 27.03 50.19
N TYR D 226 45.39 28.25 50.07
CA TYR D 226 46.62 28.50 49.35
C TYR D 226 47.82 27.85 50.03
N GLY D 227 48.68 27.23 49.23
CA GLY D 227 49.88 26.59 49.74
C GLY D 227 49.64 25.21 50.30
N VAL D 228 48.38 24.93 50.62
CA VAL D 228 47.98 23.62 51.13
C VAL D 228 47.33 22.81 50.03
N GLY D 229 46.22 23.32 49.51
CA GLY D 229 45.54 22.68 48.39
C GLY D 229 44.03 22.84 48.41
N TYR D 230 43.34 21.97 47.70
CA TYR D 230 41.89 22.00 47.60
C TYR D 230 41.27 20.78 48.28
N ARG D 231 40.12 20.98 48.90
CA ARG D 231 39.46 19.90 49.62
C ARG D 231 37.95 19.85 49.34
N TRP D 232 37.41 18.65 49.24
CA TRP D 232 35.98 18.46 49.04
C TRP D 232 35.28 18.34 50.38
N GLU D 233 34.23 19.12 50.58
CA GLU D 233 33.57 19.19 51.89
C GLU D 233 32.10 18.78 51.87
N ALA D 234 31.72 17.95 50.89
CA ALA D 234 30.36 17.44 50.82
C ALA D 234 30.35 15.92 50.85
N ASP D 235 29.24 15.33 50.44
CA ASP D 235 29.09 13.88 50.43
C ASP D 235 29.97 13.25 49.35
N ALA D 236 30.22 11.95 49.48
CA ALA D 236 30.99 11.22 48.47
C ALA D 236 30.18 11.07 47.18
N CYS D 237 30.87 10.80 46.09
CA CYS D 237 30.20 10.67 44.79
C CYS D 237 29.74 9.23 44.56
N ARG D 238 28.53 9.08 44.02
CA ARG D 238 28.01 7.78 43.67
C ARG D 238 28.46 7.41 42.26
N ILE D 239 29.43 6.50 42.17
CA ILE D 239 30.02 6.13 40.89
C ILE D 239 29.06 5.30 40.03
N VAL D 240 28.88 5.74 38.79
CA VAL D 240 27.98 5.08 37.83
C VAL D 240 26.55 4.99 38.37
N ASN E 9 38.06 -33.48 -25.46
CA ASN E 9 36.77 -32.83 -25.26
C ASN E 9 36.10 -33.29 -23.96
N THR E 10 36.70 -32.91 -22.84
CA THR E 10 36.17 -33.26 -21.52
C THR E 10 35.93 -31.97 -20.73
N PRO E 11 35.01 -32.03 -19.74
CA PRO E 11 34.70 -30.85 -18.93
C PRO E 11 35.94 -30.25 -18.26
N ARG E 12 36.17 -28.96 -18.49
CA ARG E 12 37.31 -28.27 -17.89
C ARG E 12 36.90 -27.54 -16.62
N ILE E 13 37.76 -27.60 -15.61
CA ILE E 13 37.44 -27.03 -14.31
C ILE E 13 38.51 -26.04 -13.85
N LEU E 14 38.11 -24.82 -13.55
CA LEU E 14 39.03 -23.81 -13.05
C LEU E 14 39.11 -23.84 -11.53
N ILE E 15 40.27 -24.22 -11.01
CA ILE E 15 40.50 -24.24 -9.57
C ILE E 15 41.17 -22.94 -9.14
N VAL E 16 40.44 -22.10 -8.41
CA VAL E 16 41.02 -20.88 -7.87
C VAL E 16 41.52 -21.14 -6.45
N GLU E 17 42.81 -21.46 -6.35
CA GLU E 17 43.42 -21.82 -5.07
C GLU E 17 44.82 -21.21 -4.95
N ASP E 18 45.12 -20.66 -3.78
CA ASP E 18 46.43 -20.05 -3.53
C ASP E 18 47.46 -21.06 -3.01
N GLU E 19 47.03 -21.91 -2.09
CA GLU E 19 47.93 -22.91 -1.51
C GLU E 19 48.33 -23.94 -2.56
N PRO E 20 49.63 -23.99 -2.88
CA PRO E 20 50.16 -24.82 -3.98
C PRO E 20 49.96 -26.33 -3.76
N LYS E 21 50.16 -26.80 -2.54
CA LYS E 21 50.01 -28.23 -2.25
C LYS E 21 48.60 -28.71 -2.52
N LEU E 22 47.62 -28.05 -1.91
CA LEU E 22 46.22 -28.39 -2.11
C LEU E 22 45.79 -28.15 -3.55
N GLY E 23 46.36 -27.12 -4.16
CA GLY E 23 46.07 -26.80 -5.55
C GLY E 23 46.43 -27.95 -6.47
N GLN E 24 47.62 -28.50 -6.28
CA GLN E 24 48.06 -29.64 -7.06
C GLN E 24 47.25 -30.89 -6.72
N LEU E 25 46.89 -31.02 -5.45
CA LEU E 25 46.12 -32.17 -4.99
C LEU E 25 44.75 -32.23 -5.67
N LEU E 26 44.11 -31.07 -5.77
CA LEU E 26 42.82 -30.96 -6.45
C LEU E 26 42.97 -31.21 -7.95
N ILE E 27 44.12 -30.85 -8.50
CA ILE E 27 44.42 -31.13 -9.90
C ILE E 27 44.53 -32.64 -10.12
N ASP E 28 45.28 -33.29 -9.24
CA ASP E 28 45.47 -34.74 -9.31
C ASP E 28 44.15 -35.49 -9.25
N TYR E 29 43.31 -35.10 -8.29
CA TYR E 29 42.00 -35.74 -8.11
C TYR E 29 41.07 -35.51 -9.30
N LEU E 30 41.02 -34.28 -9.78
CA LEU E 30 40.11 -33.92 -10.87
C LEU E 30 40.55 -34.48 -12.22
N ARG E 31 41.86 -34.48 -12.47
CA ARG E 31 42.38 -35.02 -13.72
C ARG E 31 42.17 -36.52 -13.77
N ALA E 32 42.22 -37.17 -12.61
CA ALA E 32 42.00 -38.60 -12.51
C ALA E 32 40.52 -38.93 -12.71
N ALA E 33 39.67 -37.94 -12.52
CA ALA E 33 38.22 -38.11 -12.74
C ALA E 33 37.85 -37.71 -14.16
N SER E 34 38.83 -37.77 -15.06
CA SER E 34 38.65 -37.43 -16.47
C SER E 34 38.14 -36.00 -16.69
N TYR E 35 38.72 -35.05 -15.95
CA TYR E 35 38.40 -33.64 -16.14
C TYR E 35 39.65 -32.89 -16.60
N ALA E 36 39.50 -31.61 -16.90
CA ALA E 36 40.62 -30.79 -17.33
C ALA E 36 40.86 -29.65 -16.34
N PRO E 37 41.60 -29.93 -15.26
CA PRO E 37 41.84 -28.96 -14.18
C PRO E 37 42.79 -27.85 -14.59
N THR E 38 42.53 -26.65 -14.07
CA THR E 38 43.43 -25.51 -14.29
C THR E 38 43.51 -24.70 -13.00
N LEU E 39 44.72 -24.39 -12.57
CA LEU E 39 44.93 -23.71 -11.30
C LEU E 39 45.25 -22.23 -11.46
N ILE E 40 44.66 -21.40 -10.61
CA ILE E 40 44.90 -19.95 -10.65
C ILE E 40 45.20 -19.39 -9.27
N SER E 41 46.23 -18.56 -9.19
CA SER E 41 46.66 -17.97 -7.92
C SER E 41 45.84 -16.75 -7.53
N HIS E 42 44.51 -16.87 -7.63
CA HIS E 42 43.58 -15.81 -7.27
C HIS E 42 43.90 -14.52 -8.04
N GLY E 43 43.66 -13.39 -7.39
CA GLY E 43 44.05 -12.10 -7.94
C GLY E 43 43.30 -11.64 -9.18
N ASP E 44 43.95 -10.80 -9.96
CA ASP E 44 43.35 -10.19 -11.14
C ASP E 44 43.17 -11.19 -12.27
N GLN E 45 44.02 -12.21 -12.30
CA GLN E 45 44.08 -13.16 -13.41
C GLN E 45 42.77 -13.90 -13.68
N VAL E 46 41.96 -14.06 -12.63
CA VAL E 46 40.75 -14.89 -12.71
C VAL E 46 39.73 -14.39 -13.72
N LEU E 47 39.29 -13.15 -13.54
CA LEU E 47 38.21 -12.58 -14.37
C LEU E 47 38.40 -12.63 -15.89
N PRO E 48 39.56 -12.16 -16.40
CA PRO E 48 39.72 -12.23 -17.86
C PRO E 48 39.82 -13.66 -18.37
N TYR E 49 40.25 -14.57 -17.51
CA TYR E 49 40.33 -15.98 -17.87
C TYR E 49 38.94 -16.56 -18.07
N VAL E 50 38.00 -16.16 -17.20
CA VAL E 50 36.62 -16.65 -17.28
C VAL E 50 35.92 -16.08 -18.52
N ARG E 51 36.28 -14.86 -18.91
CA ARG E 51 35.70 -14.23 -20.09
C ARG E 51 36.22 -14.85 -21.37
N GLN E 52 37.52 -15.05 -21.44
CA GLN E 52 38.17 -15.54 -22.66
C GLN E 52 38.14 -17.06 -22.76
N THR E 53 38.47 -17.73 -21.67
CA THR E 53 38.46 -19.19 -21.62
C THR E 53 37.50 -19.69 -20.55
N PRO E 54 36.18 -19.67 -20.85
CA PRO E 54 35.18 -20.08 -19.87
C PRO E 54 35.28 -21.57 -19.53
N PRO E 55 35.29 -21.89 -18.23
CA PRO E 55 35.29 -23.29 -17.79
C PRO E 55 33.88 -23.83 -17.73
N ASP E 56 33.73 -25.12 -17.42
CA ASP E 56 32.41 -25.71 -17.26
C ASP E 56 32.00 -25.65 -15.78
N LEU E 57 32.97 -25.38 -14.92
CA LEU E 57 32.73 -25.26 -13.49
C LEU E 57 33.90 -24.52 -12.84
N ILE E 58 33.59 -23.73 -11.82
CA ILE E 58 34.62 -22.99 -11.09
C ILE E 58 34.70 -23.45 -9.63
N LEU E 59 35.83 -24.06 -9.27
CA LEU E 59 36.07 -24.45 -7.89
C LEU E 59 36.80 -23.32 -7.16
N LEU E 60 36.06 -22.59 -6.33
CA LEU E 60 36.59 -21.39 -5.70
C LEU E 60 36.81 -21.53 -4.20
N ASP E 61 38.02 -21.23 -3.76
CA ASP E 61 38.35 -21.22 -2.34
C ASP E 61 38.09 -19.85 -1.76
N LEU E 62 37.01 -19.71 -1.00
CA LEU E 62 36.75 -18.50 -0.25
C LEU E 62 37.66 -18.48 0.97
N MET E 63 38.75 -17.73 0.89
CA MET E 63 39.68 -17.64 2.01
C MET E 63 39.05 -16.93 3.21
N LEU E 64 38.08 -17.59 3.82
CA LEU E 64 37.37 -17.05 4.97
C LEU E 64 38.29 -16.91 6.19
N PRO E 65 38.14 -15.83 6.97
CA PRO E 65 37.20 -14.71 6.83
C PRO E 65 37.38 -13.88 5.56
N GLY E 66 38.59 -13.36 5.35
CA GLY E 66 38.99 -12.69 4.11
C GLY E 66 37.99 -11.79 3.39
N THR E 67 36.90 -12.41 2.90
CA THR E 67 35.88 -11.74 2.08
C THR E 67 36.35 -11.38 0.67
N ASP E 68 37.62 -11.64 0.38
CA ASP E 68 38.15 -11.40 -0.95
C ASP E 68 37.70 -12.51 -1.90
N GLY E 69 37.38 -13.67 -1.34
CA GLY E 69 36.85 -14.78 -2.12
C GLY E 69 35.43 -14.51 -2.56
N LEU E 70 34.61 -14.05 -1.62
CA LEU E 70 33.21 -13.74 -1.90
C LEU E 70 33.08 -12.58 -2.88
N MET E 71 33.99 -11.63 -2.78
CA MET E 71 33.98 -10.47 -3.69
C MET E 71 34.32 -10.87 -5.11
N LEU E 72 35.29 -11.77 -5.26
CA LEU E 72 35.62 -12.31 -6.58
C LEU E 72 34.48 -13.20 -7.05
N ARG E 74 31.32 -12.91 -6.35
CA ARG E 74 30.21 -12.05 -6.75
C ARG E 74 30.49 -11.41 -8.10
N GLU E 75 31.77 -11.13 -8.36
CA GLU E 75 32.18 -10.48 -9.61
C GLU E 75 31.96 -11.40 -10.80
N ILE E 76 32.34 -12.66 -10.66
CA ILE E 76 32.18 -13.64 -11.72
C ILE E 76 30.71 -13.88 -12.04
N ARG E 77 29.91 -13.98 -10.98
CA ARG E 77 28.48 -14.26 -11.12
C ARG E 77 27.74 -13.16 -11.87
N ARG E 78 28.31 -11.97 -11.88
CA ARG E 78 27.67 -10.80 -12.50
C ARG E 78 27.51 -10.96 -14.01
N PHE E 79 28.50 -11.56 -14.68
CA PHE E 79 28.45 -11.66 -16.14
C PHE E 79 28.32 -13.08 -16.69
N SER E 80 28.39 -14.08 -15.81
CA SER E 80 28.27 -15.47 -16.26
C SER E 80 27.48 -16.34 -15.28
N ASP E 81 26.83 -17.37 -15.81
CA ASP E 81 26.05 -18.30 -14.99
C ASP E 81 26.77 -19.63 -14.84
N ILE E 82 28.11 -19.59 -14.96
CA ILE E 82 28.93 -20.77 -14.75
C ILE E 82 28.85 -21.20 -13.30
N PRO E 83 28.58 -22.50 -13.06
CA PRO E 83 28.46 -23.02 -11.69
C PRO E 83 29.74 -22.81 -10.88
N ILE E 84 29.57 -22.32 -9.65
CA ILE E 84 30.70 -22.06 -8.77
C ILE E 84 30.58 -22.86 -7.48
N VAL E 85 31.58 -23.68 -7.19
CA VAL E 85 31.62 -24.41 -5.92
C VAL E 85 32.43 -23.62 -4.89
N MET E 86 31.72 -23.00 -3.94
CA MET E 86 32.35 -22.17 -2.93
C MET E 86 32.89 -23.01 -1.76
N VAL E 87 34.20 -23.22 -1.75
CA VAL E 87 34.84 -23.97 -0.69
C VAL E 87 34.95 -23.12 0.58
N THR E 88 34.40 -23.63 1.68
CA THR E 88 34.33 -22.88 2.92
C THR E 88 35.52 -23.15 3.86
N ALA E 89 35.81 -24.43 4.10
CA ALA E 89 36.89 -24.80 5.01
C ALA E 89 38.08 -25.40 4.27
N LYS E 90 39.06 -25.89 5.03
CA LYS E 90 40.23 -26.52 4.43
C LYS E 90 39.97 -27.96 4.04
N ILE E 91 40.10 -28.26 2.76
CA ILE E 91 39.90 -29.61 2.24
C ILE E 91 41.08 -30.50 2.58
N GLU E 92 40.80 -31.61 3.28
CA GLU E 92 41.85 -32.54 3.66
C GLU E 92 41.46 -33.99 3.31
N GLU E 93 42.46 -34.79 2.97
CA GLU E 93 42.25 -36.21 2.73
C GLU E 93 42.15 -36.95 4.05
N ILE E 94 41.45 -38.09 4.04
CA ILE E 94 41.44 -38.99 5.18
C ILE E 94 41.76 -40.41 4.72
N ASP E 95 43.06 -40.71 4.62
CA ASP E 95 43.50 -42.02 4.16
C ASP E 95 43.29 -43.08 5.23
N ARG E 96 42.97 -42.63 6.43
CA ARG E 96 42.67 -43.53 7.54
C ARG E 96 41.41 -44.32 7.26
N LEU E 97 40.51 -43.72 6.48
CA LEU E 97 39.22 -44.33 6.15
C LEU E 97 39.33 -45.40 5.07
N LEU E 98 40.36 -45.29 4.23
CA LEU E 98 40.56 -46.24 3.14
C LEU E 98 40.78 -47.66 3.65
N GLY E 99 40.03 -48.61 3.12
CA GLY E 99 40.16 -50.00 3.50
C GLY E 99 39.27 -50.39 4.67
N LEU E 100 38.69 -49.40 5.33
CA LEU E 100 37.83 -49.64 6.47
C LEU E 100 36.56 -50.38 6.05
N GLU E 101 36.28 -51.48 6.73
CA GLU E 101 35.12 -52.31 6.40
C GLU E 101 33.87 -51.77 7.07
N ILE E 102 32.85 -51.49 6.25
CA ILE E 102 31.59 -50.93 6.75
C ILE E 102 30.53 -52.00 6.95
N GLY E 103 30.07 -52.15 8.19
CA GLY E 103 29.04 -53.12 8.51
C GLY E 103 27.65 -52.55 8.27
N ALA E 104 26.64 -53.21 8.84
CA ALA E 104 25.25 -52.78 8.67
C ALA E 104 24.85 -51.80 9.76
N ASP E 105 25.73 -51.63 10.74
CA ASP E 105 25.48 -50.70 11.84
C ASP E 105 26.58 -49.64 11.89
N ASP E 106 27.36 -49.56 10.82
CA ASP E 106 28.44 -48.60 10.73
C ASP E 106 28.09 -47.47 9.76
N TYR E 107 27.78 -46.30 10.31
CA TYR E 107 27.41 -45.16 9.49
C TYR E 107 28.52 -44.11 9.53
N ILE E 108 29.15 -43.88 8.38
CA ILE E 108 30.25 -42.94 8.29
C ILE E 108 29.84 -41.66 7.56
N LYS E 110 30.16 -38.44 5.57
CA LYS E 110 31.11 -38.10 4.52
C LYS E 110 32.09 -37.02 4.95
N PRO E 111 33.39 -37.25 4.68
CA PRO E 111 34.47 -36.34 5.09
C PRO E 111 34.59 -35.14 4.16
N TYR E 112 35.50 -34.23 4.51
CA TYR E 112 35.76 -33.04 3.70
C TYR E 112 36.89 -33.35 2.74
N SER E 113 36.80 -34.52 2.11
CA SER E 113 37.87 -35.06 1.27
C SER E 113 37.87 -34.42 -0.12
N PRO E 114 39.04 -34.38 -0.77
CA PRO E 114 39.11 -33.97 -2.18
C PRO E 114 38.30 -34.94 -3.04
N ARG E 115 38.16 -36.17 -2.56
CA ARG E 115 37.33 -37.18 -3.20
C ARG E 115 35.89 -36.69 -3.28
N GLU E 116 35.40 -36.15 -2.16
CA GLU E 116 34.03 -35.65 -2.08
C GLU E 116 33.86 -34.35 -2.89
N VAL E 117 34.96 -33.63 -3.09
CA VAL E 117 34.94 -32.45 -3.94
C VAL E 117 34.71 -32.89 -5.38
N VAL E 118 35.45 -33.91 -5.80
CA VAL E 118 35.25 -34.53 -7.10
C VAL E 118 33.83 -35.06 -7.22
N ALA E 119 33.34 -35.64 -6.13
CA ALA E 119 32.00 -36.22 -6.08
C ALA E 119 30.92 -35.19 -6.38
N ARG E 120 30.97 -34.05 -5.70
CA ARG E 120 29.98 -32.99 -5.90
C ARG E 120 30.08 -32.39 -7.30
N VAL E 121 31.30 -32.30 -7.83
CA VAL E 121 31.51 -31.79 -9.19
C VAL E 121 30.82 -32.67 -10.22
N LYS E 122 30.92 -33.99 -10.02
CA LYS E 122 30.24 -34.94 -10.88
C LYS E 122 28.73 -34.72 -10.88
N THR E 123 28.18 -34.46 -9.69
CA THR E 123 26.75 -34.23 -9.54
C THR E 123 26.29 -32.99 -10.30
N ILE E 124 27.07 -31.92 -10.18
CA ILE E 124 26.75 -30.65 -10.84
C ILE E 124 26.82 -30.77 -12.36
N LEU E 125 27.77 -31.57 -12.84
CA LEU E 125 27.95 -31.77 -14.27
C LEU E 125 27.28 -33.06 -14.74
N ARG E 126 25.99 -32.98 -15.05
CA ARG E 126 25.23 -34.13 -15.51
C ARG E 126 24.42 -33.79 -16.76
N SER E 141 3.73 -42.98 -33.88
CA SER E 141 3.52 -43.70 -32.63
C SER E 141 2.84 -42.83 -31.57
N PRO E 142 1.50 -42.71 -31.64
CA PRO E 142 0.71 -41.91 -30.71
C PRO E 142 0.49 -42.63 -29.38
N LEU E 143 0.97 -43.86 -29.27
CA LEU E 143 0.81 -44.64 -28.04
C LEU E 143 2.15 -45.06 -27.46
N ILE E 144 2.51 -44.47 -26.32
CA ILE E 144 3.77 -44.82 -25.67
C ILE E 144 3.51 -45.57 -24.36
N ILE E 145 4.11 -46.75 -24.24
CA ILE E 145 3.96 -47.56 -23.03
C ILE E 145 5.28 -47.74 -22.28
N ASP E 146 5.34 -47.19 -21.07
CA ASP E 146 6.51 -47.32 -20.22
C ASP E 146 6.32 -48.48 -19.25
N GLU E 147 7.00 -49.59 -19.50
CA GLU E 147 6.81 -50.80 -18.70
C GLU E 147 7.60 -50.76 -17.39
N GLY E 148 8.58 -49.87 -17.32
CA GLY E 148 9.37 -49.71 -16.11
C GLY E 148 8.53 -49.19 -14.95
N ARG E 149 7.73 -48.17 -15.21
CA ARG E 149 6.87 -47.60 -14.17
C ARG E 149 5.39 -47.79 -14.50
N PHE E 150 5.11 -48.75 -15.37
CA PHE E 150 3.75 -49.20 -15.68
C PHE E 150 2.77 -48.07 -16.05
N GLN E 151 3.17 -47.23 -16.99
CA GLN E 151 2.31 -46.13 -17.43
C GLN E 151 2.13 -46.12 -18.94
N ALA E 152 1.07 -45.48 -19.40
CA ALA E 152 0.76 -45.40 -20.82
C ALA E 152 0.20 -44.03 -21.19
N SER E 153 0.36 -43.64 -22.44
CA SER E 153 -0.12 -42.34 -22.90
C SER E 153 -0.56 -42.36 -24.36
N TRP E 154 -1.78 -41.90 -24.61
CA TRP E 154 -2.26 -41.71 -25.97
C TRP E 154 -2.12 -40.25 -26.36
N ARG E 155 -1.32 -40.00 -27.40
CA ARG E 155 -1.01 -38.65 -27.88
C ARG E 155 -0.38 -37.78 -26.79
N GLY E 156 0.36 -38.41 -25.88
CA GLY E 156 1.01 -37.68 -24.80
C GLY E 156 0.13 -37.52 -23.58
N LYS E 157 -1.17 -37.72 -23.75
CA LYS E 157 -2.12 -37.63 -22.64
C LYS E 157 -2.08 -38.91 -21.81
N MET E 158 -1.86 -38.75 -20.50
CA MET E 158 -1.74 -39.90 -19.60
C MET E 158 -3.02 -40.71 -19.47
N LEU E 159 -2.87 -41.99 -19.15
CA LEU E 159 -4.00 -42.88 -18.91
C LEU E 159 -3.97 -43.39 -17.47
N ASP E 160 -5.12 -43.32 -16.79
CA ASP E 160 -5.22 -43.83 -15.43
C ASP E 160 -5.74 -45.26 -15.45
N LEU E 161 -4.84 -46.21 -15.64
CA LEU E 161 -5.22 -47.61 -15.82
C LEU E 161 -5.00 -48.45 -14.57
N THR E 162 -5.91 -49.39 -14.33
CA THR E 162 -5.71 -50.42 -13.33
C THR E 162 -4.79 -51.46 -13.95
N PRO E 163 -4.01 -52.18 -13.12
CA PRO E 163 -3.00 -53.13 -13.61
C PRO E 163 -3.50 -54.11 -14.67
N ALA E 164 -4.76 -54.51 -14.61
CA ALA E 164 -5.33 -55.40 -15.60
C ALA E 164 -5.53 -54.70 -16.94
N GLU E 165 -6.07 -53.48 -16.88
CA GLU E 165 -6.30 -52.67 -18.08
C GLU E 165 -4.98 -52.35 -18.77
N PHE E 166 -3.93 -52.17 -17.98
CA PHE E 166 -2.60 -51.91 -18.51
C PHE E 166 -2.05 -53.14 -19.23
N ARG E 167 -2.19 -54.30 -18.60
CA ARG E 167 -1.71 -55.55 -19.18
C ARG E 167 -2.43 -55.84 -20.48
N LEU E 168 -3.74 -55.62 -20.50
CA LEU E 168 -4.53 -55.82 -21.70
C LEU E 168 -4.13 -54.81 -22.78
N LEU E 169 -3.88 -53.58 -22.38
CA LEU E 169 -3.49 -52.54 -23.31
C LEU E 169 -2.20 -52.89 -24.04
N LYS E 170 -1.20 -53.34 -23.29
CA LYS E 170 0.08 -53.72 -23.91
C LYS E 170 -0.08 -54.97 -24.77
N THR E 171 -0.77 -55.97 -24.23
CA THR E 171 -0.99 -57.22 -24.96
C THR E 171 -1.66 -56.99 -26.31
N LEU E 172 -2.74 -56.21 -26.29
CA LEU E 172 -3.47 -55.91 -27.51
C LEU E 172 -2.66 -55.05 -28.49
N SER E 173 -2.12 -53.94 -27.98
CA SER E 173 -1.42 -52.97 -28.83
C SER E 173 -0.05 -53.43 -29.33
N HIS E 174 0.52 -54.44 -28.67
CA HIS E 174 1.82 -54.95 -29.09
C HIS E 174 1.69 -55.70 -30.41
N GLU E 175 0.60 -56.46 -30.53
CA GLU E 175 0.28 -57.16 -31.77
C GLU E 175 -1.05 -56.62 -32.32
N PRO E 176 -0.98 -55.49 -33.04
CA PRO E 176 -2.18 -54.86 -33.58
C PRO E 176 -2.76 -55.67 -34.73
N GLY E 177 -4.08 -55.72 -34.84
CA GLY E 177 -4.72 -56.47 -35.89
C GLY E 177 -4.76 -57.95 -35.60
N LYS E 178 -4.24 -58.35 -34.45
CA LYS E 178 -4.29 -59.74 -34.02
C LYS E 178 -5.42 -59.96 -33.02
N VAL E 179 -6.20 -61.01 -33.26
CA VAL E 179 -7.31 -61.35 -32.37
C VAL E 179 -6.83 -62.20 -31.19
N PHE E 180 -7.15 -61.74 -29.99
CA PHE E 180 -6.88 -62.50 -28.79
C PHE E 180 -8.21 -62.97 -28.19
N SER E 181 -8.35 -64.26 -27.95
CA SER E 181 -9.59 -64.80 -27.41
C SER E 181 -9.78 -64.39 -25.97
N ARG E 182 -10.98 -64.67 -25.43
CA ARG E 182 -11.29 -64.38 -24.04
C ARG E 182 -10.35 -65.13 -23.11
N GLU E 183 -9.94 -66.32 -23.53
CA GLU E 183 -9.13 -67.20 -22.71
C GLU E 183 -7.64 -66.92 -22.87
N GLN E 184 -7.26 -66.32 -23.99
CA GLN E 184 -5.87 -65.93 -24.20
C GLN E 184 -5.51 -64.74 -23.32
N LEU E 185 -6.36 -63.72 -23.33
CA LEU E 185 -6.15 -62.53 -22.52
C LEU E 185 -6.17 -62.87 -21.03
N LEU E 186 -6.98 -63.86 -20.67
CA LEU E 186 -7.02 -64.37 -19.30
C LEU E 186 -5.69 -64.99 -18.92
N ASN E 187 -5.07 -65.66 -19.88
CA ASN E 187 -3.76 -66.28 -19.66
C ASN E 187 -2.63 -65.26 -19.53
N HIS E 188 -2.84 -64.09 -20.14
CA HIS E 188 -1.89 -62.99 -19.99
C HIS E 188 -1.98 -62.36 -18.61
N LEU E 189 -3.21 -62.26 -18.10
CA LEU E 189 -3.45 -61.70 -16.76
C LEU E 189 -2.92 -62.65 -15.69
N TYR E 190 -3.12 -63.95 -15.91
CA TYR E 190 -2.68 -64.96 -14.97
C TYR E 190 -1.17 -65.08 -14.88
N ASP E 191 -0.48 -64.64 -15.92
CA ASP E 191 0.98 -64.63 -15.91
C ASP E 191 1.50 -63.31 -15.37
N ASP E 192 0.62 -62.34 -15.21
CA ASP E 192 0.99 -61.04 -14.69
C ASP E 192 0.59 -60.89 -13.23
N TYR E 193 1.49 -61.24 -12.34
CA TYR E 193 1.31 -60.91 -10.93
C TYR E 193 1.45 -59.40 -10.87
N ARG E 194 0.81 -58.80 -9.86
CA ARG E 194 0.50 -57.37 -9.76
C ARG E 194 -0.89 -57.14 -10.35
N VAL E 195 -1.46 -58.21 -10.92
CA VAL E 195 -2.82 -58.16 -11.46
C VAL E 195 -3.68 -59.22 -10.79
N VAL E 196 -4.56 -58.78 -9.89
CA VAL E 196 -5.56 -59.65 -9.29
C VAL E 196 -6.93 -59.13 -9.67
N THR E 197 -7.81 -60.03 -10.13
CA THR E 197 -9.04 -59.59 -10.77
C THR E 197 -10.28 -60.39 -10.37
N ASP E 198 -11.38 -59.69 -10.15
CA ASP E 198 -12.68 -60.33 -9.93
C ASP E 198 -13.62 -59.99 -11.09
N ARG E 199 -13.17 -59.08 -11.94
CA ARG E 199 -13.95 -58.64 -13.10
C ARG E 199 -13.81 -59.64 -14.24
N THR E 200 -14.49 -59.35 -15.35
CA THR E 200 -14.42 -60.19 -16.54
C THR E 200 -13.64 -59.47 -17.63
N ILE E 201 -13.23 -60.19 -18.66
CA ILE E 201 -12.46 -59.60 -19.76
C ILE E 201 -13.24 -58.50 -20.47
N ASP E 202 -14.51 -58.75 -20.73
CA ASP E 202 -15.36 -57.78 -21.41
C ASP E 202 -15.47 -56.49 -20.61
N SER E 203 -15.53 -56.63 -19.29
CA SER E 203 -15.58 -55.48 -18.40
C SER E 203 -14.33 -54.63 -18.54
N HIS E 204 -13.17 -55.29 -18.52
CA HIS E 204 -11.89 -54.61 -18.66
C HIS E 204 -11.72 -53.95 -20.02
N ILE E 205 -12.02 -54.71 -21.08
CA ILE E 205 -11.90 -54.21 -22.44
C ILE E 205 -12.76 -52.96 -22.64
N LYS E 206 -13.98 -53.00 -22.12
CA LYS E 206 -14.87 -51.83 -22.17
C LYS E 206 -14.28 -50.66 -21.39
N ASN E 207 -13.83 -50.94 -20.17
CA ASN E 207 -13.20 -49.93 -19.33
C ASN E 207 -11.97 -49.29 -19.98
N LEU E 208 -11.12 -50.12 -20.57
CA LEU E 208 -9.93 -49.63 -21.25
C LEU E 208 -10.30 -48.75 -22.45
N ARG E 209 -11.24 -49.24 -23.25
CA ARG E 209 -11.68 -48.51 -24.43
C ARG E 209 -12.38 -47.21 -24.03
N ARG E 210 -13.14 -47.27 -22.93
CA ARG E 210 -13.83 -46.09 -22.42
C ARG E 210 -12.83 -45.01 -22.04
N LYS E 211 -11.70 -45.42 -21.46
CA LYS E 211 -10.66 -44.48 -21.06
C LYS E 211 -9.90 -43.93 -22.26
N LEU E 212 -9.77 -44.76 -23.30
CA LEU E 212 -9.07 -44.35 -24.52
C LEU E 212 -9.90 -43.36 -25.33
N GLU E 213 -11.18 -43.67 -25.50
CA GLU E 213 -12.08 -42.82 -26.27
C GLU E 213 -12.37 -41.50 -25.55
N SER E 214 -12.01 -41.44 -24.28
CA SER E 214 -12.12 -40.20 -23.51
C SER E 214 -10.99 -39.26 -23.91
N LEU E 215 -10.04 -39.78 -24.69
CA LEU E 215 -8.91 -38.99 -25.16
C LEU E 215 -8.99 -38.72 -26.66
N ASP E 216 -9.77 -39.53 -27.38
CA ASP E 216 -9.84 -39.39 -28.82
C ASP E 216 -11.27 -39.31 -29.35
N ALA E 217 -12.03 -40.38 -29.17
CA ALA E 217 -13.42 -40.48 -29.65
C ALA E 217 -13.55 -40.38 -31.17
N GLU E 218 -12.41 -40.36 -31.86
CA GLU E 218 -12.38 -40.37 -33.32
C GLU E 218 -11.59 -41.58 -33.77
N GLN E 219 -10.90 -42.20 -32.81
CA GLN E 219 -10.06 -43.35 -33.09
C GLN E 219 -10.75 -44.65 -32.70
N SER E 220 -10.72 -45.63 -33.61
CA SER E 220 -11.20 -46.97 -33.32
C SER E 220 -10.10 -47.72 -32.60
N PHE E 221 -10.28 -47.96 -31.31
CA PHE E 221 -9.23 -48.57 -30.49
C PHE E 221 -9.32 -50.09 -30.40
N ILE E 222 -10.32 -50.59 -29.69
CA ILE E 222 -10.49 -52.04 -29.54
C ILE E 222 -11.81 -52.50 -30.15
N ARG E 223 -11.75 -53.55 -30.96
CA ARG E 223 -12.94 -54.13 -31.55
C ARG E 223 -13.25 -55.49 -30.93
N ALA E 224 -14.53 -55.72 -30.63
CA ALA E 224 -14.95 -56.94 -29.95
C ALA E 224 -15.90 -57.76 -30.81
N VAL E 225 -15.52 -59.00 -31.07
CA VAL E 225 -16.37 -59.94 -31.80
C VAL E 225 -16.68 -61.13 -30.90
N TYR E 226 -17.94 -61.25 -30.48
CA TYR E 226 -18.32 -62.24 -29.50
C TYR E 226 -18.05 -63.68 -29.92
N GLY E 227 -17.37 -64.42 -29.06
CA GLY E 227 -17.06 -65.81 -29.33
C GLY E 227 -15.82 -65.99 -30.18
N VAL E 228 -15.30 -64.87 -30.69
CA VAL E 228 -14.10 -64.89 -31.53
C VAL E 228 -12.90 -64.29 -30.80
N GLY E 229 -13.07 -63.07 -30.30
CA GLY E 229 -12.01 -62.44 -29.53
C GLY E 229 -11.95 -60.93 -29.67
N TYR E 230 -10.85 -60.35 -29.19
CA TYR E 230 -10.67 -58.90 -29.20
C TYR E 230 -9.48 -58.53 -30.07
N ARG E 231 -9.56 -57.38 -30.73
CA ARG E 231 -8.52 -56.95 -31.66
C ARG E 231 -8.20 -55.47 -31.52
N TRP E 232 -6.92 -55.15 -31.41
CA TRP E 232 -6.47 -53.77 -31.35
C TRP E 232 -6.47 -53.16 -32.74
N GLU E 233 -7.14 -52.03 -32.89
CA GLU E 233 -7.34 -51.43 -34.22
C GLU E 233 -6.64 -50.09 -34.38
N ALA E 234 -5.66 -49.81 -33.52
CA ALA E 234 -4.91 -48.56 -33.62
C ALA E 234 -3.44 -48.83 -33.93
N ASP E 235 -2.61 -47.81 -33.72
CA ASP E 235 -1.18 -47.93 -33.97
C ASP E 235 -0.53 -48.81 -32.91
N ALA E 236 0.59 -49.44 -33.27
CA ALA E 236 1.33 -50.29 -32.36
C ALA E 236 1.92 -49.47 -31.22
N CYS E 237 2.00 -50.07 -30.03
CA CYS E 237 2.54 -49.38 -28.88
C CYS E 237 4.06 -49.22 -28.99
N ARG E 238 4.52 -47.99 -28.79
CA ARG E 238 5.95 -47.72 -28.72
C ARG E 238 6.40 -47.85 -27.27
N ILE E 239 7.29 -48.81 -27.02
CA ILE E 239 7.68 -49.13 -25.65
C ILE E 239 8.98 -48.47 -25.23
N VAL E 240 8.95 -47.78 -24.09
CA VAL E 240 10.12 -47.08 -23.57
C VAL E 240 10.52 -47.61 -22.20
N ASN F 9 11.36 -43.27 28.83
CA ASN F 9 11.94 -44.25 27.93
C ASN F 9 12.23 -43.65 26.55
N THR F 10 13.40 -43.04 26.43
CA THR F 10 13.83 -42.41 25.18
C THR F 10 15.21 -42.91 24.78
N PRO F 11 15.52 -42.90 23.47
CA PRO F 11 16.81 -43.36 22.97
C PRO F 11 18.02 -42.68 23.62
N ARG F 12 18.93 -43.47 24.16
CA ARG F 12 20.15 -42.95 24.76
C ARG F 12 21.27 -42.89 23.73
N ILE F 13 21.89 -41.72 23.62
CA ILE F 13 22.96 -41.52 22.65
C ILE F 13 24.25 -41.08 23.31
N LEU F 14 25.33 -41.82 23.06
CA LEU F 14 26.64 -41.47 23.58
C LEU F 14 27.39 -40.57 22.60
N ILE F 15 27.81 -39.40 23.07
CA ILE F 15 28.60 -38.48 22.26
C ILE F 15 30.05 -38.52 22.69
N VAL F 16 30.94 -38.86 21.77
CA VAL F 16 32.37 -38.86 22.06
C VAL F 16 33.04 -37.68 21.36
N GLU F 17 33.15 -36.56 22.08
CA GLU F 17 33.72 -35.35 21.53
C GLU F 17 34.65 -34.69 22.54
N ASP F 18 35.84 -34.30 22.09
CA ASP F 18 36.82 -33.69 22.99
C ASP F 18 36.64 -32.18 23.08
N GLU F 19 36.13 -31.57 22.01
CA GLU F 19 35.91 -30.14 21.99
C GLU F 19 34.64 -29.79 22.76
N PRO F 20 34.78 -28.96 23.81
CA PRO F 20 33.70 -28.63 24.74
C PRO F 20 32.52 -27.90 24.10
N LYS F 21 32.79 -26.89 23.29
CA LYS F 21 31.74 -26.09 22.66
C LYS F 21 30.85 -26.95 21.77
N LEU F 22 31.47 -27.66 20.82
CA LEU F 22 30.75 -28.56 19.94
C LEU F 22 30.08 -29.68 20.71
N GLY F 23 30.75 -30.14 21.77
CA GLY F 23 30.21 -31.18 22.62
C GLY F 23 28.89 -30.77 23.26
N GLN F 24 28.92 -29.63 23.96
CA GLN F 24 27.72 -29.09 24.59
C GLN F 24 26.64 -28.76 23.54
N LEU F 25 27.10 -28.37 22.36
CA LEU F 25 26.20 -28.03 21.27
C LEU F 25 25.42 -29.26 20.79
N LEU F 26 26.15 -30.38 20.66
CA LEU F 26 25.53 -31.63 20.25
C LEU F 26 24.55 -32.14 21.30
N ILE F 27 24.87 -31.88 22.57
CA ILE F 27 23.98 -32.25 23.67
C ILE F 27 22.65 -31.52 23.57
N ASP F 28 22.71 -30.22 23.36
CA ASP F 28 21.52 -29.38 23.27
C ASP F 28 20.63 -29.78 22.09
N TYR F 29 21.22 -29.94 20.92
CA TYR F 29 20.48 -30.32 19.72
C TYR F 29 19.81 -31.68 19.86
N LEU F 30 20.55 -32.65 20.41
CA LEU F 30 20.03 -34.01 20.55
C LEU F 30 18.94 -34.10 21.62
N ARG F 31 19.11 -33.38 22.72
CA ARG F 31 18.12 -33.38 23.78
C ARG F 31 16.83 -32.72 23.29
N ALA F 32 16.97 -31.73 22.42
CA ALA F 32 15.82 -31.05 21.83
C ALA F 32 15.05 -31.98 20.89
N ALA F 33 15.74 -32.99 20.38
CA ALA F 33 15.13 -33.97 19.50
C ALA F 33 14.56 -35.15 20.29
N SER F 34 14.27 -34.90 21.56
CA SER F 34 13.70 -35.90 22.46
C SER F 34 14.59 -37.14 22.62
N TYR F 35 15.89 -36.92 22.74
CA TYR F 35 16.84 -38.00 22.97
C TYR F 35 17.49 -37.87 24.35
N ALA F 36 18.31 -38.86 24.71
CA ALA F 36 19.01 -38.84 25.99
C ALA F 36 20.52 -38.81 25.77
N PRO F 37 21.09 -37.61 25.61
CA PRO F 37 22.51 -37.42 25.28
C PRO F 37 23.43 -37.59 26.48
N THR F 38 24.59 -38.20 26.26
CA THR F 38 25.64 -38.31 27.27
C THR F 38 26.99 -38.02 26.62
N LEU F 39 27.74 -37.10 27.22
CA LEU F 39 29.00 -36.65 26.63
C LEU F 39 30.23 -37.22 27.34
N ILE F 40 31.14 -37.78 26.55
CA ILE F 40 32.42 -38.26 27.05
C ILE F 40 33.55 -37.58 26.28
N SER F 41 34.53 -37.06 27.01
CA SER F 41 35.62 -36.29 26.40
C SER F 41 36.89 -37.09 26.19
N HIS F 42 37.02 -38.21 26.88
CA HIS F 42 38.25 -38.99 26.83
C HIS F 42 38.05 -40.41 26.28
N GLY F 43 39.04 -40.90 25.55
CA GLY F 43 38.95 -42.17 24.87
C GLY F 43 39.04 -43.39 25.78
N ASP F 44 39.61 -43.21 26.96
CA ASP F 44 39.74 -44.32 27.91
C ASP F 44 38.44 -44.52 28.69
N GLN F 45 37.56 -43.53 28.63
CA GLN F 45 36.28 -43.58 29.36
C GLN F 45 35.17 -44.27 28.60
N VAL F 46 35.18 -44.15 27.28
CA VAL F 46 34.06 -44.64 26.46
C VAL F 46 33.88 -46.16 26.49
N LEU F 47 34.97 -46.90 26.29
CA LEU F 47 34.90 -48.36 26.25
C LEU F 47 34.23 -49.01 27.47
N PRO F 48 34.66 -48.66 28.70
CA PRO F 48 33.96 -49.25 29.84
C PRO F 48 32.53 -48.72 29.98
N TYR F 49 32.26 -47.56 29.41
CA TYR F 49 30.92 -46.98 29.46
C TYR F 49 29.97 -47.71 28.52
N VAL F 50 30.47 -48.10 27.35
CA VAL F 50 29.68 -48.85 26.37
C VAL F 50 29.27 -50.19 26.96
N ARG F 51 30.13 -50.76 27.80
CA ARG F 51 29.83 -52.02 28.47
C ARG F 51 28.76 -51.80 29.53
N GLN F 52 29.14 -51.10 30.60
CA GLN F 52 28.27 -50.90 31.76
C GLN F 52 26.95 -50.19 31.44
N THR F 53 27.03 -49.10 30.69
CA THR F 53 25.83 -48.37 30.29
C THR F 53 25.75 -48.22 28.78
N PRO F 54 25.31 -49.29 28.10
CA PRO F 54 25.25 -49.32 26.64
C PRO F 54 24.22 -48.33 26.09
N PRO F 55 24.62 -47.51 25.11
CA PRO F 55 23.70 -46.56 24.47
C PRO F 55 23.01 -47.20 23.28
N ASP F 56 22.05 -46.48 22.70
CA ASP F 56 21.35 -46.97 21.52
C ASP F 56 22.09 -46.59 20.24
N LEU F 57 22.92 -45.55 20.35
CA LEU F 57 23.74 -45.12 19.22
C LEU F 57 24.97 -44.37 19.74
N ILE F 58 26.10 -44.55 19.06
CA ILE F 58 27.33 -43.89 19.46
C ILE F 58 27.76 -42.85 18.44
N LEU F 59 27.72 -41.59 18.83
CA LEU F 59 28.20 -40.50 17.99
C LEU F 59 29.68 -40.29 18.26
N LEU F 60 30.51 -40.77 17.33
CA LEU F 60 31.96 -40.81 17.55
C LEU F 60 32.74 -39.92 16.59
N ASP F 61 33.33 -38.84 17.13
CA ASP F 61 34.16 -37.94 16.33
C ASP F 61 35.47 -38.63 15.96
N LEU F 62 35.76 -38.68 14.66
CA LEU F 62 36.92 -39.40 14.16
C LEU F 62 38.24 -38.79 14.63
N MET F 63 38.23 -37.47 14.87
CA MET F 63 39.46 -36.77 15.22
C MET F 63 39.46 -36.25 16.66
N LEU F 64 39.94 -37.07 17.58
CA LEU F 64 40.13 -36.66 18.96
C LEU F 64 41.49 -37.14 19.45
N PRO F 65 42.25 -36.26 20.13
CA PRO F 65 43.63 -36.56 20.55
C PRO F 65 43.73 -37.69 21.56
N GLY F 66 44.95 -38.14 21.82
CA GLY F 66 45.19 -39.24 22.74
C GLY F 66 45.11 -40.58 22.05
N THR F 67 43.92 -40.90 21.54
CA THR F 67 43.69 -42.15 20.82
C THR F 67 42.74 -41.90 19.65
N ASP F 68 43.14 -42.33 18.46
CA ASP F 68 42.31 -42.14 17.27
C ASP F 68 41.00 -42.92 17.37
N GLY F 69 39.94 -42.37 16.80
CA GLY F 69 38.62 -42.96 16.91
C GLY F 69 38.43 -44.26 16.18
N LEU F 70 39.33 -44.57 15.25
CA LEU F 70 39.20 -45.78 14.44
C LEU F 70 39.62 -47.04 15.20
N MET F 71 40.73 -46.94 15.94
CA MET F 71 41.14 -48.03 16.82
C MET F 71 40.20 -48.10 18.01
N LEU F 72 39.52 -46.99 18.27
CA LEU F 72 38.52 -46.94 19.33
C LEU F 72 37.23 -47.60 18.88
N ARG F 74 36.94 -49.83 16.32
CA ARG F 74 37.23 -51.24 16.09
C ARG F 74 37.12 -52.04 17.37
N GLU F 75 37.38 -51.37 18.49
CA GLU F 75 37.32 -52.00 19.80
C GLU F 75 35.88 -52.20 20.26
N ILE F 76 35.06 -51.17 20.11
CA ILE F 76 33.65 -51.23 20.47
C ILE F 76 32.94 -52.26 19.61
N ARG F 77 33.27 -52.27 18.33
CA ARG F 77 32.64 -53.15 17.34
C ARG F 77 32.93 -54.62 17.64
N ARG F 78 33.91 -54.86 18.51
CA ARG F 78 34.34 -56.23 18.82
C ARG F 78 33.38 -56.95 19.77
N PHE F 79 32.73 -56.21 20.66
CA PHE F 79 31.80 -56.82 21.61
C PHE F 79 30.38 -56.24 21.61
N SER F 80 30.06 -55.44 20.60
CA SER F 80 28.71 -54.90 20.47
C SER F 80 28.41 -54.46 19.04
N ASP F 81 27.14 -54.63 18.64
CA ASP F 81 26.67 -54.23 17.33
C ASP F 81 25.86 -52.94 17.44
N ILE F 82 26.18 -52.14 18.45
CA ILE F 82 25.58 -50.83 18.63
C ILE F 82 25.97 -49.94 17.45
N PRO F 83 24.98 -49.29 16.81
CA PRO F 83 25.28 -48.44 15.66
C PRO F 83 26.21 -47.28 16.03
N ILE F 84 27.33 -47.18 15.32
CA ILE F 84 28.32 -46.13 15.57
C ILE F 84 28.38 -45.16 14.41
N VAL F 85 28.22 -43.87 14.70
CA VAL F 85 28.27 -42.86 13.67
C VAL F 85 29.61 -42.12 13.68
N MET F 86 30.36 -42.26 12.60
CA MET F 86 31.67 -41.62 12.50
C MET F 86 31.53 -40.18 12.03
N VAL F 87 31.97 -39.25 12.87
CA VAL F 87 31.82 -37.83 12.56
C VAL F 87 33.17 -37.17 12.26
N THR F 88 33.20 -36.38 11.19
CA THR F 88 34.37 -35.58 10.85
C THR F 88 33.92 -34.14 10.63
N ALA F 89 32.99 -33.69 11.47
CA ALA F 89 32.27 -32.45 11.25
C ALA F 89 32.61 -31.34 12.23
N LYS F 90 32.36 -30.10 11.81
CA LYS F 90 32.68 -28.92 12.62
C LYS F 90 31.49 -27.98 12.78
N ILE F 91 31.75 -26.83 13.39
CA ILE F 91 30.73 -25.80 13.62
C ILE F 91 30.27 -25.20 12.28
N GLU F 92 29.02 -24.75 12.23
CA GLU F 92 28.43 -24.19 11.02
C GLU F 92 28.92 -22.77 10.75
N GLU F 93 28.94 -22.39 9.48
CA GLU F 93 29.47 -21.09 9.06
C GLU F 93 28.39 -20.03 8.91
N ILE F 94 27.95 -19.46 10.03
CA ILE F 94 26.93 -18.41 10.01
C ILE F 94 27.62 -17.05 9.89
N ASP F 95 26.82 -16.00 9.70
CA ASP F 95 27.31 -14.62 9.62
C ASP F 95 28.20 -14.32 8.41
N ARG F 96 29.14 -15.20 8.13
CA ARG F 96 30.01 -15.05 6.96
C ARG F 96 29.21 -15.12 5.67
N LEU F 97 28.31 -16.09 5.58
CA LEU F 97 27.53 -16.30 4.37
C LEU F 97 26.05 -16.01 4.62
N LEU F 98 25.73 -15.56 5.83
CA LEU F 98 24.35 -15.24 6.19
C LEU F 98 23.80 -14.10 5.33
N GLY F 99 22.69 -14.34 4.67
CA GLY F 99 22.04 -13.34 3.84
C GLY F 99 22.38 -13.47 2.37
N LEU F 100 23.13 -14.52 2.02
CA LEU F 100 23.57 -14.73 0.64
C LEU F 100 22.50 -15.48 -0.16
N GLU F 101 22.22 -14.99 -1.36
CA GLU F 101 21.25 -15.66 -2.24
C GLU F 101 21.92 -16.80 -2.98
N ILE F 102 21.42 -18.02 -2.74
CA ILE F 102 21.98 -19.21 -3.35
C ILE F 102 21.21 -19.57 -4.63
N GLY F 103 21.81 -19.25 -5.77
CA GLY F 103 21.19 -19.53 -7.05
C GLY F 103 21.23 -21.00 -7.40
N ALA F 104 20.70 -21.34 -8.57
CA ALA F 104 20.68 -22.71 -9.05
C ALA F 104 22.06 -23.12 -9.53
N ASP F 105 22.93 -22.14 -9.72
CA ASP F 105 24.30 -22.40 -10.16
C ASP F 105 25.29 -22.04 -9.05
N ASP F 106 24.78 -21.81 -7.85
CA ASP F 106 25.62 -21.52 -6.70
C ASP F 106 25.63 -22.71 -5.74
N TYR F 107 26.78 -23.38 -5.65
CA TYR F 107 26.91 -24.56 -4.81
C TYR F 107 27.88 -24.32 -3.65
N ILE F 108 27.38 -24.44 -2.43
CA ILE F 108 28.21 -24.23 -1.25
C ILE F 108 28.89 -25.50 -0.77
N LYS F 110 30.82 -26.96 2.15
CA LYS F 110 31.06 -26.71 3.58
C LYS F 110 31.03 -28.02 4.36
N PRO F 111 31.74 -28.07 5.49
CA PRO F 111 31.69 -29.27 6.33
C PRO F 111 30.32 -29.45 6.96
N TYR F 112 30.01 -30.67 7.41
CA TYR F 112 28.76 -30.96 8.09
C TYR F 112 28.57 -30.00 9.28
N SER F 113 27.33 -29.65 9.56
CA SER F 113 27.00 -28.83 10.72
C SER F 113 26.43 -29.73 11.81
N PRO F 114 26.51 -29.28 13.08
CA PRO F 114 25.93 -30.06 14.18
C PRO F 114 24.41 -30.26 14.01
N ARG F 115 23.77 -29.41 13.22
CA ARG F 115 22.36 -29.61 12.90
C ARG F 115 22.18 -30.78 11.96
N GLU F 116 23.14 -30.98 11.08
CA GLU F 116 23.06 -32.02 10.05
C GLU F 116 23.29 -33.42 10.61
N VAL F 117 24.18 -33.56 11.58
CA VAL F 117 24.43 -34.86 12.19
C VAL F 117 23.24 -35.34 13.01
N VAL F 118 22.62 -34.42 13.74
CA VAL F 118 21.41 -34.74 14.51
C VAL F 118 20.31 -35.19 13.55
N ALA F 119 20.29 -34.59 12.37
CA ALA F 119 19.35 -34.98 11.33
C ALA F 119 19.65 -36.40 10.86
N ARG F 120 20.93 -36.69 10.64
CA ARG F 120 21.33 -38.02 10.20
C ARG F 120 21.11 -39.06 11.29
N VAL F 121 21.29 -38.64 12.55
CA VAL F 121 21.05 -39.52 13.69
C VAL F 121 19.57 -39.95 13.74
N LYS F 122 18.68 -38.98 13.56
CA LYS F 122 17.25 -39.25 13.56
C LYS F 122 16.84 -40.28 12.51
N THR F 123 17.47 -40.21 11.34
CA THR F 123 17.19 -41.14 10.26
C THR F 123 17.53 -42.57 10.65
N ILE F 124 18.64 -42.73 11.38
CA ILE F 124 19.08 -44.04 11.84
C ILE F 124 18.16 -44.58 12.92
N LEU F 125 17.48 -43.67 13.62
CA LEU F 125 16.53 -44.06 14.65
C LEU F 125 15.09 -43.83 14.21
N PRO F 142 -9.05 -47.58 20.15
CA PRO F 142 -8.16 -48.58 19.55
C PRO F 142 -7.88 -48.26 18.08
N LEU F 143 -8.90 -47.79 17.36
CA LEU F 143 -8.77 -47.49 15.94
C LEU F 143 -8.51 -46.01 15.70
N ILE F 144 -7.34 -45.70 15.16
CA ILE F 144 -6.99 -44.32 14.82
C ILE F 144 -6.78 -44.17 13.32
N ILE F 145 -7.41 -43.16 12.73
CA ILE F 145 -7.29 -42.91 11.30
C ILE F 145 -6.86 -41.48 11.02
N ASP F 146 -5.75 -41.32 10.30
CA ASP F 146 -5.33 -40.01 9.84
C ASP F 146 -5.75 -39.85 8.39
N GLU F 147 -6.83 -39.10 8.17
CA GLU F 147 -7.39 -38.93 6.84
C GLU F 147 -6.54 -38.00 5.97
N GLY F 148 -5.59 -37.31 6.59
CA GLY F 148 -4.70 -36.43 5.87
C GLY F 148 -3.68 -37.19 5.05
N ARG F 149 -2.95 -38.09 5.71
CA ARG F 149 -1.93 -38.89 5.05
C ARG F 149 -2.43 -40.30 4.74
N PHE F 150 -3.74 -40.49 4.91
CA PHE F 150 -4.43 -41.71 4.53
C PHE F 150 -3.85 -42.98 5.16
N GLN F 151 -3.66 -42.95 6.47
CA GLN F 151 -3.17 -44.11 7.20
C GLN F 151 -4.14 -44.50 8.31
N ALA F 152 -4.00 -45.72 8.80
CA ALA F 152 -4.85 -46.21 9.89
C ALA F 152 -4.05 -47.12 10.82
N SER F 153 -4.52 -47.24 12.05
CA SER F 153 -3.87 -48.10 13.04
C SER F 153 -4.89 -48.68 14.01
N TRP F 154 -4.63 -49.90 14.46
CA TRP F 154 -5.49 -50.52 15.46
C TRP F 154 -4.64 -51.05 16.61
N ARG F 155 -4.92 -50.58 17.81
CA ARG F 155 -4.13 -50.87 19.01
C ARG F 155 -2.66 -50.48 18.84
N GLY F 156 -2.44 -49.33 18.20
CA GLY F 156 -1.11 -48.80 18.02
C GLY F 156 -0.36 -49.37 16.82
N LYS F 157 -0.74 -50.57 16.40
CA LYS F 157 -0.07 -51.24 15.30
C LYS F 157 -0.59 -50.72 13.95
N MET F 158 0.34 -50.40 13.06
CA MET F 158 0.01 -49.81 11.77
C MET F 158 -0.65 -50.80 10.81
N LEU F 159 -1.47 -50.28 9.91
CA LEU F 159 -2.13 -51.10 8.89
C LEU F 159 -1.64 -50.72 7.51
N ASP F 160 -1.20 -51.71 6.74
CA ASP F 160 -0.82 -51.48 5.36
C ASP F 160 -2.04 -51.64 4.47
N LEU F 161 -2.71 -50.53 4.17
CA LEU F 161 -3.99 -50.58 3.46
C LEU F 161 -3.92 -50.07 2.03
N THR F 162 -4.69 -50.70 1.15
CA THR F 162 -4.92 -50.20 -0.19
C THR F 162 -5.99 -49.13 -0.09
N PRO F 163 -5.91 -48.10 -0.96
CA PRO F 163 -6.87 -46.99 -0.97
C PRO F 163 -8.33 -47.43 -0.93
N ALA F 164 -8.62 -48.60 -1.50
CA ALA F 164 -9.97 -49.14 -1.46
C ALA F 164 -10.32 -49.69 -0.07
N GLU F 165 -9.38 -50.43 0.52
CA GLU F 165 -9.55 -50.97 1.86
C GLU F 165 -9.68 -49.86 2.90
N PHE F 166 -8.88 -48.82 2.72
CA PHE F 166 -8.90 -47.68 3.63
C PHE F 166 -10.25 -46.96 3.59
N ARG F 167 -10.69 -46.62 2.39
CA ARG F 167 -11.98 -45.94 2.19
C ARG F 167 -13.12 -46.74 2.81
N LEU F 168 -13.10 -48.05 2.62
CA LEU F 168 -14.11 -48.92 3.20
C LEU F 168 -14.05 -48.91 4.72
N LEU F 169 -12.83 -48.99 5.26
CA LEU F 169 -12.63 -49.00 6.71
C LEU F 169 -13.17 -47.74 7.36
N LYS F 170 -12.71 -46.59 6.86
CA LYS F 170 -13.14 -45.30 7.38
C LYS F 170 -14.65 -45.11 7.27
N THR F 171 -15.20 -45.54 6.14
CA THR F 171 -16.64 -45.45 5.90
C THR F 171 -17.43 -46.30 6.91
N LEU F 172 -17.02 -47.55 7.06
CA LEU F 172 -17.71 -48.47 7.98
C LEU F 172 -17.56 -48.06 9.44
N SER F 173 -16.35 -47.74 9.85
CA SER F 173 -16.06 -47.51 11.27
C SER F 173 -16.44 -46.12 11.77
N HIS F 174 -16.83 -45.23 10.85
CA HIS F 174 -17.26 -43.90 11.23
C HIS F 174 -18.66 -43.96 11.85
N GLU F 175 -19.40 -45.01 11.50
CA GLU F 175 -20.74 -45.22 12.01
C GLU F 175 -20.94 -46.69 12.39
N PRO F 176 -20.43 -47.09 13.56
CA PRO F 176 -20.52 -48.49 14.02
C PRO F 176 -21.96 -48.92 14.23
N GLY F 177 -22.30 -50.12 13.76
CA GLY F 177 -23.65 -50.64 13.91
C GLY F 177 -24.52 -50.31 12.72
N LYS F 178 -24.08 -49.36 11.90
CA LYS F 178 -24.82 -48.99 10.70
C LYS F 178 -24.52 -49.94 9.54
N VAL F 179 -25.59 -50.43 8.91
CA VAL F 179 -25.46 -51.35 7.79
C VAL F 179 -25.31 -50.60 6.47
N PHE F 180 -24.23 -50.88 5.75
CA PHE F 180 -24.04 -50.35 4.41
C PHE F 180 -24.17 -51.49 3.40
N SER F 181 -25.11 -51.36 2.48
CA SER F 181 -25.23 -52.34 1.39
C SER F 181 -24.02 -52.20 0.48
N ARG F 182 -23.75 -53.22 -0.31
CA ARG F 182 -22.61 -53.18 -1.23
C ARG F 182 -22.86 -52.16 -2.33
N GLU F 183 -24.14 -51.89 -2.58
CA GLU F 183 -24.53 -50.87 -3.56
C GLU F 183 -24.11 -49.49 -3.07
N GLN F 184 -24.19 -49.28 -1.76
CA GLN F 184 -23.81 -48.01 -1.17
C GLN F 184 -22.30 -47.86 -1.07
N LEU F 185 -21.63 -48.94 -0.64
CA LEU F 185 -20.18 -48.91 -0.48
C LEU F 185 -19.44 -48.76 -1.81
N LEU F 186 -20.16 -48.97 -2.91
CA LEU F 186 -19.57 -48.87 -4.23
C LEU F 186 -19.44 -47.41 -4.64
N ASN F 187 -20.35 -46.58 -4.16
CA ASN F 187 -20.33 -45.14 -4.44
C ASN F 187 -19.18 -44.45 -3.69
N HIS F 188 -18.96 -44.88 -2.45
CA HIS F 188 -17.86 -44.37 -1.65
C HIS F 188 -16.52 -44.72 -2.30
N LEU F 189 -16.48 -45.89 -2.94
CA LEU F 189 -15.30 -46.31 -3.69
C LEU F 189 -15.21 -45.58 -5.01
N TYR F 190 -16.36 -45.31 -5.62
CA TYR F 190 -16.43 -44.62 -6.90
C TYR F 190 -16.08 -43.14 -6.76
N ASP F 191 -16.38 -42.57 -5.60
CA ASP F 191 -16.11 -41.16 -5.36
C ASP F 191 -14.67 -40.92 -4.90
N ASP F 192 -14.07 -41.91 -4.26
CA ASP F 192 -12.69 -41.81 -3.82
C ASP F 192 -11.75 -41.94 -5.01
N TYR F 193 -11.11 -40.84 -5.37
CA TYR F 193 -10.23 -40.80 -6.54
C TYR F 193 -8.92 -41.55 -6.33
N ARG F 194 -8.62 -41.89 -5.08
CA ARG F 194 -7.43 -42.68 -4.78
C ARG F 194 -7.67 -44.14 -5.15
N VAL F 195 -8.92 -44.50 -5.37
CA VAL F 195 -9.30 -45.89 -5.61
C VAL F 195 -9.28 -46.29 -7.08
N VAL F 196 -8.45 -47.27 -7.41
CA VAL F 196 -8.43 -47.87 -8.74
C VAL F 196 -8.05 -49.35 -8.65
N THR F 197 -9.06 -50.21 -8.54
CA THR F 197 -8.83 -51.64 -8.36
C THR F 197 -9.56 -52.49 -9.39
N ASP F 198 -9.11 -53.73 -9.51
CA ASP F 198 -9.80 -54.73 -10.33
C ASP F 198 -10.54 -55.68 -9.41
N ARG F 199 -10.60 -55.31 -8.13
CA ARG F 199 -11.23 -56.12 -7.10
C ARG F 199 -12.66 -55.65 -6.83
N THR F 200 -13.53 -56.60 -6.49
CA THR F 200 -14.89 -56.27 -6.11
C THR F 200 -14.94 -55.99 -4.60
N ILE F 201 -16.05 -55.43 -4.14
CA ILE F 201 -16.19 -55.07 -2.73
C ILE F 201 -16.08 -56.29 -1.83
N ASP F 202 -16.63 -57.42 -2.28
CA ASP F 202 -16.59 -58.66 -1.53
C ASP F 202 -15.15 -59.09 -1.25
N SER F 203 -14.25 -58.80 -2.18
CA SER F 203 -12.83 -59.12 -2.00
C SER F 203 -12.14 -58.14 -1.05
N HIS F 204 -12.47 -56.85 -1.19
CA HIS F 204 -11.87 -55.83 -0.34
C HIS F 204 -12.25 -56.02 1.13
N ILE F 205 -13.53 -56.33 1.36
CA ILE F 205 -14.02 -56.59 2.71
C ILE F 205 -13.30 -57.77 3.34
N LYS F 206 -13.18 -58.86 2.57
CA LYS F 206 -12.46 -60.04 3.02
C LYS F 206 -10.99 -59.74 3.32
N ASN F 207 -10.40 -58.90 2.48
CA ASN F 207 -9.00 -58.51 2.66
C ASN F 207 -8.79 -57.63 3.88
N LEU F 208 -9.68 -56.66 4.07
CA LEU F 208 -9.61 -55.75 5.20
C LEU F 208 -9.78 -56.51 6.51
N ARG F 209 -10.68 -57.48 6.51
CA ARG F 209 -10.94 -58.30 7.69
C ARG F 209 -9.75 -59.22 7.96
N ARG F 210 -9.07 -59.63 6.89
CA ARG F 210 -7.92 -60.51 6.99
C ARG F 210 -6.74 -59.79 7.64
N LYS F 211 -6.54 -58.53 7.25
CA LYS F 211 -5.46 -57.72 7.81
C LYS F 211 -5.74 -57.32 9.25
N LEU F 212 -7.01 -57.10 9.56
CA LEU F 212 -7.42 -56.70 10.91
C LEU F 212 -7.35 -57.87 11.90
N GLU F 213 -7.72 -59.06 11.43
CA GLU F 213 -7.63 -60.26 12.24
C GLU F 213 -6.18 -60.72 12.35
N SER F 214 -5.32 -60.14 11.52
CA SER F 214 -3.89 -60.46 11.53
C SER F 214 -3.18 -59.78 12.69
N LEU F 215 -3.80 -58.76 13.26
CA LEU F 215 -3.25 -58.06 14.41
C LEU F 215 -3.68 -58.71 15.71
N ASP F 216 -4.95 -58.53 16.08
CA ASP F 216 -5.49 -59.17 17.27
C ASP F 216 -6.70 -60.01 16.92
N ALA F 217 -6.55 -61.33 17.01
CA ALA F 217 -7.63 -62.26 16.69
C ALA F 217 -8.74 -62.21 17.73
N GLU F 218 -9.79 -63.00 17.49
CA GLU F 218 -10.95 -63.09 18.38
C GLU F 218 -11.71 -61.76 18.51
N GLN F 219 -11.42 -60.82 17.63
CA GLN F 219 -12.14 -59.55 17.60
C GLN F 219 -12.97 -59.47 16.33
N SER F 220 -14.28 -59.34 16.47
CA SER F 220 -15.17 -59.26 15.33
C SER F 220 -15.24 -57.83 14.78
N PHE F 221 -14.63 -57.61 13.62
CA PHE F 221 -14.60 -56.29 13.02
C PHE F 221 -15.77 -56.06 12.08
N ILE F 222 -15.75 -56.76 10.95
CA ILE F 222 -16.78 -56.58 9.92
C ILE F 222 -17.65 -57.82 9.76
N ARG F 223 -18.96 -57.63 9.74
CA ARG F 223 -19.88 -58.72 9.44
C ARG F 223 -20.47 -58.52 8.05
N ALA F 224 -20.48 -59.59 7.26
CA ALA F 224 -21.02 -59.53 5.90
C ALA F 224 -22.27 -60.40 5.77
N VAL F 225 -23.41 -59.76 5.55
CA VAL F 225 -24.66 -60.49 5.34
C VAL F 225 -25.21 -60.21 3.94
N TYR F 226 -25.26 -61.27 3.13
CA TYR F 226 -25.63 -61.15 1.72
C TYR F 226 -27.05 -60.59 1.53
N GLY F 227 -27.19 -59.67 0.59
CA GLY F 227 -28.48 -59.07 0.27
C GLY F 227 -28.94 -58.06 1.31
N VAL F 228 -28.09 -57.82 2.31
CA VAL F 228 -28.43 -56.89 3.38
C VAL F 228 -27.39 -55.79 3.48
N GLY F 229 -26.13 -56.17 3.68
CA GLY F 229 -25.04 -55.22 3.69
C GLY F 229 -23.86 -55.57 4.57
N TYR F 230 -23.00 -54.60 4.81
CA TYR F 230 -21.83 -54.76 5.66
C TYR F 230 -21.95 -53.85 6.87
N ARG F 231 -21.39 -54.28 8.01
CA ARG F 231 -21.52 -53.51 9.25
C ARG F 231 -20.28 -53.60 10.13
N TRP F 232 -19.82 -52.45 10.59
CA TRP F 232 -18.70 -52.38 11.52
C TRP F 232 -19.19 -52.79 12.91
N GLU F 233 -18.49 -53.75 13.52
CA GLU F 233 -18.94 -54.30 14.80
C GLU F 233 -17.98 -54.01 15.96
N ALA F 234 -17.14 -53.01 15.79
CA ALA F 234 -16.19 -52.63 16.84
C ALA F 234 -16.31 -51.16 17.19
N ASP F 235 -15.38 -50.67 18.02
CA ASP F 235 -15.38 -49.27 18.43
C ASP F 235 -15.14 -48.35 17.24
N ALA F 236 -15.67 -47.13 17.34
CA ALA F 236 -15.54 -46.14 16.28
C ALA F 236 -14.10 -45.69 16.10
N CYS F 237 -13.83 -45.07 14.95
CA CYS F 237 -12.49 -44.58 14.64
C CYS F 237 -12.23 -43.21 15.23
N ARG F 238 -10.98 -42.96 15.61
CA ARG F 238 -10.57 -41.65 16.08
C ARG F 238 -9.88 -40.90 14.95
N ILE F 239 -10.59 -39.95 14.35
CA ILE F 239 -10.08 -39.23 13.19
C ILE F 239 -8.93 -38.29 13.57
N VAL F 240 -7.82 -38.43 12.86
CA VAL F 240 -6.60 -37.66 13.11
C VAL F 240 -6.12 -37.82 14.55
N ASN G 9 -28.31 53.91 16.22
CA ASN G 9 -28.19 52.46 16.20
C ASN G 9 -27.83 51.94 14.81
N THR G 10 -26.62 52.25 14.37
CA THR G 10 -26.11 51.83 13.07
C THR G 10 -24.84 51.01 13.26
N PRO G 11 -24.51 50.13 12.31
CA PRO G 11 -23.30 49.32 12.40
C PRO G 11 -22.04 50.15 12.60
N ARG G 12 -21.29 49.84 13.65
CA ARG G 12 -20.04 50.55 13.94
C ARG G 12 -18.84 49.78 13.38
N ILE G 13 -17.89 50.51 12.83
CA ILE G 13 -16.73 49.89 12.18
C ILE G 13 -15.43 50.44 12.73
N LEU G 14 -14.57 49.54 13.22
CA LEU G 14 -13.27 49.93 13.71
C LEU G 14 -12.21 49.91 12.61
N ILE G 15 -11.71 51.08 12.27
CA ILE G 15 -10.65 51.19 11.27
C ILE G 15 -9.29 51.24 11.96
N VAL G 16 -8.51 50.17 11.80
CA VAL G 16 -7.15 50.15 12.33
C VAL G 16 -6.17 50.63 11.26
N GLU G 17 -5.87 51.91 11.28
CA GLU G 17 -5.02 52.53 10.27
C GLU G 17 -4.06 53.55 10.89
N ASP G 18 -2.79 53.50 10.48
CA ASP G 18 -1.78 54.42 11.00
C ASP G 18 -1.72 55.73 10.22
N GLU G 19 -1.77 55.63 8.89
CA GLU G 19 -1.71 56.81 8.04
C GLU G 19 -2.95 57.68 8.22
N PRO G 20 -2.76 58.90 8.73
CA PRO G 20 -3.86 59.81 9.11
C PRO G 20 -4.75 60.23 7.95
N LYS G 21 -4.14 60.53 6.79
CA LYS G 21 -4.92 60.96 5.63
C LYS G 21 -5.90 59.88 5.18
N LEU G 22 -5.39 58.68 4.93
CA LEU G 22 -6.22 57.57 4.52
C LEU G 22 -7.21 57.18 5.62
N GLY G 23 -6.77 57.31 6.87
CA GLY G 23 -7.61 57.02 8.02
C GLY G 23 -8.86 57.88 8.03
N GLN G 24 -8.68 59.18 7.81
CA GLN G 24 -9.80 60.12 7.74
C GLN G 24 -10.65 59.86 6.49
N LEU G 25 -9.98 59.49 5.40
CA LEU G 25 -10.66 59.24 4.14
C LEU G 25 -11.63 58.06 4.28
N LEU G 26 -11.17 57.01 4.96
CA LEU G 26 -12.02 55.84 5.21
C LEU G 26 -13.16 56.19 6.15
N ILE G 27 -12.91 57.12 7.07
CA ILE G 27 -13.94 57.61 7.98
C ILE G 27 -15.02 58.35 7.19
N ASP G 28 -14.59 59.24 6.30
CA ASP G 28 -15.50 60.01 5.46
C ASP G 28 -16.39 59.11 4.61
N TYR G 29 -15.78 58.13 3.97
CA TYR G 29 -16.51 57.19 3.12
C TYR G 29 -17.51 56.33 3.92
N LEU G 30 -17.05 55.81 5.05
CA LEU G 30 -17.89 54.92 5.85
C LEU G 30 -19.02 55.64 6.58
N ARG G 31 -18.74 56.84 7.06
CA ARG G 31 -19.76 57.63 7.73
C ARG G 31 -20.84 58.07 6.75
N ALA G 32 -20.43 58.29 5.50
CA ALA G 32 -21.37 58.67 4.45
C ALA G 32 -22.22 57.49 4.02
N ALA G 33 -21.76 56.28 4.34
CA ALA G 33 -22.50 55.06 4.05
C ALA G 33 -23.34 54.66 5.26
N SER G 34 -23.67 55.63 6.09
CA SER G 34 -24.48 55.44 7.29
C SER G 34 -23.89 54.40 8.26
N TYR G 35 -22.58 54.48 8.47
CA TYR G 35 -21.90 53.63 9.44
C TYR G 35 -21.33 54.49 10.56
N ALA G 36 -20.75 53.84 11.57
CA ALA G 36 -20.13 54.55 12.68
C ALA G 36 -18.64 54.23 12.76
N PRO G 37 -17.82 54.94 11.97
CA PRO G 37 -16.39 54.68 11.87
C PRO G 37 -15.62 55.11 13.11
N THR G 38 -14.58 54.35 13.45
CA THR G 38 -13.69 54.71 14.55
C THR G 38 -12.26 54.35 14.17
N LEU G 39 -11.34 55.30 14.35
CA LEU G 39 -9.96 55.13 13.90
C LEU G 39 -9.02 54.81 15.07
N ILE G 40 -8.11 53.87 14.85
CA ILE G 40 -7.13 53.50 15.86
C ILE G 40 -5.71 53.45 15.29
N SER G 41 -4.76 54.03 16.02
CA SER G 41 -3.37 54.09 15.59
C SER G 41 -2.62 52.82 15.90
N HIS G 42 -3.22 51.67 15.58
CA HIS G 42 -2.60 50.35 15.79
C HIS G 42 -2.20 50.16 17.25
N GLY G 43 -1.10 49.44 17.46
CA GLY G 43 -0.52 49.31 18.78
C GLY G 43 -1.33 48.53 19.79
N ASP G 44 -1.11 48.82 21.07
CA ASP G 44 -1.73 48.10 22.18
C ASP G 44 -3.22 48.43 22.31
N GLN G 45 -3.59 49.63 21.86
CA GLN G 45 -4.94 50.16 22.07
C GLN G 45 -6.05 49.29 21.47
N VAL G 46 -5.72 48.55 20.42
CA VAL G 46 -6.71 47.80 19.65
C VAL G 46 -7.44 46.74 20.47
N LEU G 47 -6.68 45.80 21.04
CA LEU G 47 -7.24 44.65 21.75
C LEU G 47 -8.25 44.96 22.86
N PRO G 48 -7.91 45.86 23.81
CA PRO G 48 -8.89 46.13 24.86
C PRO G 48 -10.12 46.85 24.33
N TYR G 49 -9.97 47.55 23.21
CA TYR G 49 -11.10 48.23 22.58
C TYR G 49 -12.09 47.22 22.02
N VAL G 50 -11.56 46.15 21.45
CA VAL G 50 -12.40 45.10 20.86
C VAL G 50 -13.13 44.31 21.95
N ARG G 51 -12.49 44.17 23.11
CA ARG G 51 -13.08 43.46 24.22
C ARG G 51 -14.19 44.28 24.89
N GLN G 52 -13.91 45.56 25.12
CA GLN G 52 -14.84 46.43 25.83
C GLN G 52 -15.89 47.04 24.91
N THR G 53 -15.45 47.54 23.76
CA THR G 53 -16.38 48.12 22.79
C THR G 53 -16.28 47.38 21.46
N PRO G 54 -16.93 46.19 21.38
CA PRO G 54 -16.86 45.38 20.16
C PRO G 54 -17.56 46.06 18.98
N PRO G 55 -16.88 46.12 17.83
CA PRO G 55 -17.47 46.66 16.61
C PRO G 55 -18.27 45.59 15.87
N ASP G 56 -18.93 45.97 14.79
CA ASP G 56 -19.64 45.00 13.97
C ASP G 56 -18.74 44.49 12.85
N LEU G 57 -17.64 45.21 12.63
CA LEU G 57 -16.66 44.84 11.61
C LEU G 57 -15.35 45.54 11.89
N ILE G 58 -14.24 44.86 11.59
CA ILE G 58 -12.91 45.44 11.78
C ILE G 58 -12.19 45.61 10.45
N LEU G 59 -11.93 46.85 10.06
CA LEU G 59 -11.16 47.13 8.86
C LEU G 59 -9.69 47.28 9.24
N LEU G 60 -8.91 46.25 8.94
CA LEU G 60 -7.53 46.19 9.39
C LEU G 60 -6.50 46.33 8.25
N ASP G 61 -5.58 47.27 8.42
CA ASP G 61 -4.50 47.48 7.47
C ASP G 61 -3.30 46.64 7.88
N LEU G 62 -3.07 45.54 7.16
CA LEU G 62 -1.86 44.75 7.34
C LEU G 62 -0.72 45.49 6.68
N MET G 63 0.09 46.18 7.48
CA MET G 63 1.25 46.91 6.95
C MET G 63 2.30 45.95 6.40
N LEU G 64 1.96 45.29 5.29
CA LEU G 64 2.86 44.34 4.65
C LEU G 64 4.09 45.04 4.06
N PRO G 65 5.27 44.41 4.16
CA PRO G 65 5.57 43.10 4.76
C PRO G 65 5.30 43.02 6.27
N GLY G 66 5.90 43.92 7.05
CA GLY G 66 5.62 44.08 8.46
C GLY G 66 5.35 42.86 9.33
N THR G 67 4.26 42.16 9.04
CA THR G 67 3.76 41.01 9.82
C THR G 67 3.20 41.39 11.19
N ASP G 68 3.27 42.67 11.53
CA ASP G 68 2.67 43.16 12.78
C ASP G 68 1.16 43.27 12.64
N GLY G 69 0.69 43.42 11.41
CA GLY G 69 -0.73 43.46 11.13
C GLY G 69 -1.35 42.08 11.29
N LEU G 70 -0.70 41.08 10.71
CA LEU G 70 -1.16 39.70 10.78
C LEU G 70 -1.13 39.17 12.21
N MET G 71 -0.15 39.60 12.98
CA MET G 71 -0.02 39.18 14.38
C MET G 71 -1.14 39.75 15.23
N LEU G 72 -1.49 41.02 14.99
CA LEU G 72 -2.63 41.63 15.66
C LEU G 72 -3.93 40.99 15.16
N ARG G 74 -4.34 37.95 14.10
CA ARG G 74 -4.45 36.62 14.68
C ARG G 74 -4.86 36.72 16.15
N GLU G 75 -4.42 37.78 16.81
CA GLU G 75 -4.71 37.98 18.23
C GLU G 75 -6.19 38.23 18.46
N ILE G 76 -6.78 39.09 17.62
CA ILE G 76 -8.19 39.43 17.71
C ILE G 76 -9.07 38.21 17.44
N ARG G 77 -8.69 37.44 16.43
CA ARG G 77 -9.45 36.28 16.00
C ARG G 77 -9.52 35.21 17.09
N ARG G 78 -8.55 35.23 18.00
CA ARG G 78 -8.46 34.22 19.05
C ARG G 78 -9.66 34.24 20.02
N PHE G 79 -10.16 35.43 20.34
CA PHE G 79 -11.24 35.53 21.32
C PHE G 79 -12.57 36.04 20.77
N SER G 80 -12.58 36.45 19.50
CA SER G 80 -13.82 36.95 18.90
C SER G 80 -13.98 36.51 17.44
N ASP G 81 -15.23 36.39 17.00
CA ASP G 81 -15.54 36.01 15.63
C ASP G 81 -16.02 37.20 14.83
N ILE G 82 -15.63 38.40 15.25
CA ILE G 82 -15.95 39.62 14.54
C ILE G 82 -15.27 39.62 13.18
N PRO G 83 -16.03 39.89 12.11
CA PRO G 83 -15.47 39.90 10.75
C PRO G 83 -14.33 40.91 10.59
N ILE G 84 -13.24 40.48 9.98
CA ILE G 84 -12.08 41.34 9.78
C ILE G 84 -11.74 41.46 8.29
N VAL G 85 -11.73 42.68 7.79
CA VAL G 85 -11.31 42.92 6.41
C VAL G 85 -9.83 43.26 6.36
N MET G 86 -9.03 42.31 5.91
CA MET G 86 -7.58 42.46 5.87
C MET G 86 -7.13 43.21 4.61
N VAL G 87 -6.81 44.49 4.77
CA VAL G 87 -6.34 45.31 3.66
C VAL G 87 -4.89 44.97 3.32
N THR G 88 -4.66 44.59 2.07
CA THR G 88 -3.34 44.13 1.63
C THR G 88 -2.47 45.26 1.06
N ALA G 89 -3.01 46.03 0.12
CA ALA G 89 -2.26 47.10 -0.52
C ALA G 89 -2.74 48.48 -0.09
N LYS G 90 -2.20 49.52 -0.73
CA LYS G 90 -2.60 50.89 -0.41
C LYS G 90 -3.89 51.27 -1.13
N ILE G 91 -4.91 51.60 -0.37
CA ILE G 91 -6.20 52.01 -0.92
C ILE G 91 -6.14 53.43 -1.46
N GLU G 92 -6.47 53.58 -2.74
CA GLU G 92 -6.45 54.89 -3.38
C GLU G 92 -7.73 55.16 -4.16
N GLU G 93 -8.14 56.42 -4.20
CA GLU G 93 -9.29 56.83 -4.98
C GLU G 93 -8.91 56.94 -6.45
N ILE G 94 -9.88 56.79 -7.33
CA ILE G 94 -9.67 57.07 -8.75
C ILE G 94 -10.79 57.97 -9.26
N ASP G 95 -10.62 59.28 -9.07
CA ASP G 95 -11.62 60.26 -9.48
C ASP G 95 -11.64 60.43 -10.99
N ARG G 96 -10.63 59.88 -11.65
CA ARG G 96 -10.54 59.89 -13.11
C ARG G 96 -11.69 59.08 -13.71
N LEU G 97 -12.15 58.08 -12.98
CA LEU G 97 -13.20 57.18 -13.44
C LEU G 97 -14.60 57.79 -13.32
N LEU G 98 -14.75 58.75 -12.40
CA LEU G 98 -16.04 59.39 -12.16
C LEU G 98 -16.52 60.15 -13.41
N GLY G 99 -17.75 59.88 -13.81
CA GLY G 99 -18.34 60.55 -14.96
C GLY G 99 -18.09 59.84 -16.27
N LEU G 100 -17.20 58.85 -16.25
CA LEU G 100 -16.87 58.07 -17.43
C LEU G 100 -18.07 57.26 -17.91
N GLU G 101 -18.42 57.41 -19.17
CA GLU G 101 -19.56 56.72 -19.74
C GLU G 101 -19.20 55.30 -20.18
N ILE G 102 -19.93 54.32 -19.65
CA ILE G 102 -19.65 52.92 -19.94
C ILE G 102 -20.58 52.38 -21.03
N GLY G 103 -19.98 51.94 -22.13
CA GLY G 103 -20.74 51.37 -23.23
C GLY G 103 -21.02 49.89 -23.02
N ALA G 104 -21.40 49.21 -24.09
CA ALA G 104 -21.71 47.78 -24.03
C ALA G 104 -20.48 46.94 -24.27
N ASP G 105 -19.39 47.59 -24.67
CA ASP G 105 -18.13 46.91 -24.93
C ASP G 105 -17.04 47.46 -24.02
N ASP G 106 -17.46 48.22 -23.01
CA ASP G 106 -16.53 48.82 -22.06
C ASP G 106 -16.59 48.09 -20.72
N TYR G 107 -15.57 47.30 -20.43
CA TYR G 107 -15.52 46.55 -19.18
C TYR G 107 -14.44 47.12 -18.26
N ILE G 108 -14.87 47.69 -17.14
CA ILE G 108 -13.95 48.30 -16.20
C ILE G 108 -13.76 47.46 -14.95
N LYS G 110 -12.95 46.57 -11.34
CA LYS G 110 -13.12 47.37 -10.13
C LYS G 110 -11.80 47.78 -9.51
N PRO G 111 -11.68 49.07 -9.16
CA PRO G 111 -10.45 49.65 -8.62
C PRO G 111 -10.27 49.33 -7.14
N TYR G 112 -9.13 49.76 -6.59
CA TYR G 112 -8.83 49.56 -5.17
C TYR G 112 -9.30 50.79 -4.41
N SER G 113 -10.52 51.24 -4.73
CA SER G 113 -11.07 52.49 -4.21
C SER G 113 -11.61 52.32 -2.80
N PRO G 114 -11.63 53.41 -2.02
CA PRO G 114 -12.31 53.40 -0.72
C PRO G 114 -13.79 53.14 -0.90
N ARG G 115 -14.31 53.48 -2.09
CA ARG G 115 -15.68 53.19 -2.47
C ARG G 115 -15.91 51.68 -2.44
N GLU G 116 -14.97 50.94 -3.02
CA GLU G 116 -15.06 49.48 -3.07
C GLU G 116 -14.85 48.86 -1.70
N VAL G 117 -14.14 49.56 -0.82
CA VAL G 117 -13.98 49.12 0.56
C VAL G 117 -15.32 49.19 1.26
N VAL G 118 -16.01 50.32 1.08
CA VAL G 118 -17.37 50.49 1.58
C VAL G 118 -18.28 49.42 0.98
N ALA G 119 -18.09 49.14 -0.30
CA ALA G 119 -18.88 48.15 -1.02
C ALA G 119 -18.79 46.76 -0.39
N ARG G 120 -17.58 46.30 -0.13
CA ARG G 120 -17.37 44.98 0.47
C ARG G 120 -17.92 44.92 1.89
N VAL G 121 -17.81 46.03 2.61
CA VAL G 121 -18.32 46.10 3.97
C VAL G 121 -19.84 45.91 3.99
N LYS G 122 -20.52 46.53 3.03
CA LYS G 122 -21.96 46.37 2.87
C LYS G 122 -22.33 44.90 2.64
N THR G 123 -21.53 44.22 1.83
CA THR G 123 -21.78 42.81 1.53
C THR G 123 -21.66 41.94 2.78
N ILE G 124 -20.63 42.20 3.57
CA ILE G 124 -20.37 41.43 4.78
C ILE G 124 -21.47 41.65 5.82
N LEU G 125 -21.98 42.88 5.88
CA LEU G 125 -23.03 43.23 6.83
C LEU G 125 -24.40 43.19 6.18
N ARG G 126 -25.01 42.00 6.16
CA ARG G 126 -26.33 41.82 5.56
C ARG G 126 -27.24 41.04 6.50
N SER G 141 -50.70 24.94 8.69
CA SER G 141 -50.70 25.16 7.24
C SER G 141 -49.65 24.33 6.53
N PRO G 142 -49.96 23.04 6.32
CA PRO G 142 -49.04 22.05 5.75
C PRO G 142 -48.64 22.37 4.32
N LEU G 143 -49.55 22.98 3.56
CA LEU G 143 -49.29 23.29 2.16
C LEU G 143 -48.69 24.68 1.98
N ILE G 144 -47.47 24.74 1.45
CA ILE G 144 -46.80 26.00 1.19
C ILE G 144 -46.53 26.16 -0.30
N ILE G 145 -47.01 27.25 -0.87
CA ILE G 145 -46.80 27.52 -2.30
C ILE G 145 -46.03 28.81 -2.52
N ASP G 146 -44.85 28.69 -3.11
CA ASP G 146 -44.03 29.85 -3.46
C ASP G 146 -44.24 30.18 -4.93
N GLU G 147 -44.91 31.29 -5.19
CA GLU G 147 -45.26 31.66 -6.57
C GLU G 147 -44.13 32.46 -7.23
N GLY G 148 -43.07 32.71 -6.48
CA GLY G 148 -41.90 33.37 -7.03
C GLY G 148 -41.04 32.39 -7.82
N ARG G 149 -40.68 31.28 -7.18
CA ARG G 149 -39.89 30.25 -7.85
C ARG G 149 -40.73 29.02 -8.20
N PHE G 150 -42.05 29.21 -8.19
CA PHE G 150 -43.01 28.22 -8.67
C PHE G 150 -42.84 26.81 -8.10
N GLN G 151 -42.75 26.71 -6.78
CA GLN G 151 -42.62 25.41 -6.12
C GLN G 151 -43.60 25.24 -4.98
N ALA G 152 -43.94 24.00 -4.66
CA ALA G 152 -44.87 23.69 -3.59
C ALA G 152 -44.29 22.68 -2.62
N SER G 153 -44.91 22.55 -1.45
CA SER G 153 -44.45 21.61 -0.44
C SER G 153 -45.57 21.18 0.49
N TRP G 154 -45.70 19.86 0.67
CA TRP G 154 -46.66 19.32 1.61
C TRP G 154 -45.93 18.76 2.83
N ARG G 155 -46.28 19.28 4.00
CA ARG G 155 -45.61 18.93 5.26
C ARG G 155 -44.11 19.18 5.20
N GLY G 156 -43.72 20.22 4.45
CA GLY G 156 -42.32 20.56 4.30
C GLY G 156 -41.62 19.74 3.22
N LYS G 157 -42.28 18.67 2.78
CA LYS G 157 -41.72 17.80 1.74
C LYS G 157 -41.96 18.38 0.35
N MET G 158 -40.89 18.53 -0.42
CA MET G 158 -40.95 19.17 -1.73
C MET G 158 -41.77 18.39 -2.76
N LEU G 159 -42.55 19.12 -3.55
CA LEU G 159 -43.36 18.53 -4.62
C LEU G 159 -42.70 18.77 -5.97
N ASP G 160 -42.59 17.72 -6.77
CA ASP G 160 -42.09 17.83 -8.14
C ASP G 160 -43.26 17.96 -9.09
N LEU G 161 -43.61 19.19 -9.44
CA LEU G 161 -44.79 19.45 -10.24
C LEU G 161 -44.50 19.94 -11.66
N THR G 162 -45.50 19.81 -12.51
CA THR G 162 -45.45 20.30 -13.88
C THR G 162 -46.32 21.56 -13.89
N PRO G 163 -45.92 22.58 -14.66
CA PRO G 163 -46.62 23.86 -14.78
C PRO G 163 -48.14 23.81 -14.63
N ALA G 164 -48.78 22.87 -15.30
CA ALA G 164 -50.23 22.71 -15.22
C ALA G 164 -50.65 22.16 -13.86
N GLU G 165 -49.91 21.19 -13.35
CA GLU G 165 -50.18 20.59 -12.05
C GLU G 165 -50.03 21.64 -10.95
N PHE G 166 -49.02 22.49 -11.10
CA PHE G 166 -48.77 23.57 -10.15
C PHE G 166 -49.92 24.57 -10.13
N ARG G 167 -50.27 25.06 -11.32
CA ARG G 167 -51.37 26.02 -11.46
C ARG G 167 -52.69 25.44 -10.98
N LEU G 168 -52.89 24.15 -11.22
CA LEU G 168 -54.09 23.49 -10.73
C LEU G 168 -54.06 23.34 -9.21
N LEU G 169 -52.87 23.10 -8.67
CA LEU G 169 -52.70 22.95 -7.23
C LEU G 169 -53.01 24.24 -6.50
N LYS G 170 -52.46 25.35 -7.01
CA LYS G 170 -52.67 26.65 -6.38
C LYS G 170 -54.12 27.10 -6.53
N THR G 171 -54.70 26.85 -7.70
CA THR G 171 -56.08 27.24 -7.97
C THR G 171 -57.06 26.57 -7.01
N LEU G 172 -56.96 25.26 -6.90
CA LEU G 172 -57.87 24.49 -6.05
C LEU G 172 -57.73 24.83 -4.57
N SER G 173 -56.50 24.89 -4.09
CA SER G 173 -56.23 25.04 -2.66
C SER G 173 -56.33 26.48 -2.14
N HIS G 174 -56.37 27.45 -3.06
CA HIS G 174 -56.53 28.84 -2.64
C HIS G 174 -57.94 29.05 -2.11
N GLU G 175 -58.89 28.33 -2.68
CA GLU G 175 -60.27 28.34 -2.22
C GLU G 175 -60.72 26.93 -1.89
N PRO G 176 -60.32 26.42 -0.71
CA PRO G 176 -60.68 25.06 -0.29
C PRO G 176 -62.18 24.95 -0.09
N GLY G 177 -62.76 23.83 -0.53
CA GLY G 177 -64.19 23.63 -0.43
C GLY G 177 -64.90 24.04 -1.70
N LYS G 178 -64.39 25.07 -2.36
CA LYS G 178 -65.01 25.56 -3.60
C LYS G 178 -64.82 24.57 -4.74
N VAL G 179 -65.90 24.32 -5.47
CA VAL G 179 -65.86 23.42 -6.61
C VAL G 179 -65.51 24.17 -7.90
N PHE G 180 -64.48 23.69 -8.58
CA PHE G 180 -64.08 24.26 -9.87
C PHE G 180 -64.46 23.32 -11.00
N SER G 181 -65.22 23.83 -11.97
CA SER G 181 -65.59 23.03 -13.13
C SER G 181 -64.38 22.79 -14.03
N ARG G 182 -64.48 21.77 -14.88
CA ARG G 182 -63.41 21.44 -15.82
C ARG G 182 -63.03 22.65 -16.67
N GLU G 183 -64.04 23.41 -17.06
CA GLU G 183 -63.85 24.59 -17.89
C GLU G 183 -63.11 25.69 -17.15
N GLN G 184 -63.46 25.89 -15.88
CA GLN G 184 -62.82 26.91 -15.07
C GLN G 184 -61.32 26.64 -14.87
N LEU G 185 -60.98 25.38 -14.66
CA LEU G 185 -59.58 24.99 -14.49
C LEU G 185 -58.82 25.15 -15.79
N LEU G 186 -59.51 24.99 -16.91
CA LEU G 186 -58.92 25.18 -18.22
C LEU G 186 -58.56 26.65 -18.46
N ASN G 187 -59.45 27.55 -18.02
CA ASN G 187 -59.22 28.98 -18.17
C ASN G 187 -58.11 29.48 -17.25
N HIS G 188 -57.81 28.70 -16.22
CA HIS G 188 -56.68 28.99 -15.35
C HIS G 188 -55.37 28.56 -16.01
N LEU G 189 -55.46 27.52 -16.85
CA LEU G 189 -54.30 27.05 -17.60
C LEU G 189 -54.05 27.91 -18.82
N TYR G 190 -55.14 28.46 -19.38
CA TYR G 190 -55.05 29.33 -20.55
C TYR G 190 -54.41 30.66 -20.17
N ASP G 191 -54.77 31.19 -19.00
CA ASP G 191 -54.25 32.46 -18.55
C ASP G 191 -52.82 32.33 -18.04
N ASP G 192 -52.56 31.27 -17.30
CA ASP G 192 -51.20 30.99 -16.84
C ASP G 192 -50.35 30.54 -18.01
N TYR G 193 -49.56 31.47 -18.54
CA TYR G 193 -48.57 31.13 -19.55
C TYR G 193 -47.51 30.25 -18.89
N ARG G 194 -46.57 29.75 -19.68
CA ARG G 194 -45.62 28.72 -19.26
C ARG G 194 -46.30 27.35 -19.07
N VAL G 195 -47.63 27.35 -19.13
CA VAL G 195 -48.40 26.10 -19.14
C VAL G 195 -48.85 25.77 -20.55
N VAL G 196 -48.26 24.74 -21.15
CA VAL G 196 -48.70 24.24 -22.44
C VAL G 196 -49.01 22.75 -22.31
N THR G 197 -50.27 22.38 -22.58
CA THR G 197 -50.76 21.06 -22.20
C THR G 197 -51.36 20.27 -23.36
N ASP G 198 -51.07 18.97 -23.39
CA ASP G 198 -51.74 18.05 -24.29
C ASP G 198 -52.57 17.06 -23.48
N ARG G 199 -52.33 17.03 -22.17
CA ARG G 199 -53.11 16.22 -21.25
C ARG G 199 -54.51 16.78 -21.10
N THR G 200 -55.37 16.04 -20.40
CA THR G 200 -56.69 16.55 -20.04
C THR G 200 -56.70 16.95 -18.57
N ILE G 201 -57.75 17.63 -18.14
CA ILE G 201 -57.84 18.09 -16.76
C ILE G 201 -57.91 16.92 -15.79
N ASP G 202 -58.62 15.88 -16.18
CA ASP G 202 -58.76 14.68 -15.34
C ASP G 202 -57.42 13.98 -15.16
N SER G 203 -56.60 13.95 -16.20
CA SER G 203 -55.27 13.36 -16.13
C SER G 203 -54.40 14.10 -15.13
N HIS G 204 -54.43 15.43 -15.23
CA HIS G 204 -53.66 16.29 -14.33
C HIS G 204 -54.02 16.09 -12.87
N ILE G 205 -55.31 16.27 -12.57
CA ILE G 205 -55.83 16.13 -11.21
C ILE G 205 -55.44 14.79 -10.60
N LYS G 206 -55.46 13.73 -11.41
CA LYS G 206 -55.00 12.43 -10.96
C LYS G 206 -53.51 12.44 -10.67
N ASN G 207 -52.73 13.04 -11.57
CA ASN G 207 -51.29 13.16 -11.38
C ASN G 207 -50.96 13.97 -10.13
N LEU G 208 -51.66 15.08 -9.97
CA LEU G 208 -51.45 15.97 -8.83
C LEU G 208 -51.78 15.26 -7.52
N ARG G 209 -52.80 14.41 -7.55
CA ARG G 209 -53.21 13.65 -6.39
C ARG G 209 -52.26 12.48 -6.15
N ARG G 210 -51.77 11.90 -7.24
CA ARG G 210 -50.85 10.77 -7.16
C ARG G 210 -49.54 11.20 -6.51
N LYS G 211 -49.16 12.46 -6.70
CA LYS G 211 -47.93 12.99 -6.13
C LYS G 211 -48.14 13.41 -4.67
N LEU G 212 -49.33 13.89 -4.35
CA LEU G 212 -49.65 14.31 -2.98
C LEU G 212 -49.86 13.10 -2.07
N GLU G 213 -50.62 12.13 -2.56
CA GLU G 213 -50.88 10.90 -1.81
C GLU G 213 -49.59 10.11 -1.58
N SER G 214 -48.59 10.40 -2.38
CA SER G 214 -47.27 9.79 -2.22
C SER G 214 -46.58 10.30 -0.96
N LEU G 215 -46.90 11.53 -0.58
CA LEU G 215 -46.26 12.16 0.57
C LEU G 215 -47.08 12.04 1.86
N ASP G 216 -48.31 11.54 1.74
CA ASP G 216 -49.20 11.45 2.90
C ASP G 216 -49.94 10.13 2.97
N ALA G 217 -50.80 9.89 1.99
CA ALA G 217 -51.60 8.65 1.88
C ALA G 217 -52.65 8.47 2.98
N GLU G 218 -52.70 9.41 3.92
CA GLU G 218 -53.72 9.40 4.96
C GLU G 218 -54.70 10.53 4.73
N GLN G 219 -54.26 11.53 3.97
CA GLN G 219 -55.03 12.75 3.75
C GLN G 219 -55.88 12.69 2.49
N SER G 220 -57.08 13.28 2.56
CA SER G 220 -57.94 13.42 1.40
C SER G 220 -57.64 14.75 0.72
N PHE G 221 -57.06 14.69 -0.46
CA PHE G 221 -56.58 15.89 -1.13
C PHE G 221 -57.57 16.48 -2.13
N ILE G 222 -57.85 15.75 -3.21
CA ILE G 222 -58.74 16.26 -4.25
C ILE G 222 -59.91 15.33 -4.51
N ARG G 223 -61.11 15.90 -4.56
CA ARG G 223 -62.31 15.15 -4.87
C ARG G 223 -62.82 15.50 -6.26
N ALA G 224 -63.16 14.47 -7.04
CA ALA G 224 -63.62 14.68 -8.41
C ALA G 224 -65.03 14.14 -8.60
N VAL G 225 -65.94 15.01 -9.01
CA VAL G 225 -67.30 14.60 -9.31
C VAL G 225 -67.59 14.86 -10.79
N TYR G 226 -67.71 13.77 -11.56
CA TYR G 226 -67.82 13.85 -13.01
C TYR G 226 -68.96 14.72 -13.49
N GLY G 227 -68.65 15.65 -14.39
CA GLY G 227 -69.65 16.53 -14.97
C GLY G 227 -70.02 17.70 -14.06
N VAL G 228 -69.43 17.73 -12.87
CA VAL G 228 -69.72 18.79 -11.91
C VAL G 228 -68.49 19.65 -11.63
N GLY G 229 -67.41 19.02 -11.19
CA GLY G 229 -66.17 19.73 -10.95
C GLY G 229 -65.19 19.06 -10.00
N TYR G 230 -64.16 19.81 -9.62
CA TYR G 230 -63.12 19.31 -8.73
C TYR G 230 -63.09 20.18 -7.47
N ARG G 231 -62.62 19.61 -6.37
CA ARG G 231 -62.64 20.33 -5.09
C ARG G 231 -61.48 19.95 -4.17
N TRP G 232 -60.72 20.96 -3.75
CA TRP G 232 -59.65 20.77 -2.78
C TRP G 232 -60.24 20.54 -1.40
N GLU G 233 -59.84 19.44 -0.76
CA GLU G 233 -60.44 19.02 0.50
C GLU G 233 -59.51 19.07 1.70
N ALA G 234 -58.32 19.65 1.53
CA ALA G 234 -57.37 19.78 2.64
C ALA G 234 -57.21 21.23 3.07
N ASP G 235 -56.16 21.49 3.84
CA ASP G 235 -55.87 22.82 4.36
C ASP G 235 -55.62 23.81 3.23
N ALA G 236 -55.91 25.08 3.49
CA ALA G 236 -55.66 26.14 2.52
C ALA G 236 -54.17 26.32 2.31
N CYS G 237 -53.77 26.57 1.07
CA CYS G 237 -52.36 26.77 0.76
C CYS G 237 -51.86 28.08 1.34
N ARG G 238 -50.68 28.05 1.95
CA ARG G 238 -50.07 29.27 2.45
C ARG G 238 -49.08 29.81 1.43
N ILE G 239 -49.38 30.98 0.89
CA ILE G 239 -48.54 31.58 -0.14
C ILE G 239 -47.39 32.37 0.47
N VAL G 240 -46.17 32.00 0.10
CA VAL G 240 -44.97 32.69 0.59
C VAL G 240 -44.28 33.46 -0.54
N ASN H 9 -6.80 29.26 -35.73
CA ASN H 9 -7.87 30.24 -35.57
C ASN H 9 -8.30 30.38 -34.12
N THR H 10 -7.59 31.22 -33.37
CA THR H 10 -7.88 31.45 -31.96
C THR H 10 -8.00 32.95 -31.69
N PRO H 11 -8.78 33.32 -30.66
CA PRO H 11 -8.99 34.73 -30.30
C PRO H 11 -7.69 35.51 -30.08
N ARG H 12 -7.53 36.61 -30.80
CA ARG H 12 -6.37 37.49 -30.63
C ARG H 12 -6.66 38.56 -29.59
N ILE H 13 -5.76 38.68 -28.62
CA ILE H 13 -5.92 39.65 -27.54
C ILE H 13 -4.75 40.62 -27.46
N LEU H 14 -5.04 41.91 -27.52
CA LEU H 14 -4.01 42.93 -27.39
C LEU H 14 -3.84 43.34 -25.93
N ILE H 15 -2.61 43.22 -25.44
CA ILE H 15 -2.29 43.64 -24.09
C ILE H 15 -1.52 44.95 -24.11
N VAL H 16 -2.07 45.97 -23.46
CA VAL H 16 -1.39 47.26 -23.35
C VAL H 16 -0.87 47.46 -21.93
N GLU H 17 0.39 47.07 -21.71
CA GLU H 17 1.00 47.15 -20.40
C GLU H 17 2.44 47.66 -20.51
N ASP H 18 2.79 48.64 -19.69
CA ASP H 18 4.12 49.23 -19.73
C ASP H 18 5.11 48.46 -18.87
N GLU H 19 4.62 47.83 -17.80
CA GLU H 19 5.47 47.06 -16.91
C GLU H 19 5.79 45.71 -17.53
N PRO H 20 7.09 45.43 -17.74
CA PRO H 20 7.58 44.24 -18.44
C PRO H 20 7.22 42.92 -17.76
N LYS H 21 7.43 42.82 -16.45
CA LYS H 21 7.16 41.59 -15.72
C LYS H 21 5.69 41.19 -15.80
N LEU H 22 4.80 42.11 -15.44
CA LEU H 22 3.37 41.87 -15.51
C LEU H 22 2.93 41.63 -16.95
N GLY H 23 3.58 42.35 -17.87
CA GLY H 23 3.30 42.20 -19.29
C GLY H 23 3.55 40.80 -19.78
N GLN H 24 4.76 40.31 -19.56
CA GLN H 24 5.14 38.95 -19.93
C GLN H 24 4.29 37.92 -19.19
N LEU H 25 3.91 38.27 -17.96
CA LEU H 25 3.08 37.39 -17.14
C LEU H 25 1.70 37.21 -17.75
N LEU H 26 1.12 38.32 -18.22
CA LEU H 26 -0.19 38.29 -18.86
C LEU H 26 -0.15 37.50 -20.17
N ILE H 27 0.99 37.59 -20.86
CA ILE H 27 1.20 36.85 -22.10
C ILE H 27 1.15 35.35 -21.85
N ASP H 28 1.89 34.90 -20.84
CA ASP H 28 1.97 33.49 -20.50
C ASP H 28 0.61 32.91 -20.09
N TYR H 29 -0.09 33.62 -19.20
CA TYR H 29 -1.39 33.17 -18.72
C TYR H 29 -2.42 33.10 -19.85
N LEU H 30 -2.43 34.11 -20.71
CA LEU H 30 -3.39 34.17 -21.81
C LEU H 30 -3.11 33.12 -22.88
N ARG H 31 -1.84 32.91 -23.19
CA ARG H 31 -1.46 31.91 -24.19
C ARG H 31 -1.80 30.52 -23.69
N ALA H 32 -1.68 30.32 -22.37
CA ALA H 32 -2.02 29.05 -21.76
C ALA H 32 -3.52 28.78 -21.83
N ALA H 33 -4.30 29.85 -21.96
CA ALA H 33 -5.75 29.73 -22.07
C ALA H 33 -6.17 29.62 -23.54
N SER H 34 -5.25 29.16 -24.38
CA SER H 34 -5.48 28.96 -25.81
C SER H 34 -5.89 30.25 -26.53
N TYR H 35 -5.23 31.35 -26.19
CA TYR H 35 -5.46 32.63 -26.85
C TYR H 35 -4.23 33.07 -27.63
N ALA H 36 -4.35 34.19 -28.35
CA ALA H 36 -3.24 34.72 -29.12
C ALA H 36 -2.85 36.12 -28.62
N PRO H 37 -1.98 36.17 -27.61
CA PRO H 37 -1.60 37.42 -26.94
C PRO H 37 -0.59 38.25 -27.73
N THR H 38 -0.75 39.57 -27.69
CA THR H 38 0.21 40.49 -28.29
C THR H 38 0.44 41.66 -27.33
N LEU H 39 1.69 41.94 -27.01
CA LEU H 39 2.00 42.97 -26.02
C LEU H 39 2.52 44.26 -26.63
N ILE H 40 1.93 45.37 -26.22
CA ILE H 40 2.39 46.70 -26.61
C ILE H 40 2.70 47.53 -25.36
N SER H 41 3.86 48.16 -25.35
CA SER H 41 4.32 48.89 -24.16
C SER H 41 4.08 50.40 -24.26
N HIS H 42 3.86 50.90 -25.46
CA HIS H 42 3.73 52.35 -25.65
C HIS H 42 2.35 52.75 -26.20
N GLY H 43 1.88 53.92 -25.77
CA GLY H 43 0.55 54.39 -26.12
C GLY H 43 0.40 54.88 -27.54
N ASP H 44 1.50 55.25 -28.17
CA ASP H 44 1.46 55.73 -29.54
C ASP H 44 1.42 54.56 -30.54
N GLN H 45 1.73 53.36 -30.05
CA GLN H 45 1.76 52.17 -30.89
C GLN H 45 0.41 51.47 -31.02
N VAL H 46 -0.40 51.53 -29.97
CA VAL H 46 -1.64 50.76 -29.93
C VAL H 46 -2.68 51.19 -30.96
N LEU H 47 -2.93 52.50 -31.06
CA LEU H 47 -3.94 53.01 -31.99
C LEU H 47 -3.76 52.58 -33.45
N PRO H 48 -2.56 52.74 -34.03
CA PRO H 48 -2.42 52.24 -35.41
C PRO H 48 -2.45 50.71 -35.48
N TYR H 49 -2.17 50.04 -34.36
CA TYR H 49 -2.21 48.58 -34.33
C TYR H 49 -3.64 48.07 -34.32
N VAL H 50 -4.51 48.77 -33.59
CA VAL H 50 -5.93 48.42 -33.53
C VAL H 50 -6.56 48.53 -34.92
N ARG H 51 -6.08 49.48 -35.71
CA ARG H 51 -6.55 49.65 -37.08
C ARG H 51 -6.05 48.51 -37.96
N GLN H 52 -4.74 48.50 -38.21
CA GLN H 52 -4.12 47.54 -39.11
C GLN H 52 -4.32 46.07 -38.70
N THR H 53 -4.08 45.77 -37.43
CA THR H 53 -4.27 44.41 -36.94
C THR H 53 -5.23 44.40 -35.75
N PRO H 54 -6.54 44.48 -36.03
CA PRO H 54 -7.57 44.53 -34.99
C PRO H 54 -7.63 43.24 -34.19
N PRO H 55 -7.62 43.35 -32.85
CA PRO H 55 -7.73 42.19 -31.97
C PRO H 55 -9.20 41.89 -31.65
N ASP H 56 -9.44 40.77 -30.97
CA ASP H 56 -10.80 40.40 -30.58
C ASP H 56 -11.15 41.03 -29.24
N LEU H 57 -10.13 41.38 -28.46
CA LEU H 57 -10.33 42.04 -27.18
C LEU H 57 -9.08 42.83 -26.82
N ILE H 58 -9.27 43.99 -26.19
CA ILE H 58 -8.16 44.82 -25.78
C ILE H 58 -8.02 44.89 -24.27
N LEU H 59 -6.93 44.31 -23.75
CA LEU H 59 -6.63 44.39 -22.33
C LEU H 59 -5.80 45.65 -22.07
N LEU H 60 -6.46 46.67 -21.51
CA LEU H 60 -5.86 47.99 -21.39
C LEU H 60 -5.65 48.42 -19.93
N ASP H 61 -4.40 48.50 -19.51
CA ASP H 61 -4.06 48.96 -18.17
C ASP H 61 -4.32 50.46 -18.06
N LEU H 62 -5.14 50.85 -17.08
CA LEU H 62 -5.55 52.24 -16.91
C LEU H 62 -4.38 53.16 -16.58
N MET H 63 -3.38 52.62 -15.91
CA MET H 63 -2.25 53.44 -15.45
C MET H 63 -0.94 53.12 -16.16
N LEU H 64 -0.69 53.82 -17.26
CA LEU H 64 0.58 53.72 -17.96
C LEU H 64 1.05 55.13 -18.35
N PRO H 65 2.34 55.43 -18.11
CA PRO H 65 2.89 56.78 -18.30
C PRO H 65 2.88 57.24 -19.76
N GLY H 66 3.16 58.52 -19.97
CA GLY H 66 3.15 59.10 -21.31
C GLY H 66 1.77 59.60 -21.68
N THR H 67 0.82 58.68 -21.77
CA THR H 67 -0.57 59.01 -22.09
C THR H 67 -1.51 58.13 -21.28
N ASP H 68 -2.47 58.77 -20.61
CA ASP H 68 -3.42 58.02 -19.78
C ASP H 68 -4.30 57.12 -20.64
N GLY H 69 -4.69 55.98 -20.10
CA GLY H 69 -5.44 54.99 -20.86
C GLY H 69 -6.87 55.38 -21.19
N LEU H 70 -7.39 56.40 -20.51
CA LEU H 70 -8.77 56.83 -20.73
C LEU H 70 -8.93 57.64 -22.01
N MET H 71 -8.00 58.56 -22.24
CA MET H 71 -7.98 59.31 -23.50
C MET H 71 -7.55 58.38 -24.62
N LEU H 72 -6.86 57.30 -24.26
CA LEU H 72 -6.45 56.28 -25.22
C LEU H 72 -7.64 55.40 -25.59
N ARG H 74 -10.92 56.21 -25.21
CA ARG H 74 -11.91 57.04 -25.89
C ARG H 74 -11.59 57.17 -27.37
N GLU H 75 -10.31 57.06 -27.69
CA GLU H 75 -9.85 57.15 -29.07
C GLU H 75 -10.17 55.88 -29.86
N ILE H 76 -9.86 54.73 -29.26
CA ILE H 76 -10.14 53.44 -29.87
C ILE H 76 -11.64 53.26 -30.06
N ARG H 77 -12.40 53.65 -29.04
CA ARG H 77 -13.85 53.49 -29.04
C ARG H 77 -14.52 54.33 -30.14
N ARG H 78 -13.77 55.25 -30.72
CA ARG H 78 -14.30 56.15 -31.73
C ARG H 78 -14.46 55.49 -33.10
N PHE H 79 -13.60 54.54 -33.42
CA PHE H 79 -13.67 53.86 -34.71
C PHE H 79 -13.76 52.33 -34.65
N SER H 80 -14.03 51.80 -33.47
CA SER H 80 -14.23 50.36 -33.30
C SER H 80 -15.00 50.02 -32.04
N ASP H 81 -15.80 48.97 -32.10
CA ASP H 81 -16.57 48.50 -30.95
C ASP H 81 -15.91 47.27 -30.32
N ILE H 82 -14.60 47.16 -30.51
CA ILE H 82 -13.83 46.07 -29.91
C ILE H 82 -13.86 46.17 -28.39
N PRO H 83 -14.26 45.08 -27.72
CA PRO H 83 -14.38 45.07 -26.25
C PRO H 83 -13.07 45.41 -25.55
N ILE H 84 -13.11 46.44 -24.71
CA ILE H 84 -11.93 46.90 -23.99
C ILE H 84 -12.07 46.70 -22.49
N VAL H 85 -11.10 46.01 -21.90
CA VAL H 85 -11.11 45.74 -20.47
C VAL H 85 -10.19 46.70 -19.72
N MET H 86 -10.79 47.61 -18.95
CA MET H 86 -10.02 48.58 -18.17
C MET H 86 -9.43 47.90 -16.93
N VAL H 87 -8.14 48.12 -16.71
CA VAL H 87 -7.41 47.40 -15.67
C VAL H 87 -6.59 48.36 -14.79
N THR H 88 -6.57 48.11 -13.49
CA THR H 88 -5.87 48.98 -12.56
C THR H 88 -4.58 48.32 -12.04
N ALA H 89 -4.53 48.04 -10.74
CA ALA H 89 -3.32 47.45 -10.13
C ALA H 89 -3.39 45.93 -10.05
N LYS H 90 -2.32 45.27 -10.50
CA LYS H 90 -2.30 43.81 -10.59
C LYS H 90 -1.07 43.20 -9.93
N ILE H 91 -1.24 42.71 -8.70
CA ILE H 91 -0.14 42.08 -7.96
C ILE H 91 -0.63 40.93 -7.10
N GLU H 92 0.02 39.78 -7.20
CA GLU H 92 -0.30 38.66 -6.33
C GLU H 92 0.71 38.56 -5.19
N GLU H 93 0.20 38.37 -3.98
CA GLU H 93 1.03 38.26 -2.79
C GLU H 93 1.60 36.84 -2.64
N ILE H 94 2.64 36.57 -3.40
CA ILE H 94 3.30 35.26 -3.43
C ILE H 94 3.64 34.74 -2.04
N ASP H 95 4.45 35.50 -1.31
CA ASP H 95 4.93 35.07 0.00
C ASP H 95 4.56 36.10 1.07
N ARG H 96 3.27 36.22 1.35
CA ARG H 96 2.78 37.12 2.40
C ARG H 96 1.59 36.53 3.15
N LEU H 97 0.71 35.87 2.42
CA LEU H 97 -0.46 35.24 3.03
C LEU H 97 -0.54 33.76 2.69
N LEU H 98 0.49 33.24 2.05
CA LEU H 98 0.55 31.84 1.66
C LEU H 98 0.59 30.92 2.88
N GLY H 99 -0.42 30.07 3.02
CA GLY H 99 -0.49 29.13 4.12
C GLY H 99 -1.47 29.55 5.21
N LEU H 100 -2.10 30.70 5.00
CA LEU H 100 -3.03 31.27 5.97
C LEU H 100 -4.42 30.65 5.85
N GLU H 101 -5.01 30.28 6.98
CA GLU H 101 -6.36 29.73 6.98
C GLU H 101 -7.39 30.84 6.94
N ILE H 102 -8.18 30.86 5.87
CA ILE H 102 -9.20 31.88 5.67
C ILE H 102 -10.55 31.42 6.21
N GLY H 103 -10.91 31.92 7.38
CA GLY H 103 -12.18 31.56 8.01
C GLY H 103 -13.36 32.21 7.33
N ALA H 104 -14.55 31.94 7.85
CA ALA H 104 -15.78 32.51 7.31
C ALA H 104 -15.92 33.97 7.70
N ASP H 105 -15.10 34.39 8.66
CA ASP H 105 -15.10 35.78 9.12
C ASP H 105 -13.78 36.46 8.76
N ASP H 106 -13.00 35.81 7.91
CA ASP H 106 -11.75 36.38 7.42
C ASP H 106 -11.88 36.80 5.98
N TYR H 107 -11.86 38.10 5.72
CA TYR H 107 -12.03 38.62 4.38
C TYR H 107 -10.76 39.33 3.89
N ILE H 108 -10.18 38.82 2.81
CA ILE H 108 -8.96 39.41 2.26
C ILE H 108 -9.24 40.51 1.23
N LYS H 110 -7.58 42.63 -1.43
CA LYS H 110 -6.37 42.64 -2.25
C LYS H 110 -6.71 43.07 -3.68
N PRO H 111 -5.73 43.65 -4.39
CA PRO H 111 -5.96 44.02 -5.78
C PRO H 111 -6.12 42.79 -6.66
N TYR H 112 -6.72 42.95 -7.83
CA TYR H 112 -6.87 41.87 -8.81
C TYR H 112 -5.51 41.24 -9.10
N SER H 113 -5.51 39.93 -9.35
CA SER H 113 -4.29 39.23 -9.74
C SER H 113 -4.34 38.98 -11.24
N PRO H 114 -3.17 38.78 -11.86
CA PRO H 114 -3.13 38.46 -13.30
C PRO H 114 -3.88 37.18 -13.64
N ARG H 115 -4.08 36.31 -12.66
CA ARG H 115 -4.90 35.12 -12.86
C ARG H 115 -6.37 35.49 -12.96
N GLU H 116 -6.77 36.52 -12.23
CA GLU H 116 -8.16 36.94 -12.16
C GLU H 116 -8.64 37.65 -13.43
N VAL H 117 -7.76 38.45 -14.04
CA VAL H 117 -8.12 39.15 -15.26
C VAL H 117 -8.28 38.19 -16.43
N VAL H 118 -7.39 37.20 -16.52
CA VAL H 118 -7.49 36.17 -17.54
C VAL H 118 -8.81 35.41 -17.37
N ALA H 119 -9.21 35.24 -16.12
CA ALA H 119 -10.50 34.62 -15.81
C ALA H 119 -11.64 35.47 -16.32
N ARG H 120 -11.56 36.78 -16.07
CA ARG H 120 -12.59 37.71 -16.52
C ARG H 120 -12.60 37.84 -18.04
N VAL H 121 -11.42 37.75 -18.65
CA VAL H 121 -11.30 37.78 -20.10
C VAL H 121 -12.05 36.60 -20.74
N LYS H 122 -11.85 35.41 -20.18
CA LYS H 122 -12.50 34.20 -20.67
C LYS H 122 -14.02 34.32 -20.65
N THR H 123 -14.55 34.95 -19.61
CA THR H 123 -15.99 35.14 -19.47
C THR H 123 -16.55 36.00 -20.61
N ILE H 124 -15.78 37.02 -21.00
CA ILE H 124 -16.18 37.91 -22.08
C ILE H 124 -16.11 37.19 -23.43
N LEU H 125 -15.28 36.16 -23.50
CA LEU H 125 -15.16 35.37 -24.71
C LEU H 125 -15.80 33.99 -24.56
N PRO H 142 -22.30 15.62 -38.31
CA PRO H 142 -22.69 17.02 -38.01
C PRO H 142 -23.46 17.10 -36.70
N LEU H 143 -23.95 15.96 -36.22
CA LEU H 143 -24.69 15.91 -34.97
C LEU H 143 -23.81 15.45 -33.81
N ILE H 144 -23.70 16.30 -32.80
CA ILE H 144 -22.88 15.99 -31.63
C ILE H 144 -23.70 16.06 -30.36
N ILE H 145 -23.62 15.02 -29.54
CA ILE H 145 -24.37 14.97 -28.28
C ILE H 145 -23.48 14.63 -27.09
N ASP H 146 -23.31 15.60 -26.20
CA ASP H 146 -22.59 15.36 -24.96
C ASP H 146 -23.58 14.95 -23.88
N GLU H 147 -23.54 13.68 -23.50
CA GLU H 147 -24.50 13.13 -22.55
C GLU H 147 -24.11 13.41 -21.10
N GLY H 148 -22.96 14.04 -20.92
CA GLY H 148 -22.52 14.44 -19.59
C GLY H 148 -23.30 15.63 -19.09
N ARG H 149 -23.24 16.74 -19.84
CA ARG H 149 -23.99 17.94 -19.49
C ARG H 149 -25.25 18.12 -20.34
N PHE H 150 -25.69 17.01 -20.95
CA PHE H 150 -26.96 16.95 -21.65
C PHE H 150 -27.16 18.02 -22.73
N GLN H 151 -26.13 18.28 -23.52
CA GLN H 151 -26.23 19.27 -24.59
C GLN H 151 -26.01 18.64 -25.96
N ALA H 152 -26.63 19.24 -26.98
CA ALA H 152 -26.50 18.76 -28.35
C ALA H 152 -26.32 19.92 -29.32
N SER H 153 -25.70 19.63 -30.47
CA SER H 153 -25.46 20.64 -31.48
C SER H 153 -25.42 20.04 -32.87
N TRP H 154 -26.06 20.72 -33.82
CA TRP H 154 -26.04 20.27 -35.21
C TRP H 154 -25.35 21.32 -36.09
N ARG H 155 -24.36 20.87 -36.85
CA ARG H 155 -23.52 21.76 -37.67
C ARG H 155 -22.83 22.85 -36.84
N GLY H 156 -22.47 22.52 -35.61
CA GLY H 156 -21.76 23.43 -34.75
C GLY H 156 -22.65 24.34 -33.94
N LYS H 157 -23.85 24.60 -34.44
CA LYS H 157 -24.81 25.45 -33.75
C LYS H 157 -25.44 24.71 -32.57
N MET H 158 -25.40 25.32 -31.39
CA MET H 158 -25.96 24.71 -30.19
C MET H 158 -27.47 24.60 -30.25
N LEU H 159 -28.02 23.60 -29.56
CA LEU H 159 -29.46 23.37 -29.54
C LEU H 159 -30.07 23.63 -28.16
N ASP H 160 -31.17 24.36 -28.15
CA ASP H 160 -31.89 24.64 -26.92
C ASP H 160 -33.01 23.62 -26.72
N LEU H 161 -32.63 22.44 -26.26
CA LEU H 161 -33.60 21.34 -26.11
C LEU H 161 -34.13 21.22 -24.68
N THR H 162 -35.38 20.79 -24.57
CA THR H 162 -35.96 20.44 -23.28
C THR H 162 -35.59 18.99 -23.01
N PRO H 163 -35.53 18.58 -21.73
CA PRO H 163 -35.13 17.22 -21.34
C PRO H 163 -35.82 16.11 -22.12
N ALA H 164 -37.08 16.32 -22.49
CA ALA H 164 -37.83 15.34 -23.27
C ALA H 164 -37.37 15.36 -24.72
N GLU H 165 -37.22 16.55 -25.29
CA GLU H 165 -36.78 16.73 -26.66
C GLU H 165 -35.37 16.17 -26.85
N PHE H 166 -34.54 16.31 -25.82
CA PHE H 166 -33.19 15.79 -25.84
C PHE H 166 -33.18 14.26 -25.85
N ARG H 167 -33.92 13.67 -24.92
CA ARG H 167 -34.01 12.22 -24.80
C ARG H 167 -34.48 11.57 -26.09
N LEU H 168 -35.42 12.23 -26.76
CA LEU H 168 -35.92 11.74 -28.04
C LEU H 168 -34.86 11.86 -29.13
N LEU H 169 -34.10 12.95 -29.10
CA LEU H 169 -33.06 13.17 -30.10
C LEU H 169 -31.95 12.13 -29.99
N LYS H 170 -31.57 11.79 -28.77
CA LYS H 170 -30.54 10.78 -28.55
C LYS H 170 -31.04 9.40 -28.96
N THR H 171 -32.31 9.12 -28.67
CA THR H 171 -32.91 7.84 -29.02
C THR H 171 -32.98 7.64 -30.53
N LEU H 172 -33.56 8.59 -31.22
CA LEU H 172 -33.77 8.48 -32.66
C LEU H 172 -32.46 8.47 -33.45
N SER H 173 -31.52 9.34 -33.09
CA SER H 173 -30.33 9.54 -33.90
C SER H 173 -29.17 8.60 -33.56
N HIS H 174 -29.29 7.86 -32.47
CA HIS H 174 -28.27 6.86 -32.13
C HIS H 174 -28.35 5.72 -33.13
N GLU H 175 -29.58 5.42 -33.56
CA GLU H 175 -29.83 4.37 -34.53
C GLU H 175 -30.64 4.92 -35.70
N PRO H 176 -29.96 5.55 -36.67
CA PRO H 176 -30.63 6.14 -37.83
C PRO H 176 -31.28 5.10 -38.71
N GLY H 177 -32.55 5.30 -39.04
CA GLY H 177 -33.28 4.37 -39.89
C GLY H 177 -34.03 3.31 -39.10
N LYS H 178 -33.76 3.25 -37.80
CA LYS H 178 -34.49 2.34 -36.93
C LYS H 178 -35.81 2.98 -36.50
N VAL H 179 -36.89 2.22 -36.62
CA VAL H 179 -38.21 2.74 -36.29
C VAL H 179 -38.48 2.65 -34.79
N PHE H 180 -39.08 3.71 -34.25
CA PHE H 180 -39.47 3.74 -32.85
C PHE H 180 -40.94 4.12 -32.74
N SER H 181 -41.76 3.18 -32.30
CA SER H 181 -43.17 3.47 -32.06
C SER H 181 -43.32 4.47 -30.93
N ARG H 182 -44.44 5.18 -30.88
CA ARG H 182 -44.68 6.14 -29.81
C ARG H 182 -44.75 5.41 -28.49
N GLU H 183 -45.19 4.15 -28.53
CA GLU H 183 -45.24 3.31 -27.35
C GLU H 183 -43.85 3.09 -26.78
N GLN H 184 -42.87 2.96 -27.67
CA GLN H 184 -41.48 2.77 -27.27
C GLN H 184 -40.84 4.09 -26.86
N LEU H 185 -41.07 5.13 -27.66
CA LEU H 185 -40.52 6.45 -27.35
C LEU H 185 -41.03 6.98 -26.02
N LEU H 186 -42.22 6.55 -25.63
CA LEU H 186 -42.79 6.92 -24.34
C LEU H 186 -42.05 6.24 -23.21
N ASN H 187 -41.60 5.01 -23.44
CA ASN H 187 -40.86 4.26 -22.44
C ASN H 187 -39.49 4.87 -22.12
N HIS H 188 -38.95 5.64 -23.07
CA HIS H 188 -37.67 6.30 -22.85
C HIS H 188 -37.82 7.60 -22.09
N LEU H 189 -38.92 8.32 -22.35
CA LEU H 189 -39.22 9.53 -21.61
C LEU H 189 -39.57 9.20 -20.16
N TYR H 190 -40.30 8.09 -19.99
CA TYR H 190 -40.70 7.63 -18.67
C TYR H 190 -39.49 7.16 -17.86
N ASP H 191 -38.42 6.81 -18.55
CA ASP H 191 -37.20 6.35 -17.88
C ASP H 191 -36.22 7.49 -17.60
N ASP H 192 -36.31 8.56 -18.37
CA ASP H 192 -35.45 9.72 -18.16
C ASP H 192 -36.04 10.61 -17.07
N TYR H 193 -35.42 10.59 -15.90
CA TYR H 193 -35.93 11.29 -14.73
C TYR H 193 -35.85 12.81 -14.84
N ARG H 194 -35.17 13.31 -15.86
CA ARG H 194 -35.10 14.74 -16.10
C ARG H 194 -36.36 15.21 -16.82
N VAL H 195 -37.16 14.26 -17.30
CA VAL H 195 -38.33 14.57 -18.10
C VAL H 195 -39.61 14.67 -17.27
N VAL H 196 -40.17 15.87 -17.21
CA VAL H 196 -41.47 16.09 -16.59
C VAL H 196 -42.29 17.09 -17.42
N THR H 197 -43.08 16.56 -18.35
CA THR H 197 -43.82 17.41 -19.28
C THR H 197 -45.33 17.16 -19.25
N ASP H 198 -46.07 18.09 -19.85
CA ASP H 198 -47.49 17.94 -20.07
C ASP H 198 -47.73 17.73 -21.56
N ARG H 199 -46.65 17.43 -22.28
CA ARG H 199 -46.71 17.27 -23.72
C ARG H 199 -46.57 15.81 -24.13
N THR H 200 -47.21 15.45 -25.25
CA THR H 200 -47.13 14.10 -25.78
C THR H 200 -46.01 13.98 -26.80
N ILE H 201 -45.70 12.76 -27.20
CA ILE H 201 -44.60 12.48 -28.13
C ILE H 201 -44.74 13.27 -29.44
N ASP H 202 -45.97 13.38 -29.94
CA ASP H 202 -46.24 14.08 -31.18
C ASP H 202 -45.81 15.55 -31.12
N SER H 203 -46.16 16.21 -30.01
CA SER H 203 -45.79 17.61 -29.81
C SER H 203 -44.27 17.77 -29.72
N HIS H 204 -43.62 16.89 -28.97
CA HIS H 204 -42.18 16.95 -28.78
C HIS H 204 -41.43 16.74 -30.09
N ILE H 205 -41.81 15.70 -30.83
CA ILE H 205 -41.21 15.42 -32.14
C ILE H 205 -41.44 16.60 -33.09
N LYS H 206 -42.64 17.19 -33.02
CA LYS H 206 -42.95 18.36 -33.83
C LYS H 206 -42.08 19.55 -33.46
N ASN H 207 -41.69 19.63 -32.18
CA ASN H 207 -40.84 20.73 -31.72
C ASN H 207 -39.37 20.52 -32.04
N LEU H 208 -38.91 19.27 -31.85
CA LEU H 208 -37.51 18.93 -32.12
C LEU H 208 -37.16 19.17 -33.58
N ARG H 209 -38.09 18.84 -34.48
CA ARG H 209 -37.91 19.05 -35.90
C ARG H 209 -37.94 20.52 -36.26
N ARG H 210 -38.80 21.28 -35.59
CA ARG H 210 -38.94 22.71 -35.83
C ARG H 210 -37.66 23.45 -35.44
N LYS H 211 -36.98 22.95 -34.42
CA LYS H 211 -35.72 23.54 -33.98
C LYS H 211 -34.58 23.19 -34.92
N LEU H 212 -34.52 21.93 -35.33
CA LEU H 212 -33.47 21.46 -36.23
C LEU H 212 -33.60 22.10 -37.60
N GLU H 213 -34.82 22.13 -38.13
CA GLU H 213 -35.09 22.75 -39.42
C GLU H 213 -34.82 24.25 -39.38
N SER H 214 -34.89 24.84 -38.19
CA SER H 214 -34.59 26.26 -38.01
C SER H 214 -33.12 26.54 -38.27
N LEU H 215 -32.28 25.53 -38.10
CA LEU H 215 -30.85 25.67 -38.35
C LEU H 215 -30.56 25.54 -39.85
N ASP H 216 -30.73 24.34 -40.38
CA ASP H 216 -30.54 24.09 -41.80
C ASP H 216 -31.74 23.38 -42.40
N ALA H 217 -32.54 24.13 -43.15
CA ALA H 217 -33.73 23.58 -43.77
C ALA H 217 -33.40 22.70 -44.96
N GLU H 218 -34.44 22.13 -45.57
CA GLU H 218 -34.34 21.27 -46.75
C GLU H 218 -33.68 19.91 -46.49
N GLN H 219 -33.01 19.78 -45.36
CA GLN H 219 -32.45 18.49 -44.94
C GLN H 219 -33.38 17.88 -43.91
N SER H 220 -34.02 16.77 -44.27
CA SER H 220 -35.01 16.15 -43.41
C SER H 220 -34.38 15.45 -42.20
N PHE H 221 -35.02 15.61 -41.04
CA PHE H 221 -34.50 15.05 -39.80
C PHE H 221 -35.35 13.88 -39.29
N ILE H 222 -36.61 14.15 -38.99
CA ILE H 222 -37.50 13.13 -38.43
C ILE H 222 -38.72 12.88 -39.31
N ARG H 223 -39.07 11.61 -39.49
CA ARG H 223 -40.26 11.23 -40.24
C ARG H 223 -41.23 10.46 -39.36
N ALA H 224 -42.46 10.95 -39.27
CA ALA H 224 -43.47 10.32 -38.43
C ALA H 224 -44.51 9.58 -39.27
N VAL H 225 -44.68 8.29 -39.00
CA VAL H 225 -45.67 7.49 -39.70
C VAL H 225 -46.65 6.88 -38.69
N TYR H 226 -47.88 7.37 -38.70
CA TYR H 226 -48.88 6.98 -37.70
C TYR H 226 -49.13 5.49 -37.64
N GLY H 227 -49.12 4.95 -36.43
CA GLY H 227 -49.39 3.53 -36.22
C GLY H 227 -48.17 2.66 -36.47
N VAL H 228 -47.09 3.27 -36.93
CA VAL H 228 -45.86 2.56 -37.23
C VAL H 228 -44.71 3.04 -36.35
N GLY H 229 -44.44 4.33 -36.38
CA GLY H 229 -43.41 4.90 -35.52
C GLY H 229 -42.63 6.05 -36.13
N TYR H 230 -41.56 6.46 -35.43
CA TYR H 230 -40.73 7.57 -35.85
C TYR H 230 -39.37 7.10 -36.34
N ARG H 231 -38.78 7.84 -37.26
CA ARG H 231 -37.46 7.51 -37.80
C ARG H 231 -36.57 8.72 -37.98
N TRP H 232 -35.29 8.56 -37.66
CA TRP H 232 -34.30 9.60 -37.87
C TRP H 232 -33.72 9.47 -39.28
N GLU H 233 -33.78 10.55 -40.05
CA GLU H 233 -33.36 10.51 -41.45
C GLU H 233 -32.08 11.29 -41.72
N ALA H 234 -31.31 11.56 -40.67
CA ALA H 234 -30.02 12.23 -40.84
C ALA H 234 -28.88 11.32 -40.39
N ASP H 235 -27.71 11.91 -40.19
CA ASP H 235 -26.53 11.17 -39.79
C ASP H 235 -26.60 10.77 -38.33
N ALA H 236 -25.87 9.70 -37.98
CA ALA H 236 -25.81 9.24 -36.60
C ALA H 236 -25.14 10.29 -35.70
N CYS H 237 -25.52 10.30 -34.43
CA CYS H 237 -24.99 11.27 -33.49
C CYS H 237 -23.58 10.92 -33.04
N ARG H 238 -22.75 11.94 -32.84
CA ARG H 238 -21.41 11.76 -32.28
C ARG H 238 -21.48 11.94 -30.77
N ILE H 239 -21.23 10.87 -30.03
CA ILE H 239 -21.36 10.89 -28.57
C ILE H 239 -20.18 11.56 -27.88
N VAL H 240 -20.48 12.53 -27.02
CA VAL H 240 -19.48 13.30 -26.29
C VAL H 240 -18.51 13.99 -27.22
N ASN I 9 -36.85 -35.87 -12.79
CA ASN I 9 -35.70 -35.88 -13.70
C ASN I 9 -34.71 -36.99 -13.32
N THR I 10 -35.13 -38.23 -13.52
CA THR I 10 -34.30 -39.40 -13.23
C THR I 10 -34.15 -40.23 -14.50
N PRO I 11 -33.07 -41.02 -14.59
CA PRO I 11 -32.84 -41.87 -15.76
C PRO I 11 -34.01 -42.79 -16.06
N ARG I 12 -34.53 -42.72 -17.28
CA ARG I 12 -35.64 -43.58 -17.69
C ARG I 12 -35.14 -44.81 -18.43
N ILE I 13 -35.74 -45.96 -18.14
CA ILE I 13 -35.30 -47.23 -18.72
C ILE I 13 -36.43 -47.95 -19.42
N LEU I 14 -36.22 -48.28 -20.69
CA LEU I 14 -37.20 -49.03 -21.46
C LEU I 14 -36.97 -50.54 -21.34
N ILE I 15 -37.90 -51.23 -20.70
CA ILE I 15 -37.83 -52.68 -20.57
C ILE I 15 -38.64 -53.34 -21.68
N VAL I 16 -37.96 -53.98 -22.61
CA VAL I 16 -38.65 -54.73 -23.67
C VAL I 16 -38.81 -56.18 -23.24
N GLU I 17 -39.95 -56.49 -22.65
CA GLU I 17 -40.22 -57.82 -22.11
C GLU I 17 -41.65 -58.26 -22.40
N ASP I 18 -41.81 -59.51 -22.83
CA ASP I 18 -43.13 -60.06 -23.14
C ASP I 18 -43.82 -60.66 -21.92
N GLU I 19 -43.06 -61.41 -21.13
CA GLU I 19 -43.62 -62.07 -19.94
C GLU I 19 -44.00 -61.02 -18.90
N PRO I 20 -45.31 -60.94 -18.59
CA PRO I 20 -45.87 -59.90 -17.71
C PRO I 20 -45.36 -59.94 -16.28
N LYS I 21 -45.20 -61.12 -15.71
CA LYS I 21 -44.72 -61.26 -14.34
C LYS I 21 -43.32 -60.69 -14.18
N LEU I 22 -42.39 -61.17 -15.00
CA LEU I 22 -41.02 -60.69 -14.97
C LEU I 22 -40.95 -59.21 -15.36
N GLY I 23 -41.81 -58.80 -16.29
CA GLY I 23 -41.88 -57.42 -16.72
C GLY I 23 -42.18 -56.49 -15.57
N GLN I 24 -43.17 -56.85 -14.76
CA GLN I 24 -43.53 -56.06 -13.59
C GLN I 24 -42.44 -56.14 -12.53
N LEU I 25 -41.81 -57.30 -12.41
CA LEU I 25 -40.76 -57.52 -11.43
C LEU I 25 -39.57 -56.59 -11.70
N LEU I 26 -39.20 -56.47 -12.97
CA LEU I 26 -38.12 -55.58 -13.38
C LEU I 26 -38.51 -54.13 -13.17
N ILE I 27 -39.80 -53.82 -13.31
CA ILE I 27 -40.31 -52.48 -13.04
C ILE I 27 -40.17 -52.15 -11.56
N ASP I 28 -40.59 -53.10 -10.71
CA ASP I 28 -40.50 -52.94 -9.26
C ASP I 28 -39.06 -52.69 -8.81
N TYR I 29 -38.14 -53.50 -9.32
CA TYR I 29 -36.73 -53.38 -8.95
C TYR I 29 -36.12 -52.06 -9.42
N LEU I 30 -36.41 -51.69 -10.67
CA LEU I 30 -35.82 -50.49 -11.25
C LEU I 30 -36.40 -49.21 -10.68
N ARG I 31 -37.71 -49.20 -10.42
CA ARG I 31 -38.36 -48.03 -9.84
C ARG I 31 -37.86 -47.81 -8.41
N ALA I 32 -37.55 -48.90 -7.72
CA ALA I 32 -37.04 -48.84 -6.37
C ALA I 32 -35.59 -48.33 -6.35
N ALA I 33 -34.93 -48.44 -7.50
CA ALA I 33 -33.56 -47.95 -7.65
C ALA I 33 -33.57 -46.53 -8.19
N SER I 34 -34.68 -45.82 -7.96
CA SER I 34 -34.85 -44.44 -8.40
C SER I 34 -34.69 -44.25 -9.91
N TYR I 35 -35.27 -45.16 -10.68
CA TYR I 35 -35.29 -45.04 -12.13
C TYR I 35 -36.72 -44.88 -12.62
N ALA I 36 -36.89 -44.67 -13.92
CA ALA I 36 -38.22 -44.53 -14.51
C ALA I 36 -38.47 -45.64 -15.53
N PRO I 37 -38.91 -46.81 -15.05
CA PRO I 37 -39.11 -48.00 -15.89
C PRO I 37 -40.32 -47.88 -16.80
N THR I 38 -40.22 -48.44 -18.00
CA THR I 38 -41.34 -48.50 -18.93
C THR I 38 -41.32 -49.84 -19.65
N LEU I 39 -42.46 -50.52 -19.68
CA LEU I 39 -42.54 -51.86 -20.24
C LEU I 39 -43.17 -51.88 -21.63
N ILE I 40 -42.59 -52.67 -22.53
CA ILE I 40 -43.11 -52.80 -23.89
C ILE I 40 -43.23 -54.27 -24.30
N SER I 41 -44.37 -54.61 -24.89
CA SER I 41 -44.65 -55.98 -25.33
C SER I 41 -44.02 -56.31 -26.67
N HIS I 42 -42.74 -55.95 -26.83
CA HIS I 42 -41.98 -56.22 -28.05
C HIS I 42 -42.69 -55.65 -29.28
N GLY I 43 -42.56 -56.33 -30.41
CA GLY I 43 -43.30 -55.98 -31.61
C GLY I 43 -42.91 -54.67 -32.27
N ASP I 44 -43.87 -54.10 -32.99
CA ASP I 44 -43.63 -52.89 -33.77
C ASP I 44 -43.49 -51.66 -32.89
N GLN I 45 -44.12 -51.70 -31.72
CA GLN I 45 -44.21 -50.54 -30.82
C GLN I 45 -42.85 -49.97 -30.39
N VAL I 46 -41.84 -50.83 -30.34
CA VAL I 46 -40.53 -50.46 -29.79
C VAL I 46 -39.85 -49.32 -30.55
N LEU I 47 -39.64 -49.52 -31.84
CA LEU I 47 -38.87 -48.57 -32.67
C LEU I 47 -39.36 -47.10 -32.65
N PRO I 48 -40.67 -46.86 -32.88
CA PRO I 48 -41.10 -45.46 -32.85
C PRO I 48 -41.01 -44.85 -31.46
N TYR I 49 -41.07 -45.70 -30.43
CA TYR I 49 -40.95 -45.23 -29.06
C TYR I 49 -39.53 -44.73 -28.79
N VAL I 50 -38.54 -45.43 -29.34
CA VAL I 50 -37.15 -45.06 -29.16
C VAL I 50 -36.81 -43.77 -29.92
N ARG I 51 -37.49 -43.57 -31.05
CA ARG I 51 -37.29 -42.36 -31.85
C ARG I 51 -37.92 -41.14 -31.19
N GLN I 52 -39.15 -41.30 -30.72
CA GLN I 52 -39.92 -40.19 -30.16
C GLN I 52 -39.62 -39.95 -28.69
N THR I 53 -39.58 -41.04 -27.91
CA THR I 53 -39.27 -40.93 -26.49
C THR I 53 -38.03 -41.77 -26.16
N PRO I 54 -36.84 -41.24 -26.46
CA PRO I 54 -35.60 -41.97 -26.23
C PRO I 54 -35.34 -42.18 -24.75
N PRO I 55 -35.02 -43.43 -24.35
CA PRO I 55 -34.66 -43.74 -22.97
C PRO I 55 -33.18 -43.49 -22.73
N ASP I 56 -32.74 -43.66 -21.49
CA ASP I 56 -31.32 -43.52 -21.18
C ASP I 56 -30.64 -44.89 -21.26
N LEU I 57 -31.45 -45.94 -21.27
CA LEU I 57 -30.95 -47.30 -21.38
C LEU I 57 -32.09 -48.22 -21.83
N ILE I 58 -31.75 -49.24 -22.62
CA ILE I 58 -32.74 -50.20 -23.08
C ILE I 58 -32.44 -51.60 -22.55
N LEU I 59 -33.33 -52.12 -21.71
CA LEU I 59 -33.20 -53.48 -21.21
C LEU I 59 -33.97 -54.41 -22.13
N LEU I 60 -33.24 -55.16 -22.95
CA LEU I 60 -33.87 -55.97 -23.99
C LEU I 60 -33.75 -57.48 -23.73
N ASP I 61 -34.88 -58.16 -23.77
CA ASP I 61 -34.91 -59.61 -23.62
C ASP I 61 -34.83 -60.27 -25.00
N LEU I 62 -33.66 -60.80 -25.32
CA LEU I 62 -33.50 -61.60 -26.53
C LEU I 62 -34.13 -62.95 -26.29
N MET I 63 -35.34 -63.15 -26.81
CA MET I 63 -36.03 -64.43 -26.64
C MET I 63 -35.32 -65.54 -27.42
N LEU I 64 -34.13 -65.92 -26.95
CA LEU I 64 -33.33 -66.96 -27.58
C LEU I 64 -34.00 -68.32 -27.45
N PRO I 65 -33.91 -69.16 -28.50
CA PRO I 65 -33.26 -68.94 -29.80
C PRO I 65 -33.85 -67.80 -30.63
N GLY I 66 -35.16 -67.86 -30.89
CA GLY I 66 -35.90 -66.79 -31.53
C GLY I 66 -35.27 -65.97 -32.65
N THR I 67 -34.21 -65.24 -32.31
CA THR I 67 -33.51 -64.30 -33.21
C THR I 67 -34.32 -63.04 -33.52
N ASP I 68 -35.55 -62.97 -33.02
CA ASP I 68 -36.37 -61.78 -33.20
C ASP I 68 -35.91 -60.67 -32.25
N GLY I 69 -35.26 -61.06 -31.16
CA GLY I 69 -34.70 -60.10 -30.22
C GLY I 69 -33.47 -59.43 -30.80
N LEU I 70 -32.58 -60.24 -31.38
CA LEU I 70 -31.36 -59.74 -31.99
C LEU I 70 -31.66 -58.86 -33.20
N MET I 71 -32.71 -59.20 -33.94
CA MET I 71 -33.11 -58.42 -35.10
C MET I 71 -33.63 -57.05 -34.71
N LEU I 72 -34.42 -57.00 -33.64
CA LEU I 72 -34.88 -55.72 -33.10
C LEU I 72 -33.71 -54.97 -32.48
N ARG I 74 -30.58 -55.10 -33.40
CA ARG I 74 -29.77 -54.56 -34.49
C ARG I 74 -30.45 -53.35 -35.13
N GLU I 75 -31.78 -53.37 -35.14
CA GLU I 75 -32.55 -52.29 -35.75
C GLU I 75 -32.39 -50.99 -34.96
N ILE I 76 -32.49 -51.09 -33.64
CA ILE I 76 -32.36 -49.94 -32.75
C ILE I 76 -30.96 -49.35 -32.85
N ARG I 77 -29.95 -50.21 -32.86
CA ARG I 77 -28.56 -49.79 -32.90
C ARG I 77 -28.21 -49.02 -34.17
N ARG I 78 -29.00 -49.21 -35.21
CA ARG I 78 -28.73 -48.58 -36.51
C ARG I 78 -28.85 -47.05 -36.47
N PHE I 79 -29.81 -46.54 -35.71
CA PHE I 79 -30.04 -45.10 -35.68
C PHE I 79 -29.75 -44.41 -34.34
N SER I 80 -29.45 -45.20 -33.31
CA SER I 80 -29.14 -44.61 -32.00
C SER I 80 -28.02 -45.35 -31.28
N ASP I 81 -27.30 -44.62 -30.43
CA ASP I 81 -26.21 -45.19 -29.65
C ASP I 81 -26.61 -45.37 -28.19
N ILE I 82 -27.92 -45.50 -27.96
CA ILE I 82 -28.44 -45.76 -26.63
C ILE I 82 -27.98 -47.13 -26.15
N PRO I 83 -27.42 -47.20 -24.93
CA PRO I 83 -26.94 -48.47 -24.38
C PRO I 83 -28.04 -49.52 -24.28
N ILE I 84 -27.73 -50.73 -24.72
CA ILE I 84 -28.69 -51.82 -24.70
C ILE I 84 -28.15 -53.00 -23.89
N VAL I 85 -28.89 -53.40 -22.87
CA VAL I 85 -28.54 -54.58 -22.09
C VAL I 85 -29.27 -55.81 -22.64
N MET I 86 -28.52 -56.66 -23.35
CA MET I 86 -29.08 -57.84 -23.98
C MET I 86 -29.20 -59.00 -23.00
N VAL I 87 -30.41 -59.24 -22.51
CA VAL I 87 -30.67 -60.34 -21.58
C VAL I 87 -30.69 -61.67 -22.33
N THR I 88 -29.84 -62.59 -21.91
CA THR I 88 -29.68 -63.88 -22.60
C THR I 88 -30.58 -64.98 -22.04
N ALA I 89 -30.56 -65.17 -20.73
CA ALA I 89 -31.35 -66.23 -20.10
C ALA I 89 -32.52 -65.68 -19.29
N LYS I 90 -33.20 -66.55 -18.57
CA LYS I 90 -34.34 -66.12 -17.75
C LYS I 90 -33.87 -65.58 -16.40
N ILE I 91 -34.21 -64.32 -16.15
CA ILE I 91 -33.85 -63.67 -14.90
C ILE I 91 -34.73 -64.13 -13.76
N GLU I 92 -34.11 -64.66 -12.71
CA GLU I 92 -34.85 -65.15 -11.56
C GLU I 92 -34.27 -64.62 -10.25
N GLU I 93 -35.14 -64.41 -9.27
CA GLU I 93 -34.71 -64.00 -7.94
C GLU I 93 -34.20 -65.21 -7.17
N ILE I 94 -33.32 -64.97 -6.21
CA ILE I 94 -32.90 -66.01 -5.27
C ILE I 94 -33.02 -65.49 -3.84
N ASP I 95 -34.22 -65.60 -3.29
CA ASP I 95 -34.48 -65.12 -1.93
C ASP I 95 -33.86 -66.04 -0.89
N ARG I 96 -33.41 -67.20 -1.33
CA ARG I 96 -32.72 -68.15 -0.48
C ARG I 96 -31.40 -67.56 0.03
N LEU I 97 -30.81 -66.69 -0.79
CA LEU I 97 -29.53 -66.08 -0.47
C LEU I 97 -29.64 -64.94 0.54
N LEU I 98 -30.81 -64.33 0.62
CA LEU I 98 -31.03 -63.21 1.53
C LEU I 98 -30.87 -63.63 2.98
N GLY I 99 -30.05 -62.89 3.72
CA GLY I 99 -29.83 -63.16 5.13
C GLY I 99 -28.69 -64.12 5.38
N LEU I 100 -28.19 -64.73 4.32
CA LEU I 100 -27.09 -65.67 4.43
C LEU I 100 -25.81 -64.96 4.87
N GLU I 101 -25.18 -65.47 5.93
CA GLU I 101 -23.98 -64.87 6.47
C GLU I 101 -22.74 -65.33 5.71
N ILE I 102 -21.98 -64.37 5.19
CA ILE I 102 -20.79 -64.67 4.40
C ILE I 102 -19.52 -64.58 5.23
N GLY I 103 -18.80 -65.69 5.34
CA GLY I 103 -17.55 -65.73 6.08
C GLY I 103 -16.38 -65.28 5.23
N ALA I 104 -15.16 -65.59 5.69
CA ALA I 104 -13.96 -65.21 4.97
C ALA I 104 -13.55 -66.29 3.98
N ASP I 105 -14.23 -67.43 4.04
CA ASP I 105 -13.95 -68.54 3.14
C ASP I 105 -15.20 -68.88 2.33
N ASP I 106 -16.18 -67.98 2.38
CA ASP I 106 -17.43 -68.19 1.66
C ASP I 106 -17.49 -67.27 0.44
N TYR I 107 -17.32 -67.86 -0.75
CA TYR I 107 -17.36 -67.08 -1.98
C TYR I 107 -18.62 -67.40 -2.77
N ILE I 108 -19.49 -66.42 -2.91
CA ILE I 108 -20.76 -66.62 -3.61
C ILE I 108 -20.75 -65.95 -4.98
N LYS I 110 -22.09 -64.33 -8.15
CA LYS I 110 -23.29 -63.52 -8.33
C LYS I 110 -24.36 -64.21 -9.16
N PRO I 111 -25.61 -64.18 -8.69
CA PRO I 111 -26.75 -64.85 -9.32
C PRO I 111 -27.29 -64.07 -10.51
N TYR I 112 -28.26 -64.66 -11.19
CA TYR I 112 -28.90 -64.03 -12.34
C TYR I 112 -30.12 -63.26 -11.84
N SER I 113 -29.94 -62.53 -10.75
CA SER I 113 -31.02 -61.87 -10.04
C SER I 113 -31.42 -60.55 -10.72
N PRO I 114 -32.68 -60.14 -10.56
CA PRO I 114 -33.11 -58.81 -11.00
C PRO I 114 -32.32 -57.73 -10.27
N ARG I 115 -31.85 -58.06 -9.07
CA ARG I 115 -30.98 -57.19 -8.30
C ARG I 115 -29.71 -56.90 -9.08
N GLU I 116 -29.13 -57.95 -9.66
CA GLU I 116 -27.90 -57.81 -10.43
C GLU I 116 -28.14 -57.10 -11.76
N VAL I 117 -29.37 -57.17 -12.26
CA VAL I 117 -29.76 -56.44 -13.45
C VAL I 117 -29.74 -54.95 -13.14
N VAL I 118 -30.33 -54.59 -12.01
CA VAL I 118 -30.29 -53.21 -11.50
C VAL I 118 -28.84 -52.79 -11.28
N ALA I 119 -28.04 -53.72 -10.75
CA ALA I 119 -26.63 -53.46 -10.48
C ALA I 119 -25.84 -53.06 -11.72
N ARG I 120 -25.99 -53.83 -12.80
CA ARG I 120 -25.30 -53.55 -14.05
C ARG I 120 -25.78 -52.25 -14.69
N VAL I 121 -27.07 -51.97 -14.53
CA VAL I 121 -27.65 -50.73 -15.06
C VAL I 121 -27.02 -49.51 -14.38
N LYS I 122 -26.81 -49.60 -13.07
CA LYS I 122 -26.15 -48.55 -12.32
C LYS I 122 -24.74 -48.29 -12.84
N THR I 123 -24.03 -49.37 -13.16
CA THR I 123 -22.67 -49.28 -13.67
C THR I 123 -22.63 -48.55 -15.02
N ILE I 124 -23.56 -48.91 -15.90
CA ILE I 124 -23.62 -48.33 -17.24
C ILE I 124 -23.97 -46.83 -17.18
N LEU I 125 -24.82 -46.47 -16.22
CA LEU I 125 -25.25 -45.08 -16.06
C LEU I 125 -24.45 -44.39 -14.96
N ARG I 126 -23.29 -43.85 -15.32
CA ARG I 126 -22.42 -43.16 -14.37
C ARG I 126 -21.97 -41.82 -14.94
N SER I 141 -3.42 -20.58 -12.50
CA SER I 141 -2.96 -21.62 -11.59
C SER I 141 -2.16 -22.70 -12.32
N PRO I 142 -0.89 -22.40 -12.61
CA PRO I 142 -0.01 -23.31 -13.35
C PRO I 142 0.33 -24.57 -12.57
N LEU I 143 0.52 -24.43 -11.26
CA LEU I 143 0.90 -25.56 -10.41
C LEU I 143 -0.32 -26.28 -9.83
N ILE I 144 -0.37 -27.59 -10.06
CA ILE I 144 -1.42 -28.43 -9.49
C ILE I 144 -0.83 -29.54 -8.67
N ILE I 145 -1.21 -29.62 -7.40
CA ILE I 145 -0.71 -30.68 -6.51
C ILE I 145 -1.84 -31.60 -6.07
N ASP I 146 -1.76 -32.86 -6.50
CA ASP I 146 -2.76 -33.86 -6.15
C ASP I 146 -2.23 -34.73 -5.02
N GLU I 147 -2.62 -34.38 -3.79
CA GLU I 147 -2.08 -35.03 -2.60
C GLU I 147 -2.74 -36.38 -2.32
N GLY I 148 -3.60 -36.81 -3.23
CA GLY I 148 -4.19 -38.13 -3.15
C GLY I 148 -3.26 -39.16 -3.78
N ARG I 149 -2.68 -38.81 -4.91
CA ARG I 149 -1.76 -39.69 -5.62
C ARG I 149 -0.32 -39.25 -5.41
N PHE I 150 -0.15 -38.20 -4.59
CA PHE I 150 1.17 -37.63 -4.29
C PHE I 150 1.92 -37.21 -5.55
N GLN I 151 1.20 -36.61 -6.49
CA GLN I 151 1.79 -36.14 -7.74
C GLN I 151 1.58 -34.64 -7.93
N ALA I 152 2.34 -34.05 -8.84
CA ALA I 152 2.23 -32.62 -9.12
C ALA I 152 2.48 -32.33 -10.60
N SER I 153 2.12 -31.13 -11.04
CA SER I 153 2.31 -30.74 -12.42
C SER I 153 2.50 -29.24 -12.57
N TRP I 154 3.41 -28.84 -13.45
CA TRP I 154 3.60 -27.45 -13.81
C TRP I 154 3.13 -27.22 -15.24
N ARG I 155 2.12 -26.38 -15.40
CA ARG I 155 1.50 -26.13 -16.70
C ARG I 155 0.97 -27.40 -17.34
N GLY I 156 0.48 -28.32 -16.51
CA GLY I 156 -0.04 -29.58 -17.01
C GLY I 156 1.03 -30.63 -17.22
N LYS I 157 2.28 -30.19 -17.29
CA LYS I 157 3.41 -31.09 -17.45
C LYS I 157 3.75 -31.78 -16.14
N MET I 158 3.73 -33.11 -16.15
CA MET I 158 3.97 -33.90 -14.94
C MET I 158 5.39 -33.73 -14.39
N LEU I 159 5.54 -33.92 -13.09
CA LEU I 159 6.84 -33.83 -12.42
C LEU I 159 7.22 -35.14 -11.76
N ASP I 160 8.46 -35.58 -11.98
CA ASP I 160 8.95 -36.81 -11.38
C ASP I 160 9.72 -36.47 -10.11
N LEU I 161 9.01 -36.44 -8.98
CA LEU I 161 9.59 -36.01 -7.71
C LEU I 161 9.76 -37.15 -6.72
N THR I 162 10.66 -36.95 -5.76
CA THR I 162 10.81 -37.85 -4.64
C THR I 162 9.89 -37.33 -3.54
N PRO I 163 9.44 -38.23 -2.63
CA PRO I 163 8.56 -37.86 -1.52
C PRO I 163 9.06 -36.65 -0.72
N ALA I 164 10.37 -36.49 -0.62
CA ALA I 164 10.96 -35.33 0.04
C ALA I 164 10.77 -34.08 -0.83
N GLU I 165 11.08 -34.22 -2.11
CA GLU I 165 10.92 -33.14 -3.07
C GLU I 165 9.45 -32.72 -3.17
N PHE I 166 8.56 -33.69 -3.11
CA PHE I 166 7.12 -33.44 -3.17
C PHE I 166 6.66 -32.68 -1.93
N ARG I 167 7.04 -33.19 -0.76
CA ARG I 167 6.65 -32.59 0.51
C ARG I 167 7.19 -31.16 0.62
N LEU I 168 8.42 -30.96 0.14
CA LEU I 168 9.01 -29.62 0.15
C LEU I 168 8.31 -28.71 -0.84
N LEU I 169 7.82 -29.28 -1.94
CA LEU I 169 7.10 -28.50 -2.94
C LEU I 169 5.78 -27.98 -2.41
N LYS I 170 5.02 -28.85 -1.76
CA LYS I 170 3.71 -28.46 -1.23
C LYS I 170 3.83 -27.52 -0.05
N THR I 171 4.93 -27.64 0.69
CA THR I 171 5.17 -26.79 1.85
C THR I 171 5.46 -25.36 1.42
N LEU I 172 6.32 -25.21 0.42
CA LEU I 172 6.70 -23.89 -0.08
C LEU I 172 5.58 -23.21 -0.86
N SER I 173 4.98 -23.95 -1.79
CA SER I 173 3.99 -23.38 -2.70
C SER I 173 2.64 -23.10 -2.04
N HIS I 174 2.38 -23.72 -0.88
CA HIS I 174 1.12 -23.49 -0.18
C HIS I 174 1.10 -22.09 0.41
N GLU I 175 2.27 -21.63 0.85
CA GLU I 175 2.42 -20.27 1.39
C GLU I 175 3.45 -19.49 0.58
N PRO I 176 3.06 -18.99 -0.60
CA PRO I 176 3.96 -18.25 -1.48
C PRO I 176 4.39 -16.94 -0.84
N GLY I 177 5.69 -16.64 -0.93
CA GLY I 177 6.23 -15.43 -0.33
C GLY I 177 6.74 -15.67 1.07
N LYS I 178 6.21 -16.69 1.73
CA LYS I 178 6.62 -17.03 3.09
C LYS I 178 7.97 -17.74 3.10
N VAL I 179 8.86 -17.29 3.97
CA VAL I 179 10.18 -17.88 4.11
C VAL I 179 10.18 -19.03 5.12
N PHE I 180 10.69 -20.18 4.70
CA PHE I 180 10.81 -21.33 5.58
C PHE I 180 12.27 -21.60 5.91
N SER I 181 12.58 -21.71 7.20
CA SER I 181 13.94 -22.03 7.62
C SER I 181 14.29 -23.46 7.22
N ARG I 182 15.57 -23.78 7.22
CA ARG I 182 16.03 -25.13 6.94
C ARG I 182 15.45 -26.09 7.97
N GLU I 183 15.34 -25.61 9.20
CA GLU I 183 14.84 -26.41 10.31
C GLU I 183 13.32 -26.61 10.19
N GLN I 184 12.62 -25.63 9.63
CA GLN I 184 11.18 -25.73 9.43
C GLN I 184 10.85 -26.73 8.33
N LEU I 185 11.57 -26.66 7.22
CA LEU I 185 11.38 -27.59 6.12
C LEU I 185 11.79 -28.99 6.55
N LEU I 186 12.82 -29.07 7.40
CA LEU I 186 13.26 -30.34 7.97
C LEU I 186 12.16 -30.94 8.83
N ASN I 187 11.42 -30.09 9.52
CA ASN I 187 10.34 -30.53 10.40
C ASN I 187 9.15 -31.10 9.64
N HIS I 188 8.97 -30.65 8.40
CA HIS I 188 7.90 -31.19 7.56
C HIS I 188 8.28 -32.57 7.03
N LEU I 189 9.56 -32.78 6.78
CA LEU I 189 10.05 -34.05 6.28
C LEU I 189 9.99 -35.13 7.36
N TYR I 190 10.15 -34.73 8.61
CA TYR I 190 10.02 -35.64 9.74
C TYR I 190 8.56 -36.06 9.91
N ASP I 191 7.67 -35.07 9.84
CA ASP I 191 6.23 -35.31 10.00
C ASP I 191 5.66 -36.17 8.88
N ASP I 192 6.34 -36.15 7.72
CA ASP I 192 5.85 -36.90 6.58
C ASP I 192 6.44 -38.31 6.55
N TYR I 193 5.71 -39.26 7.13
CA TYR I 193 6.02 -40.66 6.92
C TYR I 193 5.79 -40.89 5.43
N ARG I 194 6.59 -41.78 4.84
CA ARG I 194 6.75 -41.96 3.38
C ARG I 194 7.95 -41.15 2.90
N VAL I 195 8.51 -40.34 3.79
CA VAL I 195 9.73 -39.59 3.49
C VAL I 195 10.90 -40.03 4.36
N VAL I 196 11.87 -40.71 3.76
CA VAL I 196 13.12 -41.05 4.43
C VAL I 196 14.29 -40.53 3.61
N THR I 197 15.10 -39.67 4.22
CA THR I 197 16.06 -38.86 3.49
C THR I 197 17.49 -38.97 4.01
N ASP I 198 18.45 -39.11 3.10
CA ASP I 198 19.86 -39.04 3.45
C ASP I 198 20.47 -37.76 2.89
N ARG I 199 19.72 -37.12 2.00
CA ARG I 199 20.12 -35.84 1.41
C ARG I 199 20.02 -34.73 2.45
N THR I 200 20.52 -33.55 2.08
CA THR I 200 20.35 -32.36 2.92
C THR I 200 19.27 -31.48 2.29
N ILE I 201 18.72 -30.57 3.07
CA ILE I 201 17.65 -29.68 2.59
C ILE I 201 18.13 -28.86 1.38
N ASP I 202 19.40 -28.45 1.43
CA ASP I 202 19.99 -27.69 0.35
C ASP I 202 20.02 -28.49 -0.95
N SER I 203 20.19 -29.80 -0.83
CA SER I 203 20.21 -30.68 -2.00
C SER I 203 18.83 -30.79 -2.65
N HIS I 204 17.80 -30.96 -1.82
CA HIS I 204 16.44 -31.13 -2.29
C HIS I 204 15.92 -29.92 -3.05
N ILE I 205 16.07 -28.74 -2.45
CA ILE I 205 15.63 -27.49 -3.06
C ILE I 205 16.26 -27.30 -4.44
N LYS I 206 17.55 -27.62 -4.53
CA LYS I 206 18.26 -27.55 -5.80
C LYS I 206 17.63 -28.49 -6.82
N ASN I 207 17.40 -29.74 -6.44
CA ASN I 207 16.79 -30.73 -7.32
C ASN I 207 15.37 -30.38 -7.71
N LEU I 208 14.57 -29.92 -6.74
CA LEU I 208 13.19 -29.54 -6.99
C LEU I 208 13.11 -28.38 -7.98
N ARG I 209 14.03 -27.43 -7.84
CA ARG I 209 14.10 -26.30 -8.75
C ARG I 209 14.68 -26.73 -10.09
N ARG I 210 15.63 -27.67 -10.05
CA ARG I 210 16.26 -28.17 -11.27
C ARG I 210 15.24 -28.90 -12.16
N LYS I 211 14.18 -29.41 -11.55
CA LYS I 211 13.14 -30.12 -12.28
C LYS I 211 12.04 -29.15 -12.74
N LEU I 212 11.77 -28.13 -11.93
CA LEU I 212 10.79 -27.11 -12.29
C LEU I 212 11.33 -26.23 -13.41
N GLU I 213 12.61 -25.88 -13.32
CA GLU I 213 13.26 -25.07 -14.35
C GLU I 213 13.41 -25.84 -15.65
N SER I 214 13.33 -27.16 -15.57
CA SER I 214 13.43 -28.01 -16.75
C SER I 214 12.18 -27.88 -17.62
N LEU I 215 11.08 -27.47 -16.99
CA LEU I 215 9.81 -27.36 -17.69
C LEU I 215 9.47 -25.92 -18.08
N ASP I 216 10.18 -24.96 -17.50
CA ASP I 216 9.87 -23.56 -17.73
C ASP I 216 11.11 -22.73 -18.10
N ALA I 217 12.08 -22.70 -17.20
CA ALA I 217 13.32 -21.94 -17.36
C ALA I 217 13.15 -20.41 -17.41
N GLU I 218 11.92 -19.97 -17.67
CA GLU I 218 11.60 -18.54 -17.64
C GLU I 218 11.15 -18.13 -16.26
N GLN I 219 10.54 -19.07 -15.55
CA GLN I 219 9.93 -18.79 -14.25
C GLN I 219 10.95 -18.82 -13.10
N SER I 220 10.70 -17.98 -12.11
CA SER I 220 11.48 -17.99 -10.87
C SER I 220 10.70 -18.77 -9.82
N PHE I 221 11.22 -19.93 -9.44
CA PHE I 221 10.48 -20.83 -8.55
C PHE I 221 10.86 -20.69 -7.08
N ILE I 222 12.01 -21.23 -6.70
CA ILE I 222 12.44 -21.19 -5.31
C ILE I 222 13.64 -20.29 -5.10
N ARG I 223 13.55 -19.43 -4.10
CA ARG I 223 14.65 -18.53 -3.76
C ARG I 223 15.27 -18.96 -2.44
N ALA I 224 16.60 -18.96 -2.39
CA ALA I 224 17.31 -19.45 -1.21
C ALA I 224 18.27 -18.42 -0.63
N VAL I 225 17.98 -17.96 0.58
CA VAL I 225 18.87 -17.07 1.31
C VAL I 225 19.60 -17.86 2.38
N TYR I 226 20.92 -17.95 2.26
CA TYR I 226 21.73 -18.76 3.16
C TYR I 226 21.65 -18.27 4.60
N GLY I 227 21.37 -19.20 5.51
CA GLY I 227 21.26 -18.87 6.92
C GLY I 227 19.89 -18.36 7.32
N VAL I 228 19.11 -17.95 6.32
CA VAL I 228 17.76 -17.46 6.55
C VAL I 228 16.72 -18.55 6.24
N GLY I 229 16.51 -18.81 4.95
CA GLY I 229 15.57 -19.84 4.55
C GLY I 229 15.25 -19.87 3.07
N TYR I 230 14.13 -20.52 2.75
CA TYR I 230 13.70 -20.69 1.36
C TYR I 230 12.34 -20.05 1.14
N ARG I 231 12.07 -19.63 -0.08
CA ARG I 231 10.85 -18.89 -0.39
C ARG I 231 10.30 -19.19 -1.78
N TRP I 232 9.04 -19.61 -1.83
CA TRP I 232 8.38 -19.90 -3.10
C TRP I 232 8.01 -18.61 -3.81
N GLU I 233 8.56 -18.42 -5.01
CA GLU I 233 8.38 -17.17 -5.75
C GLU I 233 7.42 -17.29 -6.94
N ALA I 234 6.88 -18.48 -7.15
CA ALA I 234 5.91 -18.67 -8.21
C ALA I 234 4.48 -18.55 -7.69
N ASP I 235 3.52 -18.93 -8.51
CA ASP I 235 2.11 -18.86 -8.13
C ASP I 235 1.79 -19.88 -7.04
N ALA I 236 0.66 -19.70 -6.37
CA ALA I 236 0.22 -20.64 -5.34
C ALA I 236 -0.23 -21.95 -5.97
N CYS I 237 0.06 -23.06 -5.30
CA CYS I 237 -0.32 -24.37 -5.80
C CYS I 237 -1.83 -24.58 -5.65
N ARG I 238 -2.45 -25.14 -6.69
CA ARG I 238 -3.85 -25.54 -6.61
C ARG I 238 -3.91 -26.99 -6.20
N ILE I 239 -4.65 -27.28 -5.14
CA ILE I 239 -4.68 -28.63 -4.57
C ILE I 239 -5.98 -29.36 -4.90
N VAL I 240 -5.83 -30.54 -5.48
CA VAL I 240 -6.98 -31.36 -5.87
C VAL I 240 -7.05 -32.63 -5.04
N ASN J 9 1.41 -83.54 -6.35
CA ASN J 9 0.92 -82.64 -5.32
C ASN J 9 0.24 -81.41 -5.91
N THR J 10 -1.03 -81.54 -6.24
CA THR J 10 -1.81 -80.45 -6.83
C THR J 10 -3.10 -80.24 -6.04
N PRO J 11 -3.64 -79.00 -6.07
CA PRO J 11 -4.87 -78.67 -5.35
C PRO J 11 -6.05 -79.58 -5.68
N ARG J 12 -6.64 -80.17 -4.65
CA ARG J 12 -7.82 -81.02 -4.83
C ARG J 12 -9.10 -80.19 -4.69
N ILE J 13 -9.98 -80.31 -5.68
CA ILE J 13 -11.21 -79.55 -5.69
C ILE J 13 -12.44 -80.46 -5.77
N LEU J 14 -13.35 -80.31 -4.81
CA LEU J 14 -14.59 -81.08 -4.80
C LEU J 14 -15.68 -80.33 -5.56
N ILE J 15 -16.25 -80.99 -6.55
CA ILE J 15 -17.37 -80.42 -7.31
C ILE J 15 -18.67 -81.09 -6.90
N VAL J 16 -19.62 -80.29 -6.42
CA VAL J 16 -20.93 -80.80 -6.06
C VAL J 16 -21.96 -80.35 -7.10
N GLU J 17 -22.19 -81.18 -8.10
CA GLU J 17 -23.11 -80.87 -9.18
C GLU J 17 -23.95 -82.08 -9.54
N ASP J 18 -25.26 -81.88 -9.66
CA ASP J 18 -26.17 -82.98 -9.96
C ASP J 18 -26.31 -83.21 -11.46
N GLU J 19 -26.17 -82.14 -12.24
CA GLU J 19 -26.28 -82.22 -13.68
C GLU J 19 -25.00 -82.81 -14.28
N PRO J 20 -25.12 -83.95 -14.97
CA PRO J 20 -23.98 -84.73 -15.49
C PRO J 20 -23.13 -83.98 -16.52
N LYS J 21 -23.77 -83.34 -17.49
CA LYS J 21 -23.04 -82.63 -18.55
C LYS J 21 -22.17 -81.51 -17.98
N LEU J 22 -22.79 -80.62 -17.21
CA LEU J 22 -22.06 -79.53 -16.57
C LEU J 22 -21.03 -80.06 -15.59
N GLY J 23 -21.37 -81.17 -14.93
CA GLY J 23 -20.47 -81.80 -13.99
C GLY J 23 -19.19 -82.26 -14.66
N GLN J 24 -19.32 -83.06 -15.71
CA GLN J 24 -18.19 -83.55 -16.48
C GLN J 24 -17.43 -82.38 -17.11
N LEU J 25 -18.17 -81.34 -17.47
CA LEU J 25 -17.58 -80.15 -18.08
C LEU J 25 -16.66 -79.43 -17.09
N LEU J 26 -17.11 -79.30 -15.86
CA LEU J 26 -16.32 -78.67 -14.81
C LEU J 26 -15.07 -79.48 -14.48
N ILE J 27 -15.20 -80.80 -14.58
CA ILE J 27 -14.08 -81.71 -14.36
C ILE J 27 -12.97 -81.46 -15.39
N ASP J 28 -13.37 -81.40 -16.65
CA ASP J 28 -12.43 -81.20 -17.75
C ASP J 28 -11.70 -79.88 -17.65
N TYR J 29 -12.45 -78.80 -17.43
CA TYR J 29 -11.87 -77.46 -17.32
C TYR J 29 -10.91 -77.35 -16.15
N LEU J 30 -11.30 -77.90 -15.01
CA LEU J 30 -10.48 -77.82 -13.80
C LEU J 30 -9.22 -78.67 -13.90
N ARG J 31 -9.34 -79.86 -14.49
CA ARG J 31 -8.19 -80.74 -14.66
C ARG J 31 -7.19 -80.11 -15.62
N ALA J 32 -7.71 -79.38 -16.61
CA ALA J 32 -6.88 -78.68 -17.59
C ALA J 32 -6.10 -77.55 -16.92
N ALA J 33 -6.63 -77.05 -15.81
CA ALA J 33 -5.98 -75.98 -15.06
C ALA J 33 -5.03 -76.54 -14.02
N SER J 34 -4.58 -77.77 -14.24
CA SER J 34 -3.64 -78.45 -13.35
C SER J 34 -4.18 -78.63 -11.92
N TYR J 35 -5.46 -78.98 -11.82
CA TYR J 35 -6.08 -79.25 -10.53
C TYR J 35 -6.48 -80.71 -10.42
N ALA J 36 -6.98 -81.10 -9.25
CA ALA J 36 -7.42 -82.47 -9.01
C ALA J 36 -8.92 -82.51 -8.69
N PRO J 37 -9.76 -82.57 -9.74
CA PRO J 37 -11.22 -82.50 -9.60
C PRO J 37 -11.85 -83.82 -9.13
N THR J 38 -12.87 -83.71 -8.29
CA THR J 38 -13.65 -84.87 -7.86
C THR J 38 -15.13 -84.49 -7.87
N LEU J 39 -15.95 -85.30 -8.54
CA LEU J 39 -17.35 -84.96 -8.71
C LEU J 39 -18.27 -85.80 -7.82
N ILE J 40 -19.17 -85.11 -7.11
CA ILE J 40 -20.20 -85.76 -6.31
C ILE J 40 -21.57 -85.27 -6.75
N SER J 41 -22.50 -86.19 -6.97
CA SER J 41 -23.81 -85.85 -7.51
C SER J 41 -24.90 -85.77 -6.44
N HIS J 42 -24.64 -86.36 -5.28
CA HIS J 42 -25.65 -86.43 -4.22
C HIS J 42 -25.25 -85.69 -2.94
N GLY J 43 -26.23 -85.10 -2.28
CA GLY J 43 -25.97 -84.28 -1.10
C GLY J 43 -25.62 -85.05 0.16
N ASP J 44 -26.00 -86.33 0.20
CA ASP J 44 -25.69 -87.16 1.36
C ASP J 44 -24.26 -87.70 1.29
N GLN J 45 -23.65 -87.59 0.13
CA GLN J 45 -22.29 -88.10 -0.09
C GLN J 45 -21.19 -87.10 0.27
N VAL J 46 -21.48 -85.82 0.07
CA VAL J 46 -20.45 -84.77 0.22
C VAL J 46 -19.94 -84.62 1.66
N LEU J 47 -20.85 -84.52 2.61
CA LEU J 47 -20.46 -84.31 4.02
C LEU J 47 -19.46 -85.34 4.57
N PRO J 48 -19.72 -86.65 4.41
CA PRO J 48 -18.70 -87.59 4.89
C PRO J 48 -17.43 -87.56 4.05
N TYR J 49 -17.54 -87.08 2.81
CA TYR J 49 -16.37 -86.97 1.94
C TYR J 49 -15.47 -85.81 2.37
N VAL J 50 -16.09 -84.71 2.78
CA VAL J 50 -15.35 -83.54 3.25
C VAL J 50 -14.53 -83.90 4.50
N ARG J 51 -15.08 -84.80 5.31
CA ARG J 51 -14.38 -85.28 6.49
C ARG J 51 -13.22 -86.17 6.10
N GLN J 52 -13.54 -87.36 5.58
CA GLN J 52 -12.54 -88.37 5.26
C GLN J 52 -11.50 -87.91 4.24
N THR J 53 -11.96 -87.31 3.15
CA THR J 53 -11.05 -86.81 2.13
C THR J 53 -11.27 -85.32 1.87
N PRO J 54 -10.74 -84.47 2.76
CA PRO J 54 -10.94 -83.02 2.67
C PRO J 54 -10.28 -82.42 1.44
N PRO J 55 -11.02 -81.61 0.68
CA PRO J 55 -10.48 -80.93 -0.50
C PRO J 55 -9.89 -79.58 -0.13
N ASP J 56 -9.23 -78.93 -1.10
CA ASP J 56 -8.67 -77.61 -0.86
C ASP J 56 -9.70 -76.52 -1.13
N LEU J 57 -10.71 -76.86 -1.93
CA LEU J 57 -11.79 -75.94 -2.23
C LEU J 57 -13.04 -76.73 -2.64
N ILE J 58 -14.20 -76.23 -2.23
CA ILE J 58 -15.45 -76.89 -2.55
C ILE J 58 -16.30 -76.07 -3.53
N LEU J 59 -16.46 -76.59 -4.74
CA LEU J 59 -17.31 -75.95 -5.73
C LEU J 59 -18.73 -76.47 -5.56
N LEU J 60 -19.60 -75.66 -4.96
CA LEU J 60 -20.93 -76.10 -4.57
C LEU J 60 -22.04 -75.38 -5.32
N ASP J 61 -22.76 -76.12 -6.17
CA ASP J 61 -23.90 -75.57 -6.90
C ASP J 61 -25.06 -75.35 -5.94
N LEU J 62 -25.57 -74.12 -5.90
CA LEU J 62 -26.61 -73.73 -4.97
C LEU J 62 -27.93 -74.48 -5.21
N MET J 63 -28.17 -74.84 -6.47
CA MET J 63 -29.43 -75.47 -6.84
C MET J 63 -29.28 -76.93 -7.27
N LEU J 64 -29.39 -77.82 -6.29
CA LEU J 64 -29.42 -79.26 -6.56
C LEU J 64 -30.52 -79.91 -5.73
N PRO J 65 -31.33 -80.78 -6.36
CA PRO J 65 -32.51 -81.39 -5.71
C PRO J 65 -32.17 -82.29 -4.53
N GLY J 66 -33.18 -82.70 -3.78
CA GLY J 66 -32.99 -83.53 -2.60
C GLY J 66 -32.74 -82.69 -1.36
N THR J 67 -31.62 -81.97 -1.37
CA THR J 67 -31.27 -81.08 -0.26
C THR J 67 -30.62 -79.81 -0.81
N ASP J 68 -31.13 -78.66 -0.37
CA ASP J 68 -30.60 -77.38 -0.83
C ASP J 68 -29.16 -77.19 -0.38
N GLY J 69 -28.36 -76.51 -1.20
CA GLY J 69 -26.95 -76.35 -0.94
C GLY J 69 -26.61 -75.45 0.24
N LEU J 70 -27.57 -74.65 0.68
CA LEU J 70 -27.33 -73.71 1.78
C LEU J 70 -27.31 -74.40 3.14
N MET J 71 -28.25 -75.31 3.36
CA MET J 71 -28.25 -76.13 4.57
C MET J 71 -27.11 -77.13 4.50
N LEU J 72 -26.66 -77.40 3.27
CA LEU J 72 -25.53 -78.28 3.05
C LEU J 72 -24.22 -77.55 3.36
N ARG J 74 -23.92 -74.76 5.28
CA ARG J 74 -23.92 -74.42 6.71
C ARG J 74 -23.40 -75.59 7.54
N GLU J 75 -23.60 -76.80 7.02
CA GLU J 75 -23.16 -78.01 7.69
C GLU J 75 -21.65 -78.19 7.58
N ILE J 76 -21.13 -78.03 6.38
CA ILE J 76 -19.70 -78.14 6.13
C ILE J 76 -18.94 -77.08 6.90
N ARG J 77 -19.48 -75.86 6.89
CA ARG J 77 -18.86 -74.71 7.55
C ARG J 77 -18.76 -74.89 9.06
N ARG J 78 -19.49 -75.87 9.59
CA ARG J 78 -19.53 -76.11 11.02
C ARG J 78 -18.28 -76.80 11.56
N PHE J 79 -17.66 -77.65 10.74
CA PHE J 79 -16.46 -78.38 11.18
C PHE J 79 -15.23 -78.20 10.28
N SER J 80 -15.29 -77.24 9.36
CA SER J 80 -14.14 -76.94 8.50
C SER J 80 -14.22 -75.54 7.90
N ASP J 81 -13.05 -74.93 7.70
CA ASP J 81 -12.97 -73.60 7.11
C ASP J 81 -12.54 -73.67 5.65
N ILE J 82 -12.87 -74.78 4.99
CA ILE J 82 -12.54 -74.96 3.58
C ILE J 82 -13.34 -74.00 2.72
N PRO J 83 -12.65 -73.23 1.86
CA PRO J 83 -13.29 -72.25 0.99
C PRO J 83 -14.33 -72.87 0.06
N ILE J 84 -15.57 -72.40 0.17
CA ILE J 84 -16.67 -72.91 -0.63
C ILE J 84 -17.16 -71.87 -1.64
N VAL J 85 -17.26 -72.28 -2.90
CA VAL J 85 -17.73 -71.38 -3.95
C VAL J 85 -19.19 -71.65 -4.32
N MET J 86 -20.07 -70.72 -3.93
CA MET J 86 -21.48 -70.85 -4.23
C MET J 86 -21.73 -70.58 -5.71
N VAL J 87 -22.57 -71.41 -6.33
CA VAL J 87 -22.72 -71.43 -7.78
C VAL J 87 -24.20 -71.37 -8.18
N THR J 88 -24.50 -70.69 -9.29
CA THR J 88 -25.90 -70.56 -9.72
C THR J 88 -26.13 -70.68 -11.24
N ALA J 89 -26.60 -71.85 -11.67
CA ALA J 89 -27.07 -72.07 -13.04
C ALA J 89 -26.11 -71.61 -14.12
N LYS J 90 -25.06 -72.41 -14.38
CA LYS J 90 -24.04 -72.03 -15.35
C LYS J 90 -24.18 -72.71 -16.71
N ILE J 91 -24.28 -71.87 -17.74
CA ILE J 91 -24.24 -72.33 -19.13
C ILE J 91 -23.45 -71.34 -19.98
N GLU J 92 -23.35 -71.61 -21.27
CA GLU J 92 -22.66 -70.71 -22.19
C GLU J 92 -23.38 -70.65 -23.53
N GLU J 93 -23.84 -69.46 -23.91
CA GLU J 93 -24.54 -69.33 -25.18
C GLU J 93 -23.59 -69.11 -26.37
N ILE J 94 -23.29 -70.21 -27.05
CA ILE J 94 -22.50 -70.17 -28.26
C ILE J 94 -23.47 -70.32 -29.44
N ASP J 95 -22.97 -70.11 -30.65
CA ASP J 95 -23.79 -70.17 -31.87
C ASP J 95 -24.87 -69.08 -31.94
N ARG J 96 -25.59 -68.88 -30.84
CA ARG J 96 -26.62 -67.84 -30.76
C ARG J 96 -26.01 -66.44 -30.86
N LEU J 97 -24.87 -66.25 -30.22
CA LEU J 97 -24.22 -64.94 -30.20
C LEU J 97 -22.82 -64.97 -30.81
N LEU J 98 -22.40 -66.14 -31.30
CA LEU J 98 -21.09 -66.26 -31.92
C LEU J 98 -20.98 -65.39 -33.17
N GLY J 99 -19.93 -64.57 -33.21
CA GLY J 99 -19.70 -63.70 -34.35
C GLY J 99 -20.31 -62.33 -34.17
N LEU J 100 -21.18 -62.17 -33.18
CA LEU J 100 -21.81 -60.88 -32.92
C LEU J 100 -20.77 -59.84 -32.50
N GLU J 101 -20.82 -58.67 -33.12
CA GLU J 101 -19.91 -57.59 -32.77
C GLU J 101 -20.42 -56.84 -31.54
N ILE J 102 -19.63 -56.88 -30.47
CA ILE J 102 -20.02 -56.24 -29.22
C ILE J 102 -19.44 -54.83 -29.13
N GLY J 103 -20.29 -53.84 -29.37
CA GLY J 103 -19.87 -52.45 -29.33
C GLY J 103 -19.64 -51.96 -27.91
N ALA J 104 -19.27 -50.69 -27.79
CA ALA J 104 -19.04 -50.08 -26.50
C ALA J 104 -20.37 -49.78 -25.80
N ASP J 105 -21.45 -49.84 -26.56
CA ASP J 105 -22.78 -49.61 -26.02
C ASP J 105 -23.61 -50.89 -26.06
N ASP J 106 -22.95 -52.01 -26.32
CA ASP J 106 -23.60 -53.31 -26.32
C ASP J 106 -23.18 -54.12 -25.11
N TYR J 107 -24.10 -54.33 -24.19
CA TYR J 107 -23.81 -55.05 -22.95
C TYR J 107 -24.58 -56.37 -22.87
N ILE J 108 -23.85 -57.47 -22.80
CA ILE J 108 -24.48 -58.79 -22.74
C ILE J 108 -24.76 -59.25 -21.31
N LYS J 110 -25.74 -62.27 -19.25
CA LYS J 110 -25.77 -63.73 -19.35
C LYS J 110 -25.30 -64.36 -18.04
N PRO J 111 -25.76 -65.58 -17.74
CA PRO J 111 -25.30 -66.28 -16.54
C PRO J 111 -23.82 -66.64 -16.65
N TYR J 112 -23.19 -66.90 -15.52
CA TYR J 112 -21.80 -67.35 -15.49
C TYR J 112 -21.62 -68.57 -16.38
N SER J 113 -20.44 -68.68 -17.00
CA SER J 113 -20.11 -69.86 -17.80
C SER J 113 -19.16 -70.73 -16.99
N PRO J 114 -19.09 -72.03 -17.32
CA PRO J 114 -18.15 -72.94 -16.64
C PRO J 114 -16.70 -72.51 -16.81
N ARG J 115 -16.41 -71.72 -17.84
CA ARG J 115 -15.08 -71.15 -18.01
C ARG J 115 -14.82 -70.08 -16.97
N GLU J 116 -15.87 -69.34 -16.60
CA GLU J 116 -15.74 -68.22 -15.68
C GLU J 116 -15.54 -68.65 -14.23
N VAL J 117 -16.18 -69.74 -13.83
CA VAL J 117 -16.03 -70.24 -12.46
C VAL J 117 -14.64 -70.80 -12.23
N VAL J 118 -14.10 -71.51 -13.23
CA VAL J 118 -12.74 -72.03 -13.15
C VAL J 118 -11.76 -70.87 -13.04
N ALA J 119 -12.09 -69.78 -13.71
CA ALA J 119 -11.30 -68.56 -13.62
C ALA J 119 -11.36 -68.00 -12.20
N ARG J 120 -12.55 -67.95 -11.62
CA ARG J 120 -12.72 -67.45 -10.27
C ARG J 120 -12.09 -68.38 -9.24
N VAL J 121 -12.11 -69.68 -9.52
CA VAL J 121 -11.48 -70.67 -8.65
C VAL J 121 -9.96 -70.43 -8.59
N LYS J 122 -9.36 -70.21 -9.75
CA LYS J 122 -7.92 -69.95 -9.84
C LYS J 122 -7.50 -68.75 -8.99
N THR J 123 -8.33 -67.71 -8.98
CA THR J 123 -8.05 -66.50 -8.23
C THR J 123 -7.99 -66.80 -6.73
N ILE J 124 -8.89 -67.67 -6.27
CA ILE J 124 -8.94 -68.05 -4.86
C ILE J 124 -7.72 -68.90 -4.49
N LEU J 125 -7.15 -69.57 -5.49
CA LEU J 125 -5.97 -70.39 -5.27
C LEU J 125 -4.72 -69.74 -5.86
N PRO J 142 21.13 -70.23 -6.61
CA PRO J 142 20.04 -70.00 -5.65
C PRO J 142 19.37 -68.65 -5.89
N LEU J 143 20.12 -67.71 -6.47
CA LEU J 143 19.60 -66.38 -6.77
C LEU J 143 19.03 -66.32 -8.18
N ILE J 144 17.77 -65.92 -8.29
CA ILE J 144 17.10 -65.81 -9.58
C ILE J 144 16.58 -64.40 -9.81
N ILE J 145 17.01 -63.78 -10.91
CA ILE J 145 16.56 -62.43 -11.24
C ILE J 145 15.84 -62.38 -12.59
N ASP J 146 14.54 -62.14 -12.55
CA ASP J 146 13.75 -61.97 -13.76
C ASP J 146 13.71 -60.49 -14.14
N GLU J 147 14.63 -60.09 -15.03
CA GLU J 147 14.76 -58.68 -15.41
C GLU J 147 13.58 -58.20 -16.27
N GLY J 148 12.70 -59.12 -16.64
CA GLY J 148 11.51 -58.77 -17.39
C GLY J 148 10.50 -58.05 -16.53
N ARG J 149 10.26 -58.58 -15.33
CA ARG J 149 9.30 -57.97 -14.40
C ARG J 149 10.04 -57.36 -13.20
N PHE J 150 11.36 -57.27 -13.31
CA PHE J 150 12.20 -56.69 -12.27
C PHE J 150 12.02 -57.37 -10.91
N GLN J 151 11.84 -58.69 -10.93
CA GLN J 151 11.65 -59.45 -9.71
C GLN J 151 12.89 -60.28 -9.38
N ALA J 152 13.13 -60.49 -8.09
CA ALA J 152 14.29 -61.27 -7.65
C ALA J 152 13.90 -62.23 -6.53
N SER J 153 14.51 -63.41 -6.55
CA SER J 153 14.27 -64.42 -5.54
C SER J 153 15.56 -65.14 -5.17
N TRP J 154 15.76 -65.36 -3.88
CA TRP J 154 16.91 -66.12 -3.42
C TRP J 154 16.43 -67.39 -2.72
N ARG J 155 16.85 -68.54 -3.25
CA ARG J 155 16.38 -69.84 -2.80
C ARG J 155 14.87 -70.01 -2.94
N GLY J 156 14.32 -69.46 -4.02
CA GLY J 156 12.91 -69.63 -4.31
C GLY J 156 12.01 -68.57 -3.68
N LYS J 157 12.42 -68.07 -2.51
CA LYS J 157 11.65 -67.05 -1.82
C LYS J 157 11.81 -65.69 -2.49
N MET J 158 10.69 -65.07 -2.82
CA MET J 158 10.70 -63.77 -3.50
C MET J 158 11.25 -62.65 -2.63
N LEU J 159 11.74 -61.60 -3.27
CA LEU J 159 12.32 -60.46 -2.56
C LEU J 159 11.54 -59.18 -2.84
N ASP J 160 11.22 -58.44 -1.77
CA ASP J 160 10.55 -57.16 -1.91
C ASP J 160 11.60 -56.05 -2.06
N LEU J 161 11.95 -55.73 -3.29
CA LEU J 161 13.01 -54.76 -3.55
C LEU J 161 12.50 -53.48 -4.21
N THR J 162 13.12 -52.37 -3.83
CA THR J 162 12.85 -51.08 -4.48
C THR J 162 13.71 -51.02 -5.74
N PRO J 163 13.30 -50.20 -6.73
CA PRO J 163 14.03 -50.08 -8.00
C PRO J 163 15.53 -49.81 -7.83
N ALA J 164 15.91 -49.16 -6.73
CA ALA J 164 17.32 -48.90 -6.45
C ALA J 164 17.99 -50.14 -5.86
N GLU J 165 17.31 -50.80 -4.92
CA GLU J 165 17.83 -52.02 -4.31
C GLU J 165 17.98 -53.12 -5.34
N PHE J 166 17.04 -53.20 -6.27
CA PHE J 166 17.05 -54.20 -7.33
C PHE J 166 18.21 -53.99 -8.29
N ARG J 167 18.39 -52.74 -8.73
CA ARG J 167 19.44 -52.39 -9.68
C ARG J 167 20.83 -52.70 -9.12
N LEU J 168 21.01 -52.44 -7.83
CA LEU J 168 22.27 -52.77 -7.17
C LEU J 168 22.51 -54.27 -7.15
N LEU J 169 21.45 -55.02 -6.86
CA LEU J 169 21.53 -56.47 -6.78
C LEU J 169 21.92 -57.08 -8.12
N LYS J 170 21.28 -56.62 -9.19
CA LYS J 170 21.61 -57.12 -10.53
C LYS J 170 23.02 -56.70 -10.95
N THR J 171 23.43 -55.50 -10.53
CA THR J 171 24.76 -55.00 -10.85
C THR J 171 25.84 -55.79 -10.12
N LEU J 172 25.66 -55.96 -8.81
CA LEU J 172 26.65 -56.66 -7.99
C LEU J 172 26.73 -58.15 -8.28
N SER J 173 25.57 -58.80 -8.45
CA SER J 173 25.52 -60.25 -8.55
C SER J 173 25.80 -60.80 -9.95
N HIS J 174 25.75 -59.93 -10.96
CA HIS J 174 26.05 -60.35 -12.32
C HIS J 174 27.52 -60.72 -12.42
N GLU J 175 28.35 -60.01 -11.66
CA GLU J 175 29.78 -60.27 -11.62
C GLU J 175 30.24 -60.40 -10.17
N PRO J 176 30.05 -61.60 -9.58
CA PRO J 176 30.42 -61.83 -8.19
C PRO J 176 31.93 -61.73 -7.98
N GLY J 177 32.33 -61.08 -6.89
CA GLY J 177 33.73 -60.96 -6.56
C GLY J 177 34.39 -59.72 -7.13
N LYS J 178 33.73 -59.09 -8.10
CA LYS J 178 34.24 -57.85 -8.66
C LYS J 178 33.83 -56.67 -7.78
N VAL J 179 34.79 -55.78 -7.52
CA VAL J 179 34.56 -54.65 -6.64
C VAL J 179 34.00 -53.45 -7.39
N PHE J 180 32.88 -52.93 -6.92
CA PHE J 180 32.29 -51.71 -7.47
C PHE J 180 32.40 -50.58 -6.45
N SER J 181 33.05 -49.49 -6.83
CA SER J 181 33.11 -48.31 -5.97
C SER J 181 31.72 -47.72 -5.83
N ARG J 182 31.52 -46.87 -4.84
CA ARG J 182 30.24 -46.20 -4.66
C ARG J 182 30.00 -45.23 -5.82
N GLU J 183 31.10 -44.73 -6.40
CA GLU J 183 31.03 -43.87 -7.56
C GLU J 183 30.43 -44.62 -8.75
N GLN J 184 30.79 -45.89 -8.88
CA GLN J 184 30.31 -46.71 -9.99
C GLN J 184 28.86 -47.13 -9.80
N LEU J 185 28.52 -47.57 -8.59
CA LEU J 185 27.16 -48.00 -8.28
C LEU J 185 26.18 -46.83 -8.44
N LEU J 186 26.66 -45.62 -8.23
CA LEU J 186 25.85 -44.43 -8.41
C LEU J 186 25.57 -44.18 -9.89
N ASN J 187 26.54 -44.51 -10.73
CA ASN J 187 26.39 -44.37 -12.17
C ASN J 187 25.29 -45.28 -12.74
N HIS J 188 25.12 -46.44 -12.12
CA HIS J 188 24.10 -47.39 -12.54
C HIS J 188 22.70 -46.90 -12.15
N LEU J 189 22.55 -46.46 -10.90
CA LEU J 189 21.28 -45.94 -10.41
C LEU J 189 20.84 -44.72 -11.21
N TYR J 190 21.81 -43.91 -11.61
CA TYR J 190 21.53 -42.72 -12.41
C TYR J 190 21.03 -43.10 -13.80
N ASP J 191 21.46 -44.26 -14.29
CA ASP J 191 21.05 -44.73 -15.61
C ASP J 191 19.74 -45.51 -15.57
N ASP J 192 19.39 -45.99 -14.38
CA ASP J 192 18.14 -46.74 -14.20
C ASP J 192 17.01 -45.75 -13.97
N TYR J 193 16.20 -45.52 -15.00
CA TYR J 193 15.13 -44.53 -14.96
C TYR J 193 14.00 -44.90 -13.99
N ARG J 194 14.01 -46.15 -13.53
CA ARG J 194 13.05 -46.57 -12.51
C ARG J 194 13.43 -46.03 -11.14
N VAL J 195 14.63 -45.50 -11.02
CA VAL J 195 15.18 -45.10 -9.73
C VAL J 195 15.02 -43.61 -9.44
N VAL J 196 14.28 -43.30 -8.38
CA VAL J 196 14.16 -41.95 -7.86
C VAL J 196 14.16 -41.99 -6.33
N THR J 197 15.30 -41.66 -5.73
CA THR J 197 15.48 -41.87 -4.30
C THR J 197 15.99 -40.66 -3.53
N ASP J 198 15.84 -40.74 -2.20
CA ASP J 198 16.41 -39.75 -1.28
C ASP J 198 17.48 -40.46 -0.47
N ARG J 199 17.74 -41.72 -0.82
CA ARG J 199 18.72 -42.53 -0.11
C ARG J 199 20.04 -42.61 -0.87
N THR J 200 21.14 -42.68 -0.12
CA THR J 200 22.46 -42.82 -0.71
C THR J 200 22.77 -44.28 -1.03
N ILE J 201 23.94 -44.53 -1.63
CA ILE J 201 24.35 -45.88 -1.98
C ILE J 201 24.51 -46.75 -0.74
N ASP J 202 25.13 -46.18 0.29
CA ASP J 202 25.39 -46.90 1.53
C ASP J 202 24.10 -47.38 2.19
N SER J 203 23.06 -46.56 2.11
CA SER J 203 21.77 -46.92 2.69
C SER J 203 21.14 -48.10 1.94
N HIS J 204 21.08 -48.00 0.62
CA HIS J 204 20.50 -49.04 -0.22
C HIS J 204 21.19 -50.39 -0.02
N ILE J 205 22.52 -50.38 0.01
CA ILE J 205 23.30 -51.58 0.24
C ILE J 205 22.98 -52.17 1.62
N LYS J 206 22.90 -51.31 2.62
CA LYS J 206 22.56 -51.73 3.97
C LYS J 206 21.17 -52.38 4.03
N ASN J 207 20.26 -51.89 3.21
CA ASN J 207 18.90 -52.44 3.18
C ASN J 207 18.81 -53.73 2.38
N LEU J 208 19.48 -53.76 1.23
CA LEU J 208 19.49 -54.93 0.36
C LEU J 208 20.06 -56.14 1.09
N ARG J 209 21.11 -55.92 1.88
CA ARG J 209 21.73 -56.99 2.65
C ARG J 209 20.82 -57.43 3.80
N ARG J 210 20.14 -56.47 4.41
CA ARG J 210 19.23 -56.74 5.52
C ARG J 210 18.04 -57.57 5.06
N LYS J 211 17.62 -57.35 3.82
CA LYS J 211 16.50 -58.10 3.25
C LYS J 211 16.94 -59.50 2.85
N LEU J 212 18.20 -59.64 2.47
CA LEU J 212 18.74 -60.94 2.09
C LEU J 212 19.03 -61.79 3.33
N GLU J 213 19.68 -61.19 4.32
CA GLU J 213 19.94 -61.87 5.58
C GLU J 213 18.65 -62.19 6.33
N SER J 214 17.59 -61.45 6.00
CA SER J 214 16.28 -61.69 6.56
C SER J 214 15.79 -63.09 6.17
N LEU J 215 16.17 -63.52 4.97
CA LEU J 215 15.81 -64.85 4.50
C LEU J 215 16.69 -65.91 5.17
N ASP J 216 17.93 -66.02 4.72
CA ASP J 216 18.88 -66.97 5.28
C ASP J 216 20.11 -66.27 5.82
N ALA J 217 20.24 -66.23 7.14
CA ALA J 217 21.40 -65.62 7.79
C ALA J 217 22.62 -66.52 7.66
N GLU J 218 23.73 -66.08 8.25
CA GLU J 218 25.00 -66.80 8.20
C GLU J 218 25.60 -66.91 6.79
N GLN J 219 24.89 -66.34 5.81
CA GLN J 219 25.38 -66.27 4.45
C GLN J 219 25.78 -64.82 4.14
N SER J 220 26.99 -64.62 3.65
CA SER J 220 27.48 -63.29 3.33
C SER J 220 27.12 -62.92 1.90
N PHE J 221 26.46 -61.77 1.74
CA PHE J 221 26.02 -61.32 0.42
C PHE J 221 26.85 -60.14 -0.09
N ILE J 222 26.85 -59.05 0.65
CA ILE J 222 27.53 -57.83 0.22
C ILE J 222 28.55 -57.36 1.25
N ARG J 223 29.79 -57.16 0.81
CA ARG J 223 30.84 -56.63 1.66
C ARG J 223 31.24 -55.23 1.24
N ALA J 224 31.27 -54.31 2.19
CA ALA J 224 31.54 -52.90 1.89
C ALA J 224 32.86 -52.44 2.49
N VAL J 225 33.82 -52.11 1.64
CA VAL J 225 35.12 -51.62 2.09
C VAL J 225 35.29 -50.16 1.67
N TYR J 226 35.26 -49.27 2.66
CA TYR J 226 35.28 -47.83 2.43
C TYR J 226 36.52 -47.40 1.64
N GLY J 227 36.28 -46.64 0.57
CA GLY J 227 37.36 -46.13 -0.25
C GLY J 227 37.78 -47.11 -1.32
N VAL J 228 37.18 -48.30 -1.31
CA VAL J 228 37.47 -49.33 -2.29
C VAL J 228 36.21 -49.72 -3.06
N GLY J 229 35.14 -49.99 -2.32
CA GLY J 229 33.86 -50.28 -2.93
C GLY J 229 33.12 -51.47 -2.36
N TYR J 230 32.07 -51.89 -3.07
CA TYR J 230 31.23 -53.00 -2.62
C TYR J 230 31.51 -54.26 -3.42
N ARG J 231 31.24 -55.41 -2.82
CA ARG J 231 31.54 -56.69 -3.45
C ARG J 231 30.49 -57.75 -3.13
N TRP J 232 29.99 -58.40 -4.18
CA TRP J 232 29.00 -59.46 -4.02
C TRP J 232 29.70 -60.78 -3.71
N GLU J 233 29.27 -61.45 -2.65
CA GLU J 233 29.96 -62.64 -2.16
C GLU J 233 29.14 -63.93 -2.22
N ALA J 234 28.00 -63.87 -2.90
CA ALA J 234 27.19 -65.07 -3.10
C ALA J 234 27.34 -65.58 -4.52
N ASP J 235 26.56 -66.60 -4.88
CA ASP J 235 26.61 -67.17 -6.22
C ASP J 235 26.03 -66.19 -7.24
N ALA J 236 26.45 -66.35 -8.50
CA ALA J 236 25.99 -65.48 -9.57
C ALA J 236 24.49 -65.60 -9.80
N CYS J 237 23.86 -64.49 -10.13
CA CYS J 237 22.41 -64.45 -10.35
C CYS J 237 22.01 -65.21 -11.61
N ARG J 238 20.92 -65.95 -11.51
CA ARG J 238 20.35 -66.63 -12.67
C ARG J 238 19.35 -65.70 -13.34
N ILE J 239 19.66 -65.29 -14.56
CA ILE J 239 18.86 -64.29 -15.26
C ILE J 239 17.64 -64.87 -15.97
N VAL J 240 16.47 -64.29 -15.68
CA VAL J 240 15.20 -64.74 -16.24
C VAL J 240 14.93 -66.21 -15.95
N ASN K 9 67.12 7.28 39.48
CA ASN K 9 66.88 7.70 38.11
C ASN K 9 65.80 8.77 38.02
N THR K 10 66.10 9.95 38.54
CA THR K 10 65.17 11.06 38.53
C THR K 10 65.83 12.25 37.82
N PRO K 11 65.01 13.16 37.26
CA PRO K 11 65.54 14.34 36.55
C PRO K 11 66.50 15.15 37.42
N ARG K 12 67.71 15.38 36.92
CA ARG K 12 68.70 16.16 37.64
C ARG K 12 68.70 17.62 37.17
N ILE K 13 68.83 18.54 38.11
CA ILE K 13 68.76 19.96 37.80
C ILE K 13 69.98 20.71 38.28
N LEU K 14 70.64 21.42 37.39
CA LEU K 14 71.80 22.23 37.75
C LEU K 14 71.38 23.64 38.12
N ILE K 15 71.56 24.00 39.39
CA ILE K 15 71.27 25.34 39.86
C ILE K 15 72.54 26.19 39.85
N VAL K 16 72.60 27.16 38.94
CA VAL K 16 73.73 28.08 38.91
C VAL K 16 73.40 29.33 39.74
N GLU K 17 73.81 29.30 41.01
CA GLU K 17 73.50 30.38 41.94
C GLU K 17 74.69 30.68 42.84
N ASP K 18 74.97 31.97 43.03
CA ASP K 18 76.08 32.41 43.87
C ASP K 18 75.69 32.55 45.33
N GLU K 19 74.52 33.13 45.59
CA GLU K 19 74.05 33.34 46.96
C GLU K 19 73.74 31.99 47.62
N PRO K 20 74.50 31.65 48.68
CA PRO K 20 74.44 30.35 49.35
C PRO K 20 73.08 30.03 49.98
N LYS K 21 72.46 31.02 50.62
CA LYS K 21 71.18 30.81 51.27
C LYS K 21 70.10 30.40 50.26
N LEU K 22 69.93 31.20 49.22
CA LEU K 22 68.96 30.92 48.18
C LEU K 22 69.32 29.65 47.42
N GLY K 23 70.63 29.41 47.26
CA GLY K 23 71.12 28.22 46.60
C GLY K 23 70.66 26.96 47.31
N GLN K 24 70.80 26.95 48.62
CA GLN K 24 70.36 25.81 49.43
C GLN K 24 68.84 25.72 49.45
N LEU K 25 68.17 26.87 49.45
CA LEU K 25 66.72 26.92 49.47
C LEU K 25 66.14 26.28 48.21
N LEU K 26 66.73 26.57 47.07
CA LEU K 26 66.32 25.99 45.80
C LEU K 26 66.62 24.49 45.77
N ILE K 27 67.69 24.08 46.45
CA ILE K 27 68.02 22.67 46.57
C ILE K 27 66.95 21.94 47.40
N ASP K 28 66.59 22.54 48.52
CA ASP K 28 65.56 21.97 49.41
C ASP K 28 64.23 21.80 48.68
N TYR K 29 63.81 22.83 47.96
CA TYR K 29 62.56 22.79 47.22
C TYR K 29 62.57 21.76 46.09
N LEU K 30 63.65 21.73 45.33
CA LEU K 30 63.75 20.84 44.19
C LEU K 30 63.93 19.37 44.58
N ARG K 31 64.71 19.13 45.63
CA ARG K 31 64.92 17.76 46.12
C ARG K 31 63.62 17.20 46.69
N ALA K 32 62.81 18.09 47.28
CA ALA K 32 61.51 17.69 47.83
C ALA K 32 60.52 17.40 46.72
N ALA K 33 60.79 17.92 45.54
CA ALA K 33 59.95 17.66 44.37
C ALA K 33 60.46 16.47 43.58
N SER K 34 61.19 15.59 44.27
CA SER K 34 61.77 14.38 43.68
C SER K 34 62.68 14.67 42.49
N TYR K 35 63.53 15.68 42.63
CA TYR K 35 64.54 15.98 41.62
C TYR K 35 65.94 15.79 42.20
N ALA K 36 66.96 15.96 41.36
CA ALA K 36 68.33 15.82 41.80
C ALA K 36 69.09 17.13 41.62
N PRO K 37 68.96 18.05 42.59
CA PRO K 37 69.55 19.39 42.51
C PRO K 37 71.06 19.38 42.67
N THR K 38 71.73 20.28 41.94
CA THR K 38 73.17 20.46 42.08
C THR K 38 73.50 21.95 41.98
N LEU K 39 74.28 22.45 42.92
CA LEU K 39 74.57 23.88 43.00
C LEU K 39 75.96 24.22 42.49
N ILE K 40 76.07 25.31 41.73
CA ILE K 40 77.34 25.75 41.19
C ILE K 40 77.55 27.25 41.43
N SER K 41 78.76 27.60 41.88
CA SER K 41 79.10 28.99 42.20
C SER K 41 79.51 29.77 40.95
N HIS K 42 78.72 29.64 39.87
CA HIS K 42 78.96 30.35 38.62
C HIS K 42 80.37 30.07 38.09
N GLY K 43 80.97 31.06 37.44
CA GLY K 43 82.35 30.99 37.02
C GLY K 43 82.65 29.98 35.92
N ASP K 44 83.90 29.52 35.89
CA ASP K 44 84.39 28.63 34.85
C ASP K 44 83.82 27.22 34.99
N GLN K 45 83.47 26.84 36.22
CA GLN K 45 83.07 25.48 36.55
C GLN K 45 81.85 24.98 35.76
N VAL K 46 80.99 25.91 35.36
CA VAL K 46 79.70 25.57 34.76
C VAL K 46 79.84 24.80 33.44
N LEU K 47 80.52 25.39 32.47
CA LEU K 47 80.63 24.82 31.12
C LEU K 47 81.13 23.37 31.03
N PRO K 48 82.27 23.03 31.67
CA PRO K 48 82.71 21.64 31.56
C PRO K 48 81.78 20.67 32.28
N TYR K 49 81.04 21.17 33.27
CA TYR K 49 80.06 20.35 33.98
C TYR K 49 78.90 19.98 33.06
N VAL K 50 78.49 20.92 32.23
CA VAL K 50 77.38 20.69 31.30
C VAL K 50 77.79 19.73 30.18
N ARG K 51 79.07 19.78 29.81
CA ARG K 51 79.59 18.89 28.77
C ARG K 51 79.74 17.46 29.27
N GLN K 52 80.31 17.32 30.47
CA GLN K 52 80.61 16.01 31.02
C GLN K 52 79.42 15.39 31.76
N THR K 53 78.75 16.20 32.58
CA THR K 53 77.58 15.74 33.31
C THR K 53 76.36 16.59 32.95
N PRO K 54 75.75 16.32 31.79
CA PRO K 54 74.60 17.12 31.33
C PRO K 54 73.39 16.92 32.23
N PRO K 55 72.76 18.02 32.66
CA PRO K 55 71.53 17.97 33.45
C PRO K 55 70.32 17.86 32.55
N ASP K 56 69.14 17.71 33.13
CA ASP K 56 67.90 17.67 32.36
C ASP K 56 67.32 19.07 32.25
N LEU K 57 67.82 19.97 33.09
CA LEU K 57 67.37 21.36 33.10
C LEU K 57 68.40 22.22 33.82
N ILE K 58 68.58 23.45 33.36
CA ILE K 58 69.51 24.38 34.00
C ILE K 58 68.78 25.59 34.57
N LEU K 59 68.80 25.72 35.89
CA LEU K 59 68.23 26.88 36.56
C LEU K 59 69.31 27.94 36.73
N LEU K 60 69.26 28.98 35.89
CA LEU K 60 70.32 29.97 35.86
C LEU K 60 69.90 31.34 36.40
N ASP K 61 70.68 31.85 37.34
CA ASP K 61 70.45 33.18 37.89
C ASP K 61 71.25 34.20 37.09
N LEU K 62 70.56 34.97 36.25
CA LEU K 62 71.16 36.09 35.56
C LEU K 62 71.32 37.23 36.55
N MET K 63 72.52 37.42 37.08
CA MET K 63 72.78 38.49 38.02
C MET K 63 72.67 39.85 37.35
N LEU K 64 71.44 40.22 36.98
CA LEU K 64 71.17 41.49 36.33
C LEU K 64 71.42 42.67 37.27
N PRO K 65 71.98 43.78 36.74
CA PRO K 65 72.40 44.04 35.36
C PRO K 65 73.52 43.11 34.85
N GLY K 66 74.64 43.08 35.57
CA GLY K 66 75.73 42.15 35.32
C GLY K 66 76.10 41.78 33.89
N THR K 67 75.18 41.13 33.20
CA THR K 67 75.38 40.59 31.85
C THR K 67 76.33 39.38 31.79
N ASP K 68 76.90 39.01 32.93
CA ASP K 68 77.74 37.83 33.01
C ASP K 68 76.88 36.56 33.01
N GLY K 69 75.63 36.70 33.43
CA GLY K 69 74.69 35.59 33.42
C GLY K 69 74.26 35.27 32.00
N LEU K 70 73.91 36.32 31.24
CA LEU K 70 73.48 36.17 29.86
C LEU K 70 74.61 35.65 28.97
N MET K 71 75.84 36.05 29.28
CA MET K 71 77.00 35.61 28.52
C MET K 71 77.27 34.12 28.74
N LEU K 72 77.12 33.66 29.98
CA LEU K 72 77.24 32.25 30.28
C LEU K 72 76.05 31.50 29.68
N ARG K 74 74.37 32.29 27.00
CA ARG K 74 74.57 32.20 25.56
C ARG K 74 75.62 31.14 25.22
N GLU K 75 76.60 30.99 26.11
CA GLU K 75 77.69 30.04 25.90
C GLU K 75 77.18 28.61 25.94
N ILE K 76 76.35 28.31 26.93
CA ILE K 76 75.78 26.97 27.09
C ILE K 76 74.89 26.62 25.91
N ARG K 77 74.07 27.58 25.48
CA ARG K 77 73.11 27.37 24.40
C ARG K 77 73.81 27.03 23.08
N ARG K 78 75.07 27.43 22.96
CA ARG K 78 75.82 27.23 21.72
C ARG K 78 76.04 25.76 21.36
N PHE K 79 76.28 24.92 22.38
CA PHE K 79 76.59 23.52 22.11
C PHE K 79 75.55 22.52 22.62
N SER K 80 74.54 23.01 23.35
CA SER K 80 73.50 22.12 23.86
C SER K 80 72.12 22.75 23.82
N ASP K 81 71.10 21.90 23.70
CA ASP K 81 69.71 22.36 23.67
C ASP K 81 69.00 22.05 24.98
N ILE K 82 69.78 21.94 26.05
CA ILE K 82 69.24 21.73 27.39
C ILE K 82 68.44 22.95 27.82
N PRO K 83 67.20 22.74 28.28
CA PRO K 83 66.33 23.85 28.71
C PRO K 83 66.96 24.67 29.83
N ILE K 84 66.91 25.99 29.68
CA ILE K 84 67.47 26.90 30.66
C ILE K 84 66.41 27.85 31.20
N VAL K 85 66.21 27.84 32.52
CA VAL K 85 65.30 28.78 33.16
C VAL K 85 66.08 30.01 33.64
N MET K 86 65.91 31.11 32.91
CA MET K 86 66.62 32.34 33.21
C MET K 86 65.92 33.15 34.30
N VAL K 87 66.46 33.08 35.51
CA VAL K 87 65.90 33.83 36.64
C VAL K 87 66.28 35.30 36.55
N THR K 88 65.28 36.17 36.54
CA THR K 88 65.48 37.60 36.34
C THR K 88 65.63 38.38 37.65
N ALA K 89 64.71 38.17 38.59
CA ALA K 89 64.74 38.89 39.86
C ALA K 89 65.13 37.99 41.03
N LYS K 90 65.04 38.53 42.24
CA LYS K 90 65.36 37.74 43.43
C LYS K 90 64.17 36.88 43.86
N ILE K 91 64.39 35.58 43.89
CA ILE K 91 63.35 34.63 44.30
C ILE K 91 63.17 34.64 45.81
N GLU K 92 61.95 34.91 46.27
CA GLU K 92 61.67 34.95 47.69
C GLU K 92 60.42 34.15 48.04
N GLU K 93 60.42 33.55 49.22
CA GLU K 93 59.24 32.83 49.71
C GLU K 93 58.23 33.83 50.24
N ILE K 94 56.96 33.43 50.24
CA ILE K 94 55.91 34.20 50.90
C ILE K 94 55.09 33.28 51.80
N ASP K 95 55.58 33.06 53.02
CA ASP K 95 54.92 32.18 53.97
C ASP K 95 53.65 32.83 54.54
N ARG K 96 53.50 34.13 54.27
CA ARG K 96 52.31 34.86 54.68
C ARG K 96 51.08 34.33 53.96
N LEU K 97 51.29 33.81 52.76
CA LEU K 97 50.20 33.30 51.92
C LEU K 97 49.72 31.92 52.35
N LEU K 98 50.59 31.16 53.00
CA LEU K 98 50.26 29.81 53.43
C LEU K 98 49.11 29.81 54.44
N GLY K 99 48.10 29.00 54.18
CA GLY K 99 46.96 28.87 55.07
C GLY K 99 45.85 29.86 54.75
N LEU K 100 46.14 30.81 53.87
CA LEU K 100 45.15 31.81 53.48
C LEU K 100 44.00 31.18 52.72
N GLU K 101 42.78 31.43 53.17
CA GLU K 101 41.60 30.85 52.55
C GLU K 101 41.16 31.67 51.34
N ILE K 102 41.06 31.01 50.19
CA ILE K 102 40.69 31.68 48.95
C ILE K 102 39.21 31.51 48.63
N GLY K 103 38.49 32.63 48.55
CA GLY K 103 37.08 32.61 48.23
C GLY K 103 36.84 32.57 46.73
N ALA K 104 35.62 32.89 46.32
CA ALA K 104 35.25 32.89 44.91
C ALA K 104 35.51 34.25 44.28
N ASP K 105 35.83 35.23 45.11
CA ASP K 105 36.13 36.58 44.64
C ASP K 105 37.54 36.97 45.04
N ASP K 106 38.33 35.99 45.46
CA ASP K 106 39.71 36.22 45.87
C ASP K 106 40.68 35.70 44.81
N TYR K 107 41.28 36.62 44.07
CA TYR K 107 42.23 36.25 43.02
C TYR K 107 43.64 36.61 43.43
N ILE K 108 44.48 35.61 43.63
CA ILE K 108 45.85 35.84 44.07
C ILE K 108 46.85 35.60 42.93
N LYS K 110 50.14 34.81 41.21
CA LYS K 110 51.23 33.94 41.63
C LYS K 110 52.49 34.71 41.99
N PRO K 111 53.09 34.38 43.15
CA PRO K 111 54.27 35.06 43.67
C PRO K 111 55.55 34.59 43.00
N TYR K 112 56.67 35.22 43.36
CA TYR K 112 57.97 34.87 42.83
C TYR K 112 58.61 33.85 43.76
N SER K 113 57.82 32.86 44.16
CA SER K 113 58.20 31.88 45.17
C SER K 113 59.10 30.79 44.58
N PRO K 114 59.95 30.19 45.42
CA PRO K 114 60.70 29.00 45.01
C PRO K 114 59.75 27.86 44.66
N ARG K 115 58.56 27.89 45.26
CA ARG K 115 57.50 26.95 44.94
C ARG K 115 57.13 27.05 43.47
N GLU K 116 56.98 28.29 42.99
CA GLU K 116 56.62 28.55 41.61
C GLU K 116 57.77 28.23 40.65
N VAL K 117 59.00 28.28 41.17
CA VAL K 117 60.17 27.88 40.40
C VAL K 117 60.10 26.38 40.15
N VAL K 118 59.81 25.63 41.21
CA VAL K 118 59.58 24.20 41.11
C VAL K 118 58.42 23.92 40.17
N ALA K 119 57.39 24.74 40.25
CA ALA K 119 56.19 24.60 39.43
C ALA K 119 56.51 24.68 37.93
N ARG K 120 57.25 25.71 37.54
CA ARG K 120 57.62 25.89 36.13
C ARG K 120 58.54 24.78 35.64
N VAL K 121 59.42 24.30 36.52
CA VAL K 121 60.32 23.20 36.19
C VAL K 121 59.54 21.92 35.87
N LYS K 122 58.49 21.67 36.64
CA LYS K 122 57.61 20.54 36.39
C LYS K 122 56.97 20.63 35.02
N THR K 123 56.56 21.84 34.65
CA THR K 123 55.91 22.06 33.35
C THR K 123 56.86 21.77 32.20
N ILE K 124 58.10 22.24 32.33
CA ILE K 124 59.12 22.06 31.29
C ILE K 124 59.49 20.59 31.12
N LEU K 125 59.51 19.86 32.24
CA LEU K 125 59.86 18.44 32.22
C LEU K 125 58.61 17.57 32.23
N ARG K 126 58.06 17.32 31.04
CA ARG K 126 56.86 16.49 30.89
C ARG K 126 57.06 15.44 29.81
N SER K 141 46.12 -2.63 10.66
CA SER K 141 44.96 -2.00 11.28
C SER K 141 44.65 -0.63 10.66
N PRO K 142 44.05 -0.63 9.46
CA PRO K 142 43.74 0.59 8.72
C PRO K 142 42.72 1.48 9.42
N LEU K 143 41.83 0.87 10.21
CA LEU K 143 40.81 1.64 10.92
C LEU K 143 41.22 1.94 12.36
N ILE K 144 41.30 3.22 12.69
CA ILE K 144 41.67 3.66 14.03
C ILE K 144 40.56 4.51 14.65
N ILE K 145 40.14 4.14 15.86
CA ILE K 145 39.07 4.85 16.54
C ILE K 145 39.51 5.38 17.90
N ASP K 146 39.46 6.70 18.05
CA ASP K 146 39.74 7.34 19.33
C ASP K 146 38.43 7.69 20.01
N GLU K 147 38.04 6.87 20.99
CA GLU K 147 36.77 7.06 21.67
C GLU K 147 36.90 8.05 22.83
N GLY K 148 38.08 8.63 22.97
CA GLY K 148 38.31 9.68 23.94
C GLY K 148 37.75 10.99 23.44
N ARG K 149 38.18 11.41 22.26
CA ARG K 149 37.68 12.64 21.65
C ARG K 149 36.75 12.34 20.47
N PHE K 150 36.26 11.11 20.41
CA PHE K 150 35.21 10.71 19.46
C PHE K 150 35.56 10.96 18.00
N GLN K 151 36.66 10.35 17.54
CA GLN K 151 37.06 10.47 16.14
C GLN K 151 37.56 9.14 15.58
N ALA K 152 37.49 9.00 14.26
CA ALA K 152 37.94 7.79 13.58
C ALA K 152 38.71 8.14 12.31
N SER K 153 39.59 7.23 11.88
CA SER K 153 40.40 7.44 10.68
C SER K 153 40.64 6.15 9.91
N TRP K 154 40.44 6.21 8.60
CA TRP K 154 40.70 5.08 7.72
C TRP K 154 41.94 5.35 6.87
N ARG K 155 42.92 4.45 6.97
CA ARG K 155 44.21 4.61 6.30
C ARG K 155 44.90 5.93 6.63
N GLY K 156 44.68 6.42 7.85
CA GLY K 156 45.28 7.66 8.29
C GLY K 156 44.49 8.88 7.88
N LYS K 157 43.49 8.68 7.03
CA LYS K 157 42.64 9.78 6.57
C LYS K 157 41.48 10.01 7.54
N MET K 158 41.37 11.24 8.04
CA MET K 158 40.36 11.58 9.03
C MET K 158 38.93 11.45 8.51
N LEU K 159 38.03 11.06 9.40
CA LEU K 159 36.62 10.90 9.05
C LEU K 159 35.74 11.93 9.76
N ASP K 160 34.83 12.53 9.02
CA ASP K 160 33.88 13.48 9.60
C ASP K 160 32.53 12.81 9.77
N LEU K 161 32.27 12.28 10.96
CA LEU K 161 31.05 11.52 11.21
C LEU K 161 30.10 12.20 12.17
N THR K 162 28.81 11.99 11.94
CA THR K 162 27.79 12.40 12.88
C THR K 162 27.78 11.36 14.00
N PRO K 163 27.48 11.78 15.24
CA PRO K 163 27.50 10.91 16.43
C PRO K 163 26.85 9.54 16.23
N ALA K 164 25.79 9.48 15.43
CA ALA K 164 25.15 8.21 15.12
C ALA K 164 26.05 7.35 14.24
N GLU K 165 26.55 7.95 13.16
CA GLU K 165 27.44 7.26 12.22
C GLU K 165 28.69 6.73 12.93
N PHE K 166 29.14 7.46 13.94
CA PHE K 166 30.29 7.05 14.73
C PHE K 166 29.95 5.81 15.55
N ARG K 167 28.82 5.87 16.26
CA ARG K 167 28.39 4.77 17.11
C ARG K 167 28.17 3.50 16.31
N LEU K 168 27.67 3.65 15.08
CA LEU K 168 27.46 2.52 14.20
C LEU K 168 28.79 2.01 13.64
N LEU K 169 29.75 2.92 13.47
CA LEU K 169 31.07 2.55 12.96
C LEU K 169 31.85 1.70 13.96
N LYS K 170 31.90 2.15 15.21
CA LYS K 170 32.63 1.42 16.24
C LYS K 170 31.94 0.10 16.55
N THR K 171 30.61 0.10 16.50
CA THR K 171 29.84 -1.11 16.77
C THR K 171 30.11 -2.21 15.75
N LEU K 172 29.98 -1.88 14.47
CA LEU K 172 30.16 -2.86 13.41
C LEU K 172 31.58 -3.41 13.33
N SER K 173 32.56 -2.52 13.46
CA SER K 173 33.95 -2.88 13.22
C SER K 173 34.66 -3.52 14.42
N HIS K 174 34.07 -3.41 15.60
CA HIS K 174 34.65 -4.06 16.78
C HIS K 174 34.47 -5.57 16.68
N GLU K 175 33.44 -5.98 15.94
CA GLU K 175 33.16 -7.38 15.70
C GLU K 175 32.94 -7.64 14.21
N PRO K 176 34.04 -7.69 13.44
CA PRO K 176 33.96 -7.91 11.99
C PRO K 176 33.44 -9.31 11.67
N GLY K 177 32.61 -9.41 10.65
CA GLY K 177 32.04 -10.68 10.26
C GLY K 177 30.73 -10.95 10.97
N LYS K 178 30.54 -10.31 12.12
CA LYS K 178 29.31 -10.48 12.89
C LYS K 178 28.18 -9.65 12.31
N VAL K 179 27.02 -10.27 12.15
CA VAL K 179 25.85 -9.58 11.63
C VAL K 179 25.07 -8.92 12.76
N PHE K 180 24.85 -7.61 12.63
CA PHE K 180 24.04 -6.87 13.58
C PHE K 180 22.69 -6.55 12.97
N SER K 181 21.61 -6.95 13.64
CA SER K 181 20.27 -6.62 13.17
C SER K 181 20.01 -5.13 13.35
N ARG K 182 19.05 -4.62 12.59
CA ARG K 182 18.64 -3.22 12.70
C ARG K 182 18.21 -2.89 14.12
N GLU K 183 17.50 -3.82 14.74
CA GLU K 183 17.01 -3.65 16.10
C GLU K 183 18.15 -3.62 17.11
N GLN K 184 19.25 -4.30 16.79
CA GLN K 184 20.43 -4.30 17.66
C GLN K 184 21.17 -2.96 17.58
N LEU K 185 21.39 -2.49 16.37
CA LEU K 185 22.09 -1.22 16.15
C LEU K 185 21.32 -0.05 16.75
N LEU K 186 20.00 -0.13 16.67
CA LEU K 186 19.13 0.87 17.27
C LEU K 186 19.32 0.92 18.78
N ASN K 187 19.52 -0.24 19.40
CA ASN K 187 19.76 -0.32 20.82
C ASN K 187 21.13 0.23 21.23
N HIS K 188 22.07 0.26 20.29
CA HIS K 188 23.37 0.85 20.56
C HIS K 188 23.32 2.37 20.45
N LEU K 189 22.39 2.86 19.64
CA LEU K 189 22.17 4.31 19.53
C LEU K 189 21.40 4.81 20.74
N TYR K 190 20.59 3.93 21.32
CA TYR K 190 19.80 4.26 22.51
C TYR K 190 20.71 4.42 23.73
N ASP K 191 21.62 3.46 23.91
CA ASP K 191 22.52 3.49 25.05
C ASP K 191 23.51 4.64 24.94
N ASP K 192 23.64 5.16 23.73
CA ASP K 192 24.61 6.22 23.48
C ASP K 192 23.98 7.59 23.55
N TYR K 193 23.92 8.17 24.74
CA TYR K 193 23.54 9.58 24.86
C TYR K 193 24.69 10.28 24.12
N ARG K 194 24.39 11.44 23.53
CA ARG K 194 25.21 12.16 22.53
C ARG K 194 24.66 11.82 21.13
N VAL K 195 23.80 10.81 21.09
CA VAL K 195 23.14 10.39 19.85
C VAL K 195 21.61 10.61 19.87
N VAL K 196 21.18 11.60 19.10
CA VAL K 196 19.78 11.92 18.88
C VAL K 196 19.51 11.93 17.39
N THR K 197 18.60 11.06 16.95
CA THR K 197 18.49 10.74 15.55
C THR K 197 17.05 10.81 15.05
N ASP K 198 16.86 11.38 13.87
CA ASP K 198 15.57 11.36 13.18
C ASP K 198 15.67 10.53 11.91
N ARG K 199 16.90 10.15 11.56
CA ARG K 199 17.16 9.27 10.43
C ARG K 199 16.82 7.83 10.79
N THR K 200 16.95 6.93 9.82
CA THR K 200 16.82 5.50 10.08
C THR K 200 18.19 4.84 9.97
N ILE K 201 18.30 3.60 10.43
CA ILE K 201 19.57 2.88 10.39
C ILE K 201 20.12 2.76 8.97
N ASP K 202 19.22 2.48 8.02
CA ASP K 202 19.61 2.38 6.61
C ASP K 202 20.20 3.68 6.09
N SER K 203 19.60 4.79 6.47
CA SER K 203 20.10 6.11 6.09
C SER K 203 21.51 6.31 6.62
N HIS K 204 21.73 5.93 7.87
CA HIS K 204 23.04 6.04 8.49
C HIS K 204 24.08 5.16 7.82
N ILE K 205 23.79 3.86 7.73
CA ILE K 205 24.70 2.89 7.13
C ILE K 205 25.13 3.31 5.74
N LYS K 206 24.19 3.87 4.97
CA LYS K 206 24.51 4.39 3.64
C LYS K 206 25.41 5.62 3.75
N ASN K 207 25.11 6.50 4.70
CA ASN K 207 25.93 7.69 4.92
C ASN K 207 27.33 7.34 5.41
N LEU K 208 27.41 6.37 6.32
CA LEU K 208 28.69 5.91 6.86
C LEU K 208 29.53 5.25 5.76
N ARG K 209 28.86 4.48 4.91
CA ARG K 209 29.53 3.78 3.82
C ARG K 209 29.96 4.77 2.74
N ARG K 210 29.14 5.79 2.52
CA ARG K 210 29.41 6.80 1.51
C ARG K 210 30.64 7.63 1.88
N LYS K 211 30.86 7.80 3.18
CA LYS K 211 32.01 8.56 3.67
C LYS K 211 33.28 7.72 3.69
N LEU K 212 33.12 6.41 3.87
CA LEU K 212 34.25 5.50 3.86
C LEU K 212 34.73 5.22 2.43
N GLU K 213 33.77 5.03 1.53
CA GLU K 213 34.09 4.74 0.13
C GLU K 213 34.75 5.92 -0.57
N SER K 214 34.67 7.09 0.04
CA SER K 214 35.33 8.27 -0.51
C SER K 214 36.81 8.27 -0.16
N LEU K 215 37.17 7.52 0.87
CA LEU K 215 38.56 7.43 1.31
C LEU K 215 39.23 6.16 0.80
N ASP K 216 38.51 5.39 -0.01
CA ASP K 216 39.06 4.14 -0.53
C ASP K 216 38.43 3.72 -1.86
N ALA K 217 37.14 3.41 -1.82
CA ALA K 217 36.38 2.91 -2.98
C ALA K 217 36.83 1.55 -3.51
N GLU K 218 37.98 1.07 -3.02
CA GLU K 218 38.48 -0.25 -3.38
C GLU K 218 38.16 -1.25 -2.28
N GLN K 219 37.67 -0.75 -1.15
CA GLN K 219 37.42 -1.60 0.01
C GLN K 219 35.94 -1.85 0.24
N SER K 220 35.59 -3.10 0.50
CA SER K 220 34.23 -3.46 0.86
C SER K 220 34.01 -3.21 2.35
N PHE K 221 33.22 -2.19 2.66
CA PHE K 221 33.07 -1.75 4.04
C PHE K 221 31.90 -2.39 4.79
N ILE K 222 30.67 -2.02 4.41
CA ILE K 222 29.49 -2.55 5.09
C ILE K 222 28.53 -3.27 4.16
N ARG K 223 28.21 -4.51 4.50
CA ARG K 223 27.24 -5.29 3.73
C ARG K 223 25.90 -5.31 4.45
N ALA K 224 24.82 -5.08 3.71
CA ALA K 224 23.49 -5.00 4.31
C ALA K 224 22.51 -5.98 3.66
N VAL K 225 21.96 -6.87 4.47
CA VAL K 225 20.93 -7.78 4.00
C VAL K 225 19.59 -7.42 4.63
N TYR K 226 18.63 -7.04 3.78
CA TYR K 226 17.32 -6.57 4.25
C TYR K 226 16.59 -7.66 5.03
N GLY K 227 16.13 -7.29 6.23
CA GLY K 227 15.41 -8.21 7.09
C GLY K 227 16.35 -9.06 7.93
N VAL K 228 17.63 -9.04 7.60
CA VAL K 228 18.62 -9.82 8.33
C VAL K 228 19.51 -8.94 9.20
N GLY K 229 20.37 -8.13 8.58
CA GLY K 229 21.21 -7.23 9.33
C GLY K 229 22.37 -6.63 8.57
N TYR K 230 23.27 -5.98 9.31
CA TYR K 230 24.42 -5.30 8.73
C TYR K 230 25.72 -5.96 9.21
N ARG K 231 26.73 -5.98 8.36
CA ARG K 231 27.99 -6.65 8.68
C ARG K 231 29.21 -5.89 8.17
N TRP K 232 30.11 -5.54 9.09
CA TRP K 232 31.37 -4.92 8.72
C TRP K 232 32.25 -5.94 8.02
N GLU K 233 32.71 -5.61 6.81
CA GLU K 233 33.45 -6.55 5.98
C GLU K 233 34.93 -6.21 5.83
N ALA K 234 35.38 -5.15 6.49
CA ALA K 234 36.78 -4.76 6.44
C ALA K 234 37.53 -5.24 7.68
N ASP K 235 38.71 -4.66 7.90
CA ASP K 235 39.55 -5.05 9.02
C ASP K 235 38.95 -4.63 10.36
N ALA K 236 39.42 -5.25 11.43
CA ALA K 236 38.97 -4.92 12.78
C ALA K 236 39.48 -3.56 13.21
N CYS K 237 38.61 -2.76 13.82
CA CYS K 237 38.98 -1.42 14.26
C CYS K 237 39.99 -1.49 15.40
N ARG K 238 40.90 -0.52 15.45
CA ARG K 238 41.85 -0.42 16.54
C ARG K 238 41.45 0.75 17.44
N ILE K 239 41.17 0.45 18.70
CA ILE K 239 40.72 1.46 19.65
C ILE K 239 41.89 2.02 20.46
N VAL K 240 42.02 3.34 20.45
CA VAL K 240 43.09 4.01 21.18
C VAL K 240 42.60 4.56 22.51
N ASN L 9 29.68 55.48 32.26
CA ASN L 9 29.45 54.27 33.02
C ASN L 9 30.47 53.19 32.71
N THR L 10 31.62 53.24 33.38
CA THR L 10 32.70 52.29 33.18
C THR L 10 33.14 51.70 34.51
N PRO L 11 33.67 50.46 34.50
CA PRO L 11 34.13 49.79 35.71
C PRO L 11 35.12 50.61 36.55
N ARG L 12 34.80 50.81 37.82
CA ARG L 12 35.69 51.51 38.74
C ARG L 12 36.62 50.53 39.44
N ILE L 13 37.91 50.82 39.39
CA ILE L 13 38.92 49.95 40.00
C ILE L 13 39.76 50.69 41.02
N LEU L 14 39.79 50.16 42.24
CA LEU L 14 40.62 50.73 43.30
C LEU L 14 42.01 50.10 43.31
N ILE L 15 43.03 50.94 43.19
CA ILE L 15 44.40 50.48 43.26
C ILE L 15 45.02 50.84 44.61
N VAL L 16 45.47 49.82 45.34
CA VAL L 16 46.14 50.04 46.61
C VAL L 16 47.63 49.77 46.46
N GLU L 17 48.38 50.84 46.17
CA GLU L 17 49.82 50.73 45.97
C GLU L 17 50.54 51.89 46.64
N ASP L 18 51.60 51.57 47.38
CA ASP L 18 52.36 52.58 48.11
C ASP L 18 53.44 53.21 47.25
N GLU L 19 53.98 52.44 46.31
CA GLU L 19 55.02 52.92 45.41
C GLU L 19 54.42 53.80 44.32
N PRO L 20 54.86 55.08 44.27
CA PRO L 20 54.29 56.11 43.38
C PRO L 20 54.44 55.80 41.90
N LYS L 21 55.63 55.39 41.46
CA LYS L 21 55.89 55.11 40.05
C LYS L 21 54.99 53.99 39.52
N LEU L 22 55.01 52.85 40.20
CA LEU L 22 54.17 51.72 39.82
C LEU L 22 52.70 52.07 39.97
N GLY L 23 52.38 52.88 40.97
CA GLY L 23 51.02 53.33 41.20
C GLY L 23 50.48 54.11 40.02
N GLN L 24 51.20 55.16 39.63
CA GLN L 24 50.84 55.98 38.48
C GLN L 24 50.83 55.15 37.19
N LEU L 25 51.73 54.17 37.14
CA LEU L 25 51.84 53.30 35.98
C LEU L 25 50.58 52.44 35.83
N LEU L 26 50.10 51.90 36.94
CA LEU L 26 48.88 51.10 36.94
C LEU L 26 47.66 51.93 36.56
N ILE L 27 47.67 53.20 36.97
CA ILE L 27 46.60 54.13 36.63
C ILE L 27 46.51 54.33 35.12
N ASP L 28 47.66 54.59 34.50
CA ASP L 28 47.73 54.84 33.06
C ASP L 28 47.28 53.63 32.25
N TYR L 29 47.79 52.45 32.59
CA TYR L 29 47.45 51.22 31.89
C TYR L 29 45.96 50.88 32.01
N LEU L 30 45.41 51.04 33.21
CA LEU L 30 44.01 50.72 33.46
C LEU L 30 43.07 51.71 32.79
N ARG L 31 43.42 52.99 32.82
CA ARG L 31 42.60 54.02 32.19
C ARG L 31 42.59 53.83 30.68
N ALA L 32 43.71 53.35 30.14
CA ALA L 32 43.82 53.08 28.72
C ALA L 32 42.94 51.90 28.32
N ALA L 33 42.63 51.04 29.27
CA ALA L 33 41.77 49.89 29.03
C ALA L 33 40.31 50.24 29.29
N SER L 34 39.99 51.53 29.19
CA SER L 34 38.63 52.04 29.37
C SER L 34 38.06 51.72 30.76
N TYR L 35 38.89 51.88 31.78
CA TYR L 35 38.45 51.68 33.16
C TYR L 35 38.50 53.00 33.94
N ALA L 36 38.04 52.96 35.18
CA ALA L 36 38.05 54.14 36.05
C ALA L 36 38.92 53.90 37.28
N PRO L 37 40.23 54.15 37.14
CA PRO L 37 41.21 53.87 38.19
C PRO L 37 41.22 54.91 39.32
N THR L 38 41.41 54.44 40.54
CA THR L 38 41.58 55.32 41.70
C THR L 38 42.70 54.78 42.58
N LEU L 39 43.67 55.64 42.90
CA LEU L 39 44.85 55.20 43.64
C LEU L 39 44.84 55.62 45.10
N ILE L 40 45.08 54.66 45.98
CA ILE L 40 45.23 54.92 47.40
C ILE L 40 46.59 54.40 47.89
N SER L 41 47.31 55.23 48.62
CA SER L 41 48.67 54.90 49.04
C SER L 41 48.75 54.38 50.47
N HIS L 42 47.72 54.64 51.26
CA HIS L 42 47.75 54.28 52.68
C HIS L 42 46.66 53.26 53.07
N GLY L 43 47.00 52.38 54.01
CA GLY L 43 46.12 51.30 54.39
C GLY L 43 44.93 51.72 55.24
N ASP L 44 45.04 52.87 55.90
CA ASP L 44 43.95 53.37 56.73
C ASP L 44 42.88 54.08 55.89
N GLN L 45 43.23 54.38 54.64
CA GLN L 45 42.31 55.10 53.74
C GLN L 45 41.39 54.17 52.96
N VAL L 46 41.87 52.97 52.64
CA VAL L 46 41.14 52.08 51.74
C VAL L 46 39.81 51.57 52.33
N LEU L 47 39.84 51.10 53.57
CA LEU L 47 38.64 50.54 54.21
C LEU L 47 37.42 51.48 54.21
N PRO L 48 37.58 52.74 54.66
CA PRO L 48 36.40 53.62 54.59
C PRO L 48 36.05 53.99 53.15
N TYR L 49 37.00 53.87 52.23
CA TYR L 49 36.75 54.16 50.82
C TYR L 49 35.93 53.06 50.17
N VAL L 50 36.21 51.81 50.54
CA VAL L 50 35.48 50.66 50.03
C VAL L 50 34.01 50.74 50.44
N ARG L 51 33.77 51.29 51.63
CA ARG L 51 32.42 51.49 52.11
C ARG L 51 31.73 52.61 51.32
N GLN L 52 32.19 53.84 51.52
CA GLN L 52 31.56 55.02 50.94
C GLN L 52 31.54 55.01 49.40
N THR L 53 32.67 54.68 48.79
CA THR L 53 32.74 54.61 47.33
C THR L 53 33.24 53.25 46.88
N PRO L 54 32.35 52.25 46.88
CA PRO L 54 32.71 50.87 46.52
C PRO L 54 33.12 50.74 45.06
N PRO L 55 34.27 50.10 44.81
CA PRO L 55 34.73 49.86 43.44
C PRO L 55 34.20 48.54 42.90
N ASP L 56 34.43 48.28 41.62
CA ASP L 56 34.00 47.02 41.01
C ASP L 56 35.07 45.95 41.19
N LEU L 57 36.30 46.37 41.42
CA LEU L 57 37.41 45.46 41.68
C LEU L 57 38.50 46.16 42.47
N ILE L 58 39.12 45.43 43.38
CA ILE L 58 40.19 45.99 44.19
C ILE L 58 41.55 45.39 43.85
N LEU L 59 42.43 46.22 43.29
CA LEU L 59 43.79 45.78 43.00
C LEU L 59 44.66 46.06 44.22
N LEU L 60 44.98 45.01 44.96
CA LEU L 60 45.64 45.15 46.25
C LEU L 60 47.04 44.54 46.28
N ASP L 61 48.05 45.40 46.39
CA ASP L 61 49.43 44.95 46.50
C ASP L 61 49.67 44.32 47.86
N LEU L 62 50.14 43.07 47.86
CA LEU L 62 50.33 42.31 49.09
C LEU L 62 51.37 42.94 50.02
N MET L 63 52.35 43.61 49.44
CA MET L 63 53.46 44.16 50.21
C MET L 63 53.48 45.68 50.25
N LEU L 64 52.81 46.24 51.25
CA LEU L 64 52.86 47.68 51.51
C LEU L 64 53.03 47.92 53.01
N PRO L 65 53.94 48.83 53.38
CA PRO L 65 54.31 49.07 54.78
C PRO L 65 53.16 49.63 55.62
N GLY L 66 53.37 49.67 56.93
CA GLY L 66 52.35 50.15 57.85
C GLY L 66 51.42 49.03 58.28
N THR L 67 50.68 48.48 57.32
CA THR L 67 49.77 47.37 57.58
C THR L 67 49.80 46.40 56.40
N ASP L 68 50.01 45.11 56.70
CA ASP L 68 50.08 44.10 55.66
C ASP L 68 48.72 43.96 54.94
N GLY L 69 48.77 43.65 53.65
CA GLY L 69 47.58 43.60 52.83
C GLY L 69 46.64 42.45 53.14
N LEU L 70 47.13 41.44 53.86
CA LEU L 70 46.32 40.27 54.17
C LEU L 70 45.31 40.53 55.29
N MET L 71 45.75 41.21 56.34
CA MET L 71 44.85 41.64 57.40
C MET L 71 43.96 42.76 56.88
N LEU L 72 44.42 43.42 55.82
CA LEU L 72 43.64 44.46 55.17
C LEU L 72 42.56 43.85 54.28
N ARG L 74 41.34 40.68 54.59
CA ARG L 74 40.43 39.95 55.45
C ARG L 74 39.36 40.89 56.02
N GLU L 75 39.73 42.16 56.15
CA GLU L 75 38.82 43.18 56.67
C GLU L 75 37.77 43.57 55.64
N ILE L 76 38.22 43.82 54.41
CA ILE L 76 37.31 44.17 53.32
C ILE L 76 36.36 43.03 53.03
N ARG L 77 36.90 41.81 53.03
CA ARG L 77 36.13 40.61 52.72
C ARG L 77 35.01 40.36 53.75
N ARG L 78 35.08 41.05 54.88
CA ARG L 78 34.13 40.85 55.95
C ARG L 78 32.77 41.51 55.68
N PHE L 79 32.78 42.63 54.96
CA PHE L 79 31.53 43.33 54.66
C PHE L 79 31.25 43.58 53.18
N SER L 80 32.02 42.93 52.31
CA SER L 80 31.78 43.03 50.87
C SER L 80 32.40 41.86 50.10
N ASP L 81 31.74 41.46 49.02
CA ASP L 81 32.21 40.39 48.17
C ASP L 81 32.85 40.93 46.90
N ILE L 82 33.30 42.18 46.96
CA ILE L 82 33.98 42.80 45.83
C ILE L 82 35.27 42.05 45.53
N PRO L 83 35.44 41.59 44.29
CA PRO L 83 36.62 40.81 43.89
C PRO L 83 37.93 41.54 44.14
N ILE L 84 38.89 40.84 44.74
CA ILE L 84 40.18 41.44 45.08
C ILE L 84 41.33 40.68 44.45
N VAL L 85 42.21 41.43 43.77
CA VAL L 85 43.37 40.83 43.11
C VAL L 85 44.64 41.04 43.93
N MET L 86 45.06 39.99 44.62
CA MET L 86 46.28 40.07 45.43
C MET L 86 47.50 40.17 44.53
N VAL L 87 48.37 41.13 44.83
CA VAL L 87 49.48 41.47 43.95
C VAL L 87 50.82 41.42 44.67
N THR L 88 51.80 40.75 44.08
CA THR L 88 53.14 40.64 44.66
C THR L 88 54.10 41.74 44.14
N ALA L 89 55.17 41.33 43.46
CA ALA L 89 56.16 42.29 42.97
C ALA L 89 55.97 42.61 41.47
N LYS L 90 55.90 43.89 41.14
CA LYS L 90 55.57 44.32 39.79
C LYS L 90 56.60 45.26 39.17
N ILE L 91 57.59 44.71 38.47
CA ILE L 91 58.57 45.48 37.72
C ILE L 91 58.98 44.70 36.46
N GLU L 92 58.88 45.34 35.30
CA GLU L 92 59.30 44.69 34.06
C GLU L 92 60.75 45.06 33.72
N GLU L 93 61.46 44.12 33.10
CA GLU L 93 62.89 44.30 32.81
C GLU L 93 63.17 44.56 31.34
N ILE L 94 62.95 45.80 30.90
CA ILE L 94 63.23 46.21 29.53
C ILE L 94 64.74 46.45 29.39
N ASP L 95 65.19 46.66 28.15
CA ASP L 95 66.60 46.93 27.84
C ASP L 95 67.57 45.80 28.20
N ARG L 96 67.42 45.24 29.40
CA ARG L 96 68.26 44.14 29.84
C ARG L 96 68.05 42.88 29.00
N LEU L 97 66.81 42.68 28.56
CA LEU L 97 66.48 41.51 27.76
C LEU L 97 65.87 41.90 26.41
N LEU L 98 65.75 43.19 26.15
CA LEU L 98 65.19 43.67 24.90
C LEU L 98 66.06 43.28 23.71
N GLY L 99 65.49 42.56 22.76
CA GLY L 99 66.19 42.14 21.58
C GLY L 99 66.72 40.73 21.67
N LEU L 100 66.55 40.11 22.84
CA LEU L 100 67.00 38.73 23.05
C LEU L 100 66.07 37.75 22.33
N GLU L 101 66.65 36.82 21.60
CA GLU L 101 65.86 35.80 20.91
C GLU L 101 65.50 34.67 21.88
N ILE L 102 64.19 34.50 22.09
CA ILE L 102 63.70 33.48 23.01
C ILE L 102 63.37 32.19 22.26
N GLY L 103 64.27 31.21 22.37
CA GLY L 103 64.09 29.93 21.72
C GLY L 103 63.01 29.09 22.39
N ALA L 104 62.80 27.89 21.85
CA ALA L 104 61.83 26.96 22.40
C ALA L 104 62.35 26.32 23.68
N ASP L 105 63.65 26.46 23.90
CA ASP L 105 64.29 25.93 25.10
C ASP L 105 64.78 27.04 26.00
N ASP L 106 64.35 28.27 25.71
CA ASP L 106 64.70 29.42 26.53
C ASP L 106 63.48 29.90 27.30
N TYR L 107 63.52 29.72 28.62
CA TYR L 107 62.40 30.08 29.47
C TYR L 107 62.77 31.22 30.42
N ILE L 108 62.07 32.34 30.31
CA ILE L 108 62.34 33.49 31.16
C ILE L 108 61.53 33.48 32.46
N LYS L 110 60.54 35.64 35.41
CA LYS L 110 60.45 37.04 35.79
C LYS L 110 59.17 37.32 36.56
N PRO L 111 59.19 38.35 37.42
CA PRO L 111 57.96 38.71 38.14
C PRO L 111 56.92 39.28 37.18
N TYR L 112 55.65 39.28 37.60
CA TYR L 112 54.57 39.86 36.82
C TYR L 112 54.90 41.31 36.45
N SER L 113 54.45 41.74 35.28
CA SER L 113 54.61 43.12 34.84
C SER L 113 53.28 43.84 35.02
N PRO L 114 53.32 45.18 35.13
CA PRO L 114 52.08 45.96 35.24
C PRO L 114 51.16 45.78 34.02
N ARG L 115 51.73 45.36 32.90
CA ARG L 115 50.94 45.03 31.72
C ARG L 115 50.17 43.74 31.93
N GLU L 116 50.77 42.81 32.67
CA GLU L 116 50.18 41.49 32.88
C GLU L 116 49.01 41.51 33.87
N VAL L 117 49.09 42.35 34.89
CA VAL L 117 48.00 42.45 35.87
C VAL L 117 46.76 43.09 35.26
N VAL L 118 46.96 44.12 34.43
CA VAL L 118 45.87 44.76 33.72
C VAL L 118 45.19 43.74 32.81
N ALA L 119 46.00 42.85 32.24
CA ALA L 119 45.50 41.77 31.42
C ALA L 119 44.65 40.82 32.26
N ARG L 120 45.13 40.47 33.44
CA ARG L 120 44.41 39.58 34.34
C ARG L 120 43.15 40.24 34.88
N VAL L 121 43.21 41.56 35.09
CA VAL L 121 42.06 42.33 35.54
C VAL L 121 40.93 42.27 34.51
N LYS L 122 41.29 42.46 33.24
CA LYS L 122 40.32 42.42 32.15
C LYS L 122 39.58 41.09 32.08
N THR L 123 40.30 40.01 32.34
CA THR L 123 39.71 38.66 32.31
C THR L 123 38.63 38.53 33.39
N ILE L 124 38.88 39.12 34.55
CA ILE L 124 37.94 39.07 35.66
C ILE L 124 36.70 39.92 35.35
N LEU L 125 36.88 40.91 34.49
CA LEU L 125 35.78 41.78 34.08
C LEU L 125 35.34 41.48 32.65
N PRO L 142 16.53 43.76 18.19
CA PRO L 142 16.85 42.90 19.33
C PRO L 142 17.62 41.66 18.90
N LEU L 143 17.63 41.38 17.60
CA LEU L 143 18.35 40.23 17.07
C LEU L 143 19.64 40.64 16.37
N ILE L 144 20.76 40.26 16.96
CA ILE L 144 22.07 40.58 16.39
C ILE L 144 22.80 39.30 16.01
N ILE L 145 23.29 39.25 14.78
CA ILE L 145 24.01 38.08 14.30
C ILE L 145 25.37 38.44 13.70
N ASP L 146 26.43 37.98 14.35
CA ASP L 146 27.78 38.16 13.84
C ASP L 146 28.15 36.94 12.99
N GLU L 147 28.18 37.12 11.68
CA GLU L 147 28.45 36.02 10.75
C GLU L 147 29.94 35.69 10.66
N GLY L 148 30.77 36.53 11.27
CA GLY L 148 32.20 36.31 11.28
C GLY L 148 32.58 35.14 12.17
N ARG L 149 32.12 35.17 13.42
CA ARG L 149 32.41 34.09 14.36
C ARG L 149 31.17 33.29 14.73
N PHE L 150 30.15 33.40 13.89
CA PHE L 150 28.96 32.56 13.95
C PHE L 150 28.24 32.52 15.30
N GLN L 151 27.92 33.69 15.85
CA GLN L 151 27.15 33.74 17.09
C GLN L 151 26.03 34.78 17.01
N ALA L 152 24.93 34.50 17.71
CA ALA L 152 23.77 35.38 17.71
C ALA L 152 23.28 35.67 19.12
N SER L 153 22.59 36.79 19.28
CA SER L 153 22.04 37.17 20.58
C SER L 153 20.67 37.81 20.40
N TRP L 154 19.76 37.52 21.32
CA TRP L 154 18.45 38.16 21.30
C TRP L 154 18.23 38.97 22.57
N ARG L 155 17.98 40.27 22.39
CA ARG L 155 17.87 41.22 23.49
C ARG L 155 19.11 41.28 24.37
N GLY L 156 20.27 41.04 23.77
CA GLY L 156 21.54 41.14 24.47
C GLY L 156 22.04 39.83 25.04
N LYS L 157 21.13 38.88 25.22
CA LYS L 157 21.49 37.57 25.76
C LYS L 157 22.01 36.65 24.67
N MET L 158 23.19 36.07 24.89
CA MET L 158 23.81 35.19 23.91
C MET L 158 23.02 33.91 23.68
N LEU L 159 23.13 33.37 22.47
CA LEU L 159 22.44 32.13 22.11
C LEU L 159 23.42 30.98 21.90
N ASP L 160 23.07 29.81 22.41
CA ASP L 160 23.87 28.62 22.19
C ASP L 160 23.27 27.78 21.08
N LEU L 161 23.73 28.01 19.85
CA LEU L 161 23.17 27.36 18.68
C LEU L 161 24.14 26.38 18.03
N THR L 162 23.61 25.25 17.58
CA THR L 162 24.36 24.32 16.75
C THR L 162 24.37 24.91 15.35
N PRO L 163 25.40 24.60 14.54
CA PRO L 163 25.55 25.16 13.18
C PRO L 163 24.28 25.10 12.34
N ALA L 164 23.48 24.05 12.51
CA ALA L 164 22.21 23.92 11.79
C ALA L 164 21.19 24.93 12.29
N GLU L 165 21.06 25.02 13.61
CA GLU L 165 20.13 25.95 14.24
C GLU L 165 20.47 27.40 13.87
N PHE L 166 21.76 27.69 13.78
CA PHE L 166 22.23 29.02 13.45
C PHE L 166 21.93 29.39 12.00
N ARG L 167 22.26 28.49 11.09
CA ARG L 167 22.03 28.69 9.66
C ARG L 167 20.56 28.95 9.36
N LEU L 168 19.69 28.26 10.08
CA LEU L 168 18.24 28.48 9.94
C LEU L 168 17.86 29.85 10.47
N LEU L 169 18.43 30.23 11.61
CA LEU L 169 18.11 31.50 12.24
C LEU L 169 18.44 32.69 11.34
N LYS L 170 19.64 32.64 10.74
CA LYS L 170 20.05 33.69 9.82
C LYS L 170 19.18 33.71 8.57
N THR L 171 18.80 32.52 8.11
CA THR L 171 17.97 32.38 6.91
C THR L 171 16.58 32.98 7.10
N LEU L 172 15.86 32.50 8.11
CA LEU L 172 14.49 32.93 8.36
C LEU L 172 14.39 34.42 8.72
N SER L 173 15.32 34.89 9.53
CA SER L 173 15.22 36.23 10.10
C SER L 173 15.75 37.34 9.21
N HIS L 174 16.62 37.00 8.27
CA HIS L 174 17.14 37.99 7.33
C HIS L 174 16.00 38.54 6.49
N GLU L 175 15.00 37.71 6.25
CA GLU L 175 13.81 38.10 5.50
C GLU L 175 12.57 37.72 6.30
N PRO L 176 12.18 38.57 7.27
CA PRO L 176 11.03 38.30 8.13
C PRO L 176 9.73 38.26 7.35
N GLY L 177 8.88 37.29 7.66
CA GLY L 177 7.59 37.17 7.01
C GLY L 177 7.64 36.36 5.73
N LYS L 178 8.85 36.02 5.30
CA LYS L 178 9.00 35.22 4.09
C LYS L 178 8.99 33.73 4.41
N VAL L 179 8.13 32.99 3.71
CA VAL L 179 8.02 31.55 3.90
C VAL L 179 9.16 30.81 3.23
N PHE L 180 9.78 29.90 3.97
CA PHE L 180 10.76 28.98 3.41
C PHE L 180 10.27 27.56 3.59
N SER L 181 10.07 26.86 2.48
CA SER L 181 9.67 25.46 2.54
C SER L 181 10.80 24.64 3.15
N ARG L 182 10.47 23.47 3.70
CA ARG L 182 11.47 22.62 4.32
C ARG L 182 12.46 22.10 3.26
N GLU L 183 11.99 22.04 2.01
CA GLU L 183 12.84 21.67 0.90
C GLU L 183 13.89 22.75 0.66
N GLN L 184 13.53 23.99 0.95
CA GLN L 184 14.44 25.12 0.79
C GLN L 184 15.39 25.25 1.97
N LEU L 185 14.88 25.06 3.18
CA LEU L 185 15.70 25.14 4.38
C LEU L 185 16.71 24.00 4.42
N LEU L 186 16.40 22.91 3.73
CA LEU L 186 17.33 21.80 3.61
C LEU L 186 18.46 22.18 2.67
N ASN L 187 18.12 22.95 1.62
CA ASN L 187 19.12 23.44 0.67
C ASN L 187 20.15 24.33 1.33
N HIS L 188 19.74 25.05 2.37
CA HIS L 188 20.63 25.95 3.09
C HIS L 188 21.55 25.20 4.06
N LEU L 189 21.00 24.18 4.71
CA LEU L 189 21.81 23.34 5.60
C LEU L 189 22.82 22.53 4.81
N TYR L 190 22.43 22.12 3.60
CA TYR L 190 23.27 21.32 2.74
C TYR L 190 24.46 22.13 2.20
N ASP L 191 24.24 23.42 2.01
CA ASP L 191 25.30 24.30 1.51
C ASP L 191 26.19 24.80 2.64
N ASP L 192 25.69 24.71 3.87
CA ASP L 192 26.45 25.15 5.04
C ASP L 192 27.31 24.00 5.55
N TYR L 193 28.62 24.12 5.35
CA TYR L 193 29.54 23.03 5.66
C TYR L 193 29.80 22.84 7.15
N ARG L 194 29.37 23.80 7.96
CA ARG L 194 29.49 23.66 9.41
C ARG L 194 28.45 22.67 9.92
N VAL L 195 27.46 22.36 9.08
CA VAL L 195 26.32 21.56 9.48
C VAL L 195 26.47 20.07 9.17
N VAL L 196 26.48 19.26 10.23
CA VAL L 196 26.45 17.81 10.09
C VAL L 196 25.56 17.20 11.17
N THR L 197 24.33 16.86 10.80
CA THR L 197 23.34 16.42 11.78
C THR L 197 22.67 15.09 11.45
N ASP L 198 22.09 14.46 12.47
CA ASP L 198 21.25 13.29 12.30
C ASP L 198 19.82 13.74 12.58
N ARG L 199 19.60 15.04 12.49
CA ARG L 199 18.30 15.64 12.81
C ARG L 199 17.64 16.23 11.57
N THR L 200 16.31 16.40 11.64
CA THR L 200 15.56 16.96 10.53
C THR L 200 15.23 18.43 10.77
N ILE L 201 14.70 19.09 9.75
CA ILE L 201 14.35 20.50 9.83
C ILE L 201 13.32 20.76 10.93
N ASP L 202 12.32 19.89 11.03
CA ASP L 202 11.28 20.01 12.05
C ASP L 202 11.88 19.99 13.45
N SER L 203 12.85 19.12 13.66
CA SER L 203 13.53 19.02 14.95
C SER L 203 14.34 20.28 15.24
N HIS L 204 15.06 20.76 14.22
CA HIS L 204 15.90 21.93 14.38
C HIS L 204 15.10 23.20 14.64
N ILE L 205 14.03 23.38 13.88
CA ILE L 205 13.14 24.53 14.07
C ILE L 205 12.48 24.47 15.45
N LYS L 206 12.08 23.27 15.87
CA LYS L 206 11.53 23.08 17.21
C LYS L 206 12.54 23.45 18.29
N ASN L 207 13.81 23.16 18.04
CA ASN L 207 14.86 23.48 19.00
C ASN L 207 15.11 24.97 19.10
N LEU L 208 15.34 25.61 17.96
CA LEU L 208 15.63 27.03 17.88
C LEU L 208 14.53 27.87 18.54
N ARG L 209 13.28 27.48 18.30
CA ARG L 209 12.14 28.18 18.88
C ARG L 209 12.08 27.97 20.39
N ARG L 210 12.48 26.79 20.84
CA ARG L 210 12.46 26.45 22.26
C ARG L 210 13.55 27.22 23.01
N LYS L 211 14.59 27.61 22.29
CA LYS L 211 15.70 28.37 22.87
C LYS L 211 15.35 29.86 22.95
N LEU L 212 14.69 30.35 21.91
CA LEU L 212 14.31 31.76 21.86
C LEU L 212 13.21 32.07 22.88
N GLU L 213 12.30 31.13 23.05
CA GLU L 213 11.22 31.27 24.03
C GLU L 213 11.74 31.08 25.45
N SER L 214 12.91 30.46 25.58
CA SER L 214 13.57 30.31 26.87
C SER L 214 14.01 31.67 27.41
N LEU L 215 14.36 32.57 26.51
CA LEU L 215 14.77 33.92 26.90
C LEU L 215 13.55 34.80 27.17
N ASP L 216 12.77 35.04 26.12
CA ASP L 216 11.56 35.85 26.24
C ASP L 216 10.36 35.15 25.63
N ALA L 217 9.45 34.72 26.51
CA ALA L 217 8.19 34.14 26.06
C ALA L 217 7.23 35.24 25.64
N GLU L 218 6.04 34.85 25.20
CA GLU L 218 5.01 35.80 24.76
C GLU L 218 5.46 36.65 23.57
N GLN L 219 6.40 36.13 22.79
CA GLN L 219 6.83 36.76 21.56
C GLN L 219 7.02 35.67 20.51
N SER L 220 6.18 35.68 19.47
CA SER L 220 6.21 34.66 18.44
C SER L 220 7.45 34.75 17.58
N PHE L 221 8.19 33.65 17.47
CA PHE L 221 9.42 33.63 16.69
C PHE L 221 9.24 32.93 15.35
N ILE L 222 8.90 31.64 15.38
CA ILE L 222 8.75 30.85 14.16
C ILE L 222 7.36 30.18 14.11
N ARG L 223 6.77 30.16 12.92
CA ARG L 223 5.50 29.49 12.72
C ARG L 223 5.63 28.41 11.63
N ALA L 224 5.12 27.22 11.93
CA ALA L 224 5.27 26.08 11.02
C ALA L 224 3.93 25.68 10.40
N VAL L 225 3.86 25.74 9.08
CA VAL L 225 2.66 25.35 8.35
C VAL L 225 2.98 24.23 7.37
N TYR L 226 2.54 23.01 7.71
CA TYR L 226 2.87 21.80 6.95
C TYR L 226 2.52 21.91 5.47
N GLY L 227 3.47 21.53 4.62
CA GLY L 227 3.25 21.55 3.19
C GLY L 227 3.41 22.93 2.57
N VAL L 228 3.63 23.93 3.43
CA VAL L 228 3.82 25.30 2.97
C VAL L 228 5.20 25.83 3.34
N GLY L 229 5.57 25.67 4.60
CA GLY L 229 6.90 26.07 5.05
C GLY L 229 6.93 26.80 6.38
N TYR L 230 8.10 27.34 6.72
CA TYR L 230 8.29 28.06 7.97
C TYR L 230 8.36 29.56 7.72
N ARG L 231 8.02 30.34 8.74
CA ARG L 231 8.00 31.80 8.61
C ARG L 231 8.46 32.49 9.89
N TRP L 232 9.37 33.44 9.75
CA TRP L 232 9.88 34.20 10.89
C TRP L 232 8.95 35.38 11.19
N GLU L 233 8.46 35.45 12.43
CA GLU L 233 7.46 36.44 12.80
C GLU L 233 7.98 37.51 13.75
N ALA L 234 9.29 37.72 13.77
CA ALA L 234 9.87 38.72 14.66
C ALA L 234 10.63 39.80 13.88
N ASP L 235 11.37 40.62 14.61
CA ASP L 235 12.16 41.68 13.99
C ASP L 235 13.31 41.08 13.17
N ALA L 236 13.76 41.82 12.17
CA ALA L 236 14.87 41.37 11.33
C ALA L 236 16.16 41.27 12.11
N CYS L 237 17.16 40.64 11.50
CA CYS L 237 18.46 40.48 12.15
C CYS L 237 19.39 41.65 11.84
N ARG L 238 20.27 41.96 12.79
CA ARG L 238 21.31 42.96 12.57
C ARG L 238 22.63 42.25 12.30
N ILE L 239 23.04 42.23 11.04
CA ILE L 239 24.21 41.47 10.62
C ILE L 239 25.52 42.10 11.09
N VAL L 240 26.37 41.27 11.71
CA VAL L 240 27.66 41.71 12.25
C VAL L 240 27.51 42.85 13.24
#